data_1TEZ
#
_entry.id   1TEZ
#
_cell.length_a   173.815
_cell.length_b   88.505
_cell.length_c   161.622
_cell.angle_alpha   90.00
_cell.angle_beta   90.11
_cell.angle_gamma   90.00
#
_symmetry.space_group_name_H-M   'C 1 2 1'
#
loop_
_entity.id
_entity.type
_entity.pdbx_description
1 polymer "5'-D(*AP*TP*CP*GP*GP*CP*T*(TCP)P*CP*GP*C)-3'"
2 polymer "5'-D(P*CP*GP*AP*AP*GP*CP*CP*GP*A)-3'"
3 polymer "5'-D(*TP*CP*GP*C)-3'"
4 polymer "5'-D(P*GP*CP*CP*GP*A)-3'"
5 polymer 'Deoxyribodipyrimidine photo-lyase type I'
6 non-polymer 'MAGNESIUM ION'
7 non-polymer 'FLAVIN-ADENINE DINUCLEOTIDE'
8 non-polymer 8-HYDROXY-10-(D-RIBO-2,3,4,5-TETRAHYDROXYPENTYL)-5-DEAZAISOALLOXAZINE
9 water water
#
loop_
_entity_poly.entity_id
_entity_poly.type
_entity_poly.pdbx_seq_one_letter_code
_entity_poly.pdbx_strand_id
1 'polydeoxyribonucleotide' (DA)(DT)(DC)(DG)(DG)(DC)(DT)(TCP)(DC)(DG)(DC) I,K
2 'polydeoxyribonucleotide' (DC)(DG)(DA)(DA)(DG)(DC)(DC)(DG)(DA) J,L
3 'polydeoxyribonucleotide' (DT)(DC)(DG)(DC) M,O
4 'polydeoxyribonucleotide' (DG)(DC)(DC)(DG)(DA) N,P
5 'polypeptide(L)'
;AAPILFWHRRDLRLSDNIGLAAARAQSAQLIGLFCLDPQILQSADMAPARVAYLQGCLQELQQRYQQAGSRLLLLQGDPQ
HLIPQLAQQLQAEAVYWNQDIEPYGRDRDGQVAAALKTAGIRAVQLWDQLLHSPDQILSGSGNPYSVYGPFWKNWQAQPK
PTPVATPTELVDLSPEQLTAIAPLLLSELPTLKQLGFDWDGGFPVEPGETAAIARLQEFCDRAIADYDPQRNFPAEAGTS
GLSPALKFGAIGIRQAWQAASAAHALSRSDEARNSIRVWQQELAWREFYQHALYHFPSLADGPYRSLWQQFPWENREALF
TAWTQAQTGYPIVDAAMRQLTETGWMHNRCRMIVASFLTKDLIIDWRRGEQFFMQHLVDGDLAANNGGWQWSASSGMDPK
PLRIFNPASQAKKFDATATYIKRWLPELRHVHPKDLISGEITPIERRGYPAPIVNHNLRQKQFKALYNQLKAAI
;
A,B,C,D
#
# COMPACT_ATOMS: atom_id res chain seq x y z
N ALA I 1 21.39 23.17 15.11
CA ALA I 1 21.68 23.87 16.40
C ALA I 1 20.45 24.60 16.91
N ALA I 2 19.53 24.93 16.01
CA ALA I 2 18.32 25.63 16.37
C ALA I 2 17.13 24.66 16.38
N PRO I 3 16.21 24.84 17.33
CA PRO I 3 15.06 23.94 17.38
C PRO I 3 14.05 24.25 16.28
N ILE I 4 13.24 23.25 15.95
CA ILE I 4 12.20 23.42 14.96
C ILE I 4 10.87 23.32 15.70
N LEU I 5 9.99 24.26 15.44
CA LEU I 5 8.69 24.27 16.10
C LEU I 5 7.62 23.71 15.18
N PHE I 6 6.74 22.87 15.73
CA PHE I 6 5.64 22.37 14.94
C PHE I 6 4.38 22.92 15.59
N TRP I 7 3.62 23.68 14.82
CA TRP I 7 2.42 24.31 15.32
C TRP I 7 1.18 23.48 15.01
N HIS I 8 0.61 22.90 16.06
CA HIS I 8 -0.61 22.10 15.95
C HIS I 8 -1.84 23.00 16.05
N ARG I 9 -2.87 22.67 15.28
CA ARG I 9 -4.12 23.42 15.33
C ARG I 9 -5.28 22.42 15.25
N ARG I 10 -5.35 21.65 14.17
CA ARG I 10 -6.42 20.65 14.04
C ARG I 10 -5.85 19.32 13.58
N ASP I 11 -4.68 18.98 14.11
CA ASP I 11 -3.95 17.75 13.79
C ASP I 11 -3.33 17.31 15.12
N LEU I 12 -4.18 17.12 16.11
CA LEU I 12 -3.74 16.78 17.45
C LEU I 12 -3.34 15.33 17.66
N ARG I 13 -2.22 14.97 17.06
CA ARG I 13 -1.68 13.62 17.12
C ARG I 13 -0.23 13.70 16.69
N LEU I 14 0.52 12.63 16.99
CA LEU I 14 1.92 12.54 16.62
C LEU I 14 2.06 11.60 15.43
N SER I 15 1.11 10.66 15.32
CA SER I 15 1.15 9.68 14.23
C SER I 15 0.59 10.20 12.91
N ASP I 16 1.04 9.59 11.81
CA ASP I 16 0.59 9.94 10.46
C ASP I 16 0.30 11.41 10.26
N ASN I 17 1.29 12.25 10.54
CA ASN I 17 1.16 13.70 10.41
C ASN I 17 2.21 14.22 9.43
N ILE I 18 1.76 14.62 8.24
CA ILE I 18 2.66 15.09 7.18
C ILE I 18 3.64 16.17 7.59
N GLY I 19 3.13 17.29 8.08
CA GLY I 19 4.00 18.38 8.48
C GLY I 19 4.94 18.03 9.62
N LEU I 20 4.46 17.19 10.53
CA LEU I 20 5.28 16.80 11.68
C LEU I 20 6.41 15.89 11.22
N ALA I 21 6.10 14.94 10.34
CA ALA I 21 7.11 14.02 9.83
C ALA I 21 8.15 14.81 9.04
N ALA I 22 7.70 15.77 8.25
CA ALA I 22 8.60 16.59 7.46
C ALA I 22 9.54 17.36 8.37
N ALA I 23 9.01 17.90 9.46
CA ALA I 23 9.83 18.64 10.40
C ALA I 23 10.85 17.73 11.07
N ARG I 24 10.41 16.52 11.41
CA ARG I 24 11.31 15.56 12.06
C ARG I 24 12.48 15.20 11.16
N ALA I 25 12.25 15.21 9.85
CA ALA I 25 13.32 14.88 8.90
C ALA I 25 14.38 15.97 8.91
N GLN I 26 14.02 17.14 9.42
CA GLN I 26 14.96 18.27 9.46
C GLN I 26 15.69 18.39 10.80
N SER I 27 15.06 17.93 11.87
CA SER I 27 15.69 18.02 13.19
C SER I 27 15.02 17.15 14.26
N ALA I 28 15.84 16.69 15.20
CA ALA I 28 15.36 15.87 16.30
C ALA I 28 14.85 16.77 17.42
N GLN I 29 15.29 18.03 17.42
CA GLN I 29 14.85 18.97 18.45
C GLN I 29 13.57 19.60 17.92
N LEU I 30 12.54 18.76 17.87
CA LEU I 30 11.22 19.13 17.38
C LEU I 30 10.33 19.38 18.58
N ILE I 31 9.87 20.62 18.70
CA ILE I 31 9.03 21.03 19.81
C ILE I 31 7.62 21.34 19.33
N GLY I 32 6.62 20.74 19.97
CA GLY I 32 5.25 20.98 19.56
C GLY I 32 4.72 22.27 20.18
N LEU I 33 3.73 22.86 19.54
CA LEU I 33 3.15 24.11 20.01
C LEU I 33 1.65 24.18 19.73
N PHE I 34 0.87 24.67 20.69
CA PHE I 34 -0.56 24.87 20.47
C PHE I 34 -0.90 26.23 21.08
N CYS I 35 -1.66 27.04 20.34
CA CYS I 35 -2.02 28.36 20.83
C CYS I 35 -3.54 28.50 21.01
N LEU I 36 -3.97 28.58 22.26
CA LEU I 36 -5.38 28.75 22.60
C LEU I 36 -5.73 30.13 22.07
N ASP I 37 -6.60 30.15 21.07
CA ASP I 37 -6.98 31.34 20.33
C ASP I 37 -8.34 31.94 20.71
N PRO I 38 -8.34 33.12 21.36
CA PRO I 38 -9.58 33.77 21.77
C PRO I 38 -10.56 33.97 20.62
N GLN I 39 -10.05 34.31 19.44
CA GLN I 39 -10.92 34.54 18.28
C GLN I 39 -11.72 33.30 17.93
N ILE I 40 -11.21 32.13 18.30
CA ILE I 40 -11.92 30.89 18.02
C ILE I 40 -12.72 30.46 19.24
N LEU I 41 -12.04 30.37 20.37
CA LEU I 41 -12.66 29.94 21.62
C LEU I 41 -13.83 30.81 22.10
N GLN I 42 -13.79 32.10 21.82
CA GLN I 42 -14.85 32.98 22.26
C GLN I 42 -15.86 33.37 21.18
N SER I 43 -15.83 32.63 20.08
CA SER I 43 -16.74 32.86 18.97
C SER I 43 -18.16 32.52 19.42
N ALA I 44 -19.15 33.12 18.77
CA ALA I 44 -20.53 32.84 19.11
C ALA I 44 -20.88 31.39 18.77
N ASP I 45 -20.20 30.84 17.76
CA ASP I 45 -20.47 29.48 17.33
C ASP I 45 -19.55 28.39 17.90
N MET I 46 -19.35 28.41 19.22
CA MET I 46 -18.51 27.42 19.89
C MET I 46 -19.40 26.50 20.73
N ALA I 47 -19.06 25.23 20.79
CA ALA I 47 -19.82 24.26 21.56
C ALA I 47 -19.01 23.76 22.73
N PRO I 48 -19.63 23.65 23.91
CA PRO I 48 -18.85 23.17 25.05
C PRO I 48 -18.34 21.74 24.82
N ALA I 49 -19.12 20.91 24.15
CA ALA I 49 -18.68 19.54 23.91
C ALA I 49 -17.42 19.55 23.03
N ARG I 50 -17.38 20.48 22.09
CA ARG I 50 -16.24 20.57 21.18
C ARG I 50 -14.99 21.02 21.92
N VAL I 51 -15.13 22.01 22.81
CA VAL I 51 -13.96 22.46 23.56
C VAL I 51 -13.50 21.37 24.52
N ALA I 52 -14.46 20.61 25.06
CA ALA I 52 -14.11 19.53 25.98
C ALA I 52 -13.31 18.47 25.25
N TYR I 53 -13.74 18.17 24.03
CA TYR I 53 -13.04 17.15 23.23
C TYR I 53 -11.63 17.64 22.92
N LEU I 54 -11.53 18.90 22.50
CA LEU I 54 -10.26 19.52 22.20
C LEU I 54 -9.31 19.45 23.40
N GLN I 55 -9.82 19.87 24.55
CA GLN I 55 -9.03 19.88 25.77
C GLN I 55 -8.49 18.48 26.06
N GLY I 56 -9.33 17.48 25.87
CA GLY I 56 -8.92 16.10 26.09
C GLY I 56 -7.83 15.67 25.13
N CYS I 57 -7.95 16.08 23.86
CA CYS I 57 -6.94 15.75 22.86
C CYS I 57 -5.61 16.40 23.22
N LEU I 58 -5.65 17.62 23.74
CA LEU I 58 -4.44 18.33 24.11
C LEU I 58 -3.76 17.67 25.30
N GLN I 59 -4.55 17.15 26.23
CA GLN I 59 -3.97 16.49 27.38
C GLN I 59 -3.13 15.29 26.90
N GLU I 60 -3.68 14.53 25.96
CA GLU I 60 -2.94 13.37 25.46
C GLU I 60 -1.75 13.79 24.61
N LEU I 61 -1.89 14.83 23.81
CA LEU I 61 -0.77 15.28 22.97
C LEU I 61 0.41 15.73 23.84
N GLN I 62 0.12 16.35 24.98
CA GLN I 62 1.20 16.78 25.88
C GLN I 62 1.95 15.53 26.33
N GLN I 63 1.18 14.52 26.75
CA GLN I 63 1.75 13.25 27.19
C GLN I 63 2.57 12.60 26.09
N ARG I 64 2.03 12.58 24.88
CA ARG I 64 2.73 11.98 23.75
C ARG I 64 4.07 12.65 23.46
N TYR I 65 4.11 13.98 23.55
CA TYR I 65 5.36 14.69 23.31
C TYR I 65 6.37 14.38 24.41
N GLN I 66 5.90 14.30 25.64
CA GLN I 66 6.79 14.00 26.76
C GLN I 66 7.47 12.65 26.55
N GLN I 67 6.69 11.65 26.17
CA GLN I 67 7.23 10.32 25.93
C GLN I 67 8.15 10.27 24.72
N ALA I 68 7.87 11.12 23.73
CA ALA I 68 8.68 11.15 22.51
C ALA I 68 10.05 11.77 22.76
N GLY I 69 10.15 12.59 23.80
CA GLY I 69 11.44 13.20 24.09
C GLY I 69 11.46 14.70 24.29
N SER I 70 10.38 15.40 23.90
CA SER I 70 10.37 16.85 24.08
C SER I 70 9.15 17.32 24.85
N ARG I 71 8.38 18.24 24.26
CA ARG I 71 7.21 18.75 24.94
C ARG I 71 6.28 19.52 24.01
N LEU I 72 5.08 19.78 24.50
CA LEU I 72 4.08 20.54 23.75
C LEU I 72 3.98 21.87 24.48
N LEU I 73 4.41 22.95 23.82
CA LEU I 73 4.34 24.27 24.44
C LEU I 73 2.92 24.77 24.28
N LEU I 74 2.40 25.42 25.33
CA LEU I 74 1.05 25.96 25.30
C LEU I 74 1.08 27.47 25.45
N LEU I 75 0.40 28.14 24.52
CA LEU I 75 0.30 29.61 24.52
C LEU I 75 -1.17 29.98 24.52
N GLN I 76 -1.48 31.21 24.90
CA GLN I 76 -2.86 31.65 24.90
C GLN I 76 -2.87 33.09 24.41
N GLY I 77 -3.55 33.33 23.30
CA GLY I 77 -3.61 34.66 22.74
C GLY I 77 -3.59 34.62 21.23
N ASP I 78 -3.31 35.77 20.62
CA ASP I 78 -3.28 35.91 19.17
C ASP I 78 -2.01 35.29 18.59
N PRO I 79 -2.16 34.18 17.84
CA PRO I 79 -0.96 33.55 17.25
C PRO I 79 -0.14 34.44 16.34
N GLN I 80 -0.79 35.41 15.68
CA GLN I 80 -0.07 36.30 14.78
C GLN I 80 1.08 36.99 15.49
N HIS I 81 0.92 37.23 16.78
CA HIS I 81 1.97 37.88 17.55
C HIS I 81 2.74 36.93 18.43
N LEU I 82 2.04 35.97 19.01
CA LEU I 82 2.70 35.04 19.91
C LEU I 82 3.63 34.04 19.22
N ILE I 83 3.21 33.49 18.08
CA ILE I 83 4.03 32.50 17.38
C ILE I 83 5.35 33.11 16.92
N PRO I 84 5.30 34.25 16.20
CA PRO I 84 6.56 34.84 15.75
C PRO I 84 7.46 35.22 16.94
N GLN I 85 6.85 35.73 18.00
CA GLN I 85 7.59 36.11 19.18
C GLN I 85 8.29 34.89 19.78
N LEU I 86 7.56 33.79 19.87
CA LEU I 86 8.11 32.57 20.41
C LEU I 86 9.27 32.06 19.55
N ALA I 87 9.07 32.05 18.24
CA ALA I 87 10.10 31.59 17.32
C ALA I 87 11.37 32.42 17.45
N GLN I 88 11.21 33.72 17.66
CA GLN I 88 12.36 34.61 17.79
C GLN I 88 13.14 34.40 19.09
N GLN I 89 12.46 34.49 20.22
CA GLN I 89 13.13 34.32 21.51
C GLN I 89 13.77 32.95 21.59
N LEU I 90 13.29 32.03 20.77
CA LEU I 90 13.80 30.68 20.75
C LEU I 90 14.84 30.54 19.63
N GLN I 91 14.89 31.53 18.75
CA GLN I 91 15.81 31.52 17.62
C GLN I 91 15.60 30.28 16.77
N ALA I 92 14.34 29.87 16.65
CA ALA I 92 13.98 28.69 15.87
C ALA I 92 14.42 28.86 14.43
N GLU I 93 14.82 27.76 13.81
CA GLU I 93 15.25 27.78 12.42
C GLU I 93 14.03 27.75 11.51
N ALA I 94 12.94 27.15 12.00
CA ALA I 94 11.73 27.06 11.19
C ALA I 94 10.50 26.73 12.02
N VAL I 95 9.35 27.02 11.44
CA VAL I 95 8.07 26.70 12.07
C VAL I 95 7.27 25.96 11.01
N TYR I 96 6.88 24.74 11.33
CA TYR I 96 6.09 23.91 10.43
C TYR I 96 4.66 23.79 10.93
N TRP I 97 3.73 23.62 9.99
CA TRP I 97 2.33 23.41 10.32
C TRP I 97 1.59 22.90 9.10
N ASN I 98 0.40 22.37 9.33
CA ASN I 98 -0.41 21.85 8.24
C ASN I 98 -1.48 22.85 7.85
N GLN I 99 -1.63 23.06 6.55
CA GLN I 99 -2.60 24.00 6.01
C GLN I 99 -4.04 23.63 6.32
N ASP I 100 -4.91 24.64 6.33
CA ASP I 100 -6.33 24.42 6.58
C ASP I 100 -7.11 25.01 5.42
N ILE I 101 -8.42 24.83 5.42
CA ILE I 101 -9.26 25.35 4.34
C ILE I 101 -10.21 26.47 4.77
N GLU I 102 -10.27 26.74 6.07
CA GLU I 102 -11.17 27.78 6.56
C GLU I 102 -10.65 29.19 6.36
N PRO I 103 -11.55 30.14 6.05
CA PRO I 103 -11.16 31.55 5.85
C PRO I 103 -10.32 32.11 6.99
N TYR I 104 -10.78 31.95 8.23
CA TYR I 104 -10.04 32.48 9.38
C TYR I 104 -8.65 31.88 9.45
N GLY I 105 -8.59 30.55 9.44
CA GLY I 105 -7.32 29.86 9.51
C GLY I 105 -6.34 30.22 8.42
N ARG I 106 -6.81 30.35 7.19
CA ARG I 106 -5.91 30.68 6.09
C ARG I 106 -5.40 32.11 6.22
N ASP I 107 -6.27 33.01 6.65
CA ASP I 107 -5.89 34.41 6.84
C ASP I 107 -4.82 34.47 7.92
N ARG I 108 -5.12 33.83 9.04
CA ARG I 108 -4.20 33.76 10.18
C ARG I 108 -2.84 33.23 9.74
N ASP I 109 -2.85 32.12 9.01
CA ASP I 109 -1.60 31.52 8.55
C ASP I 109 -0.81 32.46 7.66
N GLY I 110 -1.51 33.21 6.81
CA GLY I 110 -0.83 34.16 5.95
C GLY I 110 -0.06 35.18 6.78
N GLN I 111 -0.70 35.70 7.82
CA GLN I 111 -0.08 36.68 8.70
C GLN I 111 1.10 36.11 9.47
N VAL I 112 0.95 34.90 9.99
CA VAL I 112 2.02 34.27 10.74
C VAL I 112 3.24 34.02 9.84
N ALA I 113 3.00 33.42 8.68
CA ALA I 113 4.07 33.13 7.74
C ALA I 113 4.81 34.41 7.35
N ALA I 114 4.05 35.46 7.07
CA ALA I 114 4.65 36.73 6.68
C ALA I 114 5.53 37.26 7.81
N ALA I 115 5.00 37.25 9.03
CA ALA I 115 5.75 37.72 10.19
C ALA I 115 7.03 36.91 10.40
N LEU I 116 6.95 35.61 10.17
CA LEU I 116 8.10 34.74 10.34
C LEU I 116 9.15 35.04 9.27
N LYS I 117 8.70 35.19 8.02
CA LYS I 117 9.63 35.46 6.92
C LYS I 117 10.39 36.76 7.19
N THR I 118 9.67 37.74 7.70
CA THR I 118 10.29 39.03 8.01
C THR I 118 11.33 38.87 9.11
N ALA I 119 11.12 37.90 9.99
CA ALA I 119 12.05 37.65 11.08
C ALA I 119 13.18 36.73 10.63
N GLY I 120 13.15 36.34 9.35
CA GLY I 120 14.17 35.46 8.83
C GLY I 120 13.98 34.02 9.24
N ILE I 121 12.76 33.67 9.64
CA ILE I 121 12.45 32.31 10.07
C ILE I 121 11.59 31.63 9.02
N ARG I 122 12.03 30.43 8.63
CA ARG I 122 11.34 29.63 7.62
C ARG I 122 9.97 29.14 8.10
N ALA I 123 8.97 29.27 7.24
CA ALA I 123 7.62 28.82 7.56
C ALA I 123 7.19 27.82 6.49
N VAL I 124 7.01 26.57 6.89
CA VAL I 124 6.62 25.51 5.97
C VAL I 124 5.20 25.04 6.25
N GLN I 125 4.34 25.15 5.24
CA GLN I 125 2.94 24.78 5.36
C GLN I 125 2.61 23.62 4.41
N LEU I 126 2.29 22.47 4.98
CA LEU I 126 1.99 21.30 4.17
C LEU I 126 0.54 20.85 4.29
N TRP I 127 0.08 20.11 3.29
CA TRP I 127 -1.28 19.59 3.29
C TRP I 127 -1.27 18.26 4.03
N ASP I 128 -2.15 18.13 5.00
CA ASP I 128 -2.18 16.90 5.80
C ASP I 128 -3.55 16.31 6.09
N GLN I 129 -4.56 17.17 6.30
CA GLN I 129 -5.89 16.67 6.66
C GLN I 129 -6.72 16.08 5.55
N LEU I 130 -6.19 16.07 4.33
CA LEU I 130 -6.90 15.54 3.18
C LEU I 130 -6.04 14.53 2.44
N LEU I 131 -6.68 13.52 1.87
CA LEU I 131 -5.96 12.51 1.10
C LEU I 131 -5.43 13.20 -0.15
N HIS I 132 -6.20 14.17 -0.66
CA HIS I 132 -5.82 14.92 -1.85
C HIS I 132 -6.10 16.39 -1.60
N SER I 133 -5.10 17.24 -1.81
CA SER I 133 -5.26 18.68 -1.61
C SER I 133 -6.24 19.25 -2.64
N PRO I 134 -6.81 20.43 -2.34
CA PRO I 134 -7.76 21.11 -3.22
C PRO I 134 -7.33 21.29 -4.67
N ASP I 135 -6.08 21.69 -4.88
CA ASP I 135 -5.60 21.92 -6.25
C ASP I 135 -5.23 20.62 -6.96
N GLN I 136 -5.35 19.50 -6.26
CA GLN I 136 -5.03 18.21 -6.82
C GLN I 136 -6.25 17.56 -7.48
N ILE I 137 -7.44 18.05 -7.14
CA ILE I 137 -8.67 17.51 -7.69
C ILE I 137 -9.43 18.59 -8.48
N LEU I 138 -9.26 18.60 -9.79
CA LEU I 138 -9.93 19.58 -10.65
C LEU I 138 -10.56 18.91 -11.87
N SER I 139 -11.58 19.55 -12.43
CA SER I 139 -12.26 19.03 -13.60
C SER I 139 -11.40 19.14 -14.85
N GLY I 140 -11.91 18.62 -15.97
CA GLY I 140 -11.18 18.68 -17.22
C GLY I 140 -10.80 20.09 -17.60
N SER I 141 -11.64 21.05 -17.22
CA SER I 141 -11.38 22.45 -17.53
C SER I 141 -10.44 23.10 -16.52
N GLY I 142 -9.94 22.30 -15.57
CA GLY I 142 -9.04 22.82 -14.56
C GLY I 142 -9.72 23.65 -13.49
N ASN I 143 -11.01 23.41 -13.30
CA ASN I 143 -11.78 24.13 -12.30
C ASN I 143 -12.32 23.21 -11.22
N PRO I 144 -12.67 23.76 -10.06
CA PRO I 144 -13.20 22.94 -8.98
C PRO I 144 -14.55 22.33 -9.35
N TYR I 145 -14.89 21.21 -8.72
CA TYR I 145 -16.15 20.54 -8.97
C TYR I 145 -17.25 21.12 -8.10
N SER I 146 -18.48 21.15 -8.62
CA SER I 146 -19.62 21.65 -7.86
C SER I 146 -20.60 20.49 -7.70
N VAL I 147 -20.30 19.39 -8.39
CA VAL I 147 -21.14 18.20 -8.32
C VAL I 147 -20.29 17.07 -7.74
N TYR I 148 -20.84 16.36 -6.75
CA TYR I 148 -20.12 15.28 -6.10
C TYR I 148 -19.77 14.09 -6.98
N GLY I 149 -20.75 13.60 -7.73
CA GLY I 149 -20.52 12.45 -8.60
C GLY I 149 -19.20 12.50 -9.34
N PRO I 150 -18.99 13.51 -10.18
CA PRO I 150 -17.76 13.69 -10.96
C PRO I 150 -16.53 13.83 -10.06
N PHE I 151 -16.70 14.55 -8.96
CA PHE I 151 -15.59 14.75 -8.02
C PHE I 151 -15.14 13.39 -7.50
N TRP I 152 -16.10 12.57 -7.12
CA TRP I 152 -15.81 11.24 -6.61
C TRP I 152 -15.09 10.37 -7.65
N LYS I 153 -15.55 10.42 -8.90
CA LYS I 153 -14.93 9.64 -9.97
C LYS I 153 -13.45 9.95 -10.07
N ASN I 154 -13.14 11.25 -10.04
CA ASN I 154 -11.77 11.73 -10.11
C ASN I 154 -11.02 11.31 -8.85
N TRP I 155 -11.54 11.75 -7.71
CA TRP I 155 -10.96 11.49 -6.40
C TRP I 155 -10.62 10.02 -6.14
N GLN I 156 -11.58 9.13 -6.38
CA GLN I 156 -11.36 7.72 -6.12
C GLN I 156 -10.28 7.08 -7.00
N ALA I 157 -10.11 7.60 -8.21
CA ALA I 157 -9.11 7.06 -9.14
C ALA I 157 -7.68 7.49 -8.82
N GLN I 158 -7.55 8.59 -8.08
CA GLN I 158 -6.23 9.09 -7.72
C GLN I 158 -5.50 8.13 -6.81
N PRO I 159 -4.17 7.98 -7.01
CA PRO I 159 -3.41 7.08 -6.15
C PRO I 159 -3.44 7.60 -4.71
N LYS I 160 -3.69 6.71 -3.75
CA LYS I 160 -3.80 7.09 -2.36
C LYS I 160 -2.49 7.12 -1.57
N PRO I 161 -2.20 8.25 -0.92
CA PRO I 161 -0.96 8.35 -0.15
C PRO I 161 -1.00 7.43 1.07
N THR I 162 0.14 6.91 1.46
CA THR I 162 0.22 6.02 2.59
C THR I 162 0.60 6.77 3.87
N PRO I 163 0.27 6.22 5.05
CA PRO I 163 0.59 6.86 6.33
C PRO I 163 2.07 7.13 6.51
N VAL I 164 2.40 8.29 7.09
CA VAL I 164 3.80 8.63 7.32
C VAL I 164 4.21 8.23 8.73
N ALA I 165 5.52 8.24 8.97
CA ALA I 165 6.07 7.82 10.26
C ALA I 165 5.86 8.76 11.44
N THR I 166 5.70 8.15 12.61
CA THR I 166 5.53 8.88 13.86
C THR I 166 6.92 9.30 14.31
N PRO I 167 7.10 10.58 14.66
CA PRO I 167 8.43 11.04 15.10
C PRO I 167 8.85 10.43 16.43
N THR I 168 10.13 10.05 16.53
CA THR I 168 10.65 9.46 17.75
C THR I 168 12.01 10.04 18.11
N GLU I 169 12.49 9.70 19.30
CA GLU I 169 13.79 10.15 19.80
C GLU I 169 13.98 11.64 19.64
N LEU I 170 13.07 12.42 20.22
CA LEU I 170 13.14 13.86 20.14
C LEU I 170 14.08 14.45 21.18
N VAL I 171 14.57 15.65 20.91
CA VAL I 171 15.47 16.34 21.81
C VAL I 171 14.69 17.53 22.40
N ASP I 172 14.64 17.59 23.72
CA ASP I 172 13.91 18.64 24.43
C ASP I 172 14.68 19.96 24.44
N LEU I 173 13.98 21.02 24.82
CA LEU I 173 14.63 22.33 24.91
C LEU I 173 15.47 22.33 26.17
N SER I 174 16.52 23.13 26.19
CA SER I 174 17.39 23.21 27.35
C SER I 174 16.74 24.06 28.41
N PRO I 175 17.21 23.94 29.67
CA PRO I 175 16.63 24.74 30.74
C PRO I 175 16.78 26.24 30.44
N GLU I 176 17.87 26.61 29.78
CA GLU I 176 18.09 28.01 29.43
C GLU I 176 17.06 28.47 28.41
N GLN I 177 16.82 27.64 27.40
CA GLN I 177 15.85 27.99 26.36
C GLN I 177 14.46 28.14 26.97
N LEU I 178 14.12 27.25 27.90
CA LEU I 178 12.81 27.32 28.54
C LEU I 178 12.69 28.61 29.32
N THR I 179 13.80 29.06 29.90
CA THR I 179 13.81 30.29 30.66
C THR I 179 13.60 31.49 29.74
N ALA I 180 14.20 31.43 28.57
CA ALA I 180 14.10 32.51 27.59
C ALA I 180 12.69 32.72 27.05
N ILE I 181 11.87 31.67 27.04
CA ILE I 181 10.51 31.78 26.52
C ILE I 181 9.43 31.69 27.58
N ALA I 182 9.82 31.45 28.82
CA ALA I 182 8.87 31.31 29.93
C ALA I 182 7.72 32.34 29.91
N PRO I 183 8.04 33.62 29.75
CA PRO I 183 7.02 34.69 29.73
C PRO I 183 5.88 34.48 28.73
N LEU I 184 6.16 33.77 27.64
CA LEU I 184 5.17 33.54 26.60
C LEU I 184 4.33 32.28 26.80
N LEU I 185 4.75 31.43 27.73
CA LEU I 185 4.06 30.17 27.95
C LEU I 185 3.07 30.08 29.09
N LEU I 186 2.13 29.15 28.92
CA LEU I 186 1.14 28.85 29.93
C LEU I 186 1.85 27.78 30.75
N SER I 187 1.78 27.85 32.08
CA SER I 187 2.46 26.87 32.91
C SER I 187 1.82 25.50 32.82
N GLU I 188 0.52 25.46 32.59
CA GLU I 188 -0.19 24.21 32.47
C GLU I 188 -1.40 24.34 31.56
N LEU I 189 -1.91 23.20 31.10
CA LEU I 189 -3.08 23.19 30.25
C LEU I 189 -4.25 23.56 31.13
N PRO I 190 -4.99 24.61 30.77
CA PRO I 190 -6.13 24.98 31.61
C PRO I 190 -7.24 23.93 31.59
N THR I 191 -8.02 23.89 32.68
CA THR I 191 -9.11 22.94 32.76
C THR I 191 -10.22 23.46 31.86
N LEU I 192 -11.22 22.64 31.59
CA LEU I 192 -12.33 23.06 30.75
C LEU I 192 -13.01 24.26 31.38
N LYS I 193 -13.16 24.22 32.70
CA LYS I 193 -13.80 25.30 33.42
C LYS I 193 -13.00 26.59 33.23
N GLN I 194 -11.69 26.49 33.36
CA GLN I 194 -10.83 27.65 33.20
C GLN I 194 -10.91 28.23 31.78
N LEU I 195 -11.32 27.40 30.82
CA LEU I 195 -11.46 27.87 29.45
C LEU I 195 -12.84 28.52 29.29
N GLY I 196 -13.67 28.39 30.32
CA GLY I 196 -14.99 28.98 30.30
C GLY I 196 -16.11 28.09 29.82
N PHE I 197 -15.96 26.78 30.01
CA PHE I 197 -16.96 25.83 29.56
C PHE I 197 -17.19 24.71 30.57
N ASP I 198 -18.33 24.04 30.43
CA ASP I 198 -18.67 22.91 31.28
C ASP I 198 -19.31 21.86 30.37
N TRP I 199 -18.96 20.60 30.57
CA TRP I 199 -19.51 19.54 29.75
C TRP I 199 -19.41 18.20 30.44
N ASP I 200 -20.53 17.48 30.49
CA ASP I 200 -20.53 16.16 31.12
C ASP I 200 -21.46 15.27 30.30
N GLY I 201 -21.65 15.64 29.04
CA GLY I 201 -22.52 14.89 28.16
C GLY I 201 -21.87 13.73 27.42
N GLY I 202 -20.56 13.53 27.62
CA GLY I 202 -19.90 12.43 26.96
C GLY I 202 -19.48 12.74 25.52
N PHE I 203 -18.98 11.72 24.83
CA PHE I 203 -18.48 11.88 23.46
C PHE I 203 -18.77 10.63 22.62
N PRO I 204 -18.77 10.78 21.28
CA PRO I 204 -19.03 9.62 20.40
C PRO I 204 -17.81 8.68 20.40
N VAL I 205 -16.65 9.25 20.72
CA VAL I 205 -15.39 8.52 20.85
C VAL I 205 -14.62 9.33 21.89
N GLU I 206 -13.91 8.67 22.80
CA GLU I 206 -13.18 9.41 23.83
C GLU I 206 -12.12 10.29 23.18
N PRO I 207 -11.81 11.44 23.81
CA PRO I 207 -10.80 12.33 23.24
C PRO I 207 -9.41 11.70 23.11
N GLY I 208 -8.63 12.22 22.17
CA GLY I 208 -7.28 11.74 22.02
C GLY I 208 -6.96 10.77 20.90
N GLU I 209 -5.69 10.78 20.54
CA GLU I 209 -5.15 9.95 19.48
C GLU I 209 -5.33 8.45 19.75
N THR I 210 -5.02 8.02 20.96
CA THR I 210 -5.12 6.61 21.30
C THR I 210 -6.52 6.04 21.12
N ALA I 211 -7.53 6.74 21.64
CA ALA I 211 -8.90 6.29 21.51
C ALA I 211 -9.39 6.36 20.06
N ALA I 212 -8.88 7.32 19.30
CA ALA I 212 -9.30 7.44 17.90
C ALA I 212 -8.80 6.23 17.12
N ILE I 213 -7.54 5.86 17.31
CA ILE I 213 -6.96 4.72 16.63
C ILE I 213 -7.70 3.44 17.05
N ALA I 214 -8.02 3.33 18.34
CA ALA I 214 -8.73 2.17 18.84
C ALA I 214 -10.09 2.03 18.17
N ARG I 215 -10.82 3.14 18.05
CA ARG I 215 -12.13 3.13 17.42
C ARG I 215 -12.01 2.73 15.95
N LEU I 216 -11.03 3.31 15.26
CA LEU I 216 -10.82 3.00 13.85
C LEU I 216 -10.63 1.49 13.67
N GLN I 217 -9.77 0.91 14.48
CA GLN I 217 -9.48 -0.51 14.41
C GLN I 217 -10.72 -1.37 14.68
N GLU I 218 -11.45 -1.01 15.72
CA GLU I 218 -12.64 -1.75 16.07
C GLU I 218 -13.71 -1.64 15.00
N PHE I 219 -13.89 -0.44 14.45
CA PHE I 219 -14.87 -0.22 13.42
C PHE I 219 -14.54 -1.03 12.16
N CYS I 220 -13.29 -0.96 11.75
CA CYS I 220 -12.86 -1.64 10.54
C CYS I 220 -12.80 -3.15 10.66
N ASP I 221 -12.77 -3.64 11.88
CA ASP I 221 -12.68 -5.08 12.08
C ASP I 221 -14.07 -5.72 12.16
N ARG I 222 -15.12 -4.91 12.29
CA ARG I 222 -16.47 -5.46 12.37
C ARG I 222 -17.59 -4.64 11.71
N ALA I 223 -18.04 -3.62 12.41
CA ALA I 223 -19.14 -2.78 11.93
C ALA I 223 -19.05 -2.19 10.52
N ILE I 224 -17.85 -1.91 10.03
CA ILE I 224 -17.75 -1.33 8.71
C ILE I 224 -18.35 -2.25 7.65
N ALA I 225 -18.28 -3.56 7.89
CA ALA I 225 -18.80 -4.54 6.95
C ALA I 225 -20.32 -4.40 6.74
N ASP I 226 -21.01 -3.84 7.73
CA ASP I 226 -22.46 -3.66 7.63
C ASP I 226 -22.87 -2.21 7.42
N TYR I 227 -21.90 -1.32 7.27
CA TYR I 227 -22.18 0.10 7.10
C TYR I 227 -23.35 0.36 6.17
N ASP I 228 -23.42 -0.37 5.07
CA ASP I 228 -24.55 -0.22 4.17
C ASP I 228 -25.31 -1.52 4.39
N PRO I 229 -26.58 -1.42 4.84
CA PRO I 229 -27.35 -0.22 5.15
C PRO I 229 -27.43 0.25 6.60
N GLN I 230 -26.70 -0.37 7.52
CA GLN I 230 -26.80 0.02 8.92
C GLN I 230 -26.56 1.51 9.19
N ARG I 231 -25.88 2.19 8.27
CA ARG I 231 -25.59 3.61 8.46
C ARG I 231 -26.84 4.48 8.48
N ASN I 232 -27.94 3.98 7.92
CA ASN I 232 -29.19 4.73 7.85
C ASN I 232 -30.08 4.72 9.09
N PHE I 233 -29.83 3.83 10.02
CA PHE I 233 -30.67 3.69 11.21
C PHE I 233 -30.09 4.32 12.48
N PRO I 234 -30.63 5.48 12.89
CA PRO I 234 -30.13 6.16 14.09
C PRO I 234 -30.18 5.37 15.40
N ALA I 235 -31.06 4.38 15.49
CA ALA I 235 -31.14 3.58 16.72
C ALA I 235 -29.94 2.63 16.80
N GLU I 236 -29.33 2.36 15.66
CA GLU I 236 -28.18 1.46 15.61
C GLU I 236 -26.86 2.22 15.67
N ALA I 237 -25.84 1.59 16.26
CA ALA I 237 -24.52 2.19 16.31
C ALA I 237 -23.83 1.69 15.04
N GLY I 238 -24.38 2.08 13.89
CA GLY I 238 -23.83 1.63 12.63
C GLY I 238 -22.73 2.48 12.02
N THR I 239 -22.45 3.66 12.58
CA THR I 239 -21.41 4.51 12.03
C THR I 239 -20.16 4.49 12.91
N SER I 240 -19.08 5.13 12.46
CA SER I 240 -17.83 5.09 13.21
C SER I 240 -17.72 5.93 14.46
N GLY I 241 -18.43 7.04 14.49
CA GLY I 241 -18.36 7.91 15.66
C GLY I 241 -17.01 8.64 15.68
N LEU I 242 -16.30 8.63 14.56
CA LEU I 242 -14.99 9.28 14.48
C LEU I 242 -15.00 10.76 14.11
N SER I 243 -16.17 11.33 13.83
CA SER I 243 -16.21 12.73 13.40
C SER I 243 -15.38 13.75 14.18
N PRO I 244 -15.41 13.74 15.53
CA PRO I 244 -14.58 14.75 16.20
C PRO I 244 -13.08 14.45 16.07
N ALA I 245 -12.75 13.17 15.92
CA ALA I 245 -11.36 12.76 15.75
C ALA I 245 -10.85 13.21 14.38
N LEU I 246 -11.73 13.21 13.39
CA LEU I 246 -11.29 13.64 12.06
C LEU I 246 -11.28 15.16 12.01
N LYS I 247 -12.19 15.79 12.73
CA LYS I 247 -12.23 17.25 12.73
C LYS I 247 -10.95 17.82 13.35
N PHE I 248 -10.57 17.29 14.50
CA PHE I 248 -9.37 17.74 15.21
C PHE I 248 -8.09 16.97 14.86
N GLY I 249 -8.19 16.04 13.92
CA GLY I 249 -7.01 15.29 13.54
C GLY I 249 -6.40 14.42 14.63
N ALA I 250 -7.26 13.80 15.46
CA ALA I 250 -6.76 12.90 16.49
C ALA I 250 -6.33 11.62 15.76
N ILE I 251 -6.83 11.48 14.53
CA ILE I 251 -6.47 10.33 13.68
C ILE I 251 -6.09 10.88 12.31
N GLY I 252 -5.05 10.30 11.71
CA GLY I 252 -4.60 10.74 10.39
C GLY I 252 -5.49 10.17 9.29
N ILE I 253 -5.78 10.98 8.28
CA ILE I 253 -6.65 10.56 7.20
C ILE I 253 -6.07 9.41 6.38
N ARG I 254 -4.74 9.33 6.28
CA ARG I 254 -4.13 8.24 5.52
C ARG I 254 -4.27 6.95 6.32
N GLN I 255 -4.16 7.03 7.65
CA GLN I 255 -4.30 5.84 8.47
C GLN I 255 -5.74 5.35 8.40
N ALA I 256 -6.70 6.28 8.37
CA ALA I 256 -8.11 5.92 8.29
C ALA I 256 -8.38 5.23 6.95
N TRP I 257 -7.83 5.80 5.88
CA TRP I 257 -8.04 5.22 4.56
C TRP I 257 -7.41 3.83 4.49
N GLN I 258 -6.20 3.71 5.03
CA GLN I 258 -5.49 2.44 5.03
C GLN I 258 -6.28 1.35 5.74
N ALA I 259 -6.88 1.71 6.88
CA ALA I 259 -7.66 0.76 7.66
C ALA I 259 -8.90 0.29 6.92
N ALA I 260 -9.56 1.21 6.22
CA ALA I 260 -10.75 0.86 5.47
C ALA I 260 -10.32 -0.01 4.27
N SER I 261 -9.23 0.40 3.62
CA SER I 261 -8.72 -0.37 2.47
C SER I 261 -8.36 -1.78 2.89
N ALA I 262 -7.77 -1.90 4.07
CA ALA I 262 -7.37 -3.20 4.60
C ALA I 262 -8.59 -4.10 4.80
N ALA I 263 -9.64 -3.54 5.40
CA ALA I 263 -10.85 -4.29 5.62
C ALA I 263 -11.43 -4.76 4.29
N HIS I 264 -11.35 -3.90 3.28
CA HIS I 264 -11.85 -4.24 1.96
C HIS I 264 -11.07 -5.41 1.35
N ALA I 265 -9.75 -5.37 1.51
CA ALA I 265 -8.89 -6.43 0.98
C ALA I 265 -9.12 -7.78 1.65
N LEU I 266 -9.50 -7.76 2.92
CA LEU I 266 -9.72 -9.01 3.64
C LEU I 266 -11.19 -9.41 3.68
N SER I 267 -12.04 -8.62 3.02
CA SER I 267 -13.48 -8.91 3.00
C SER I 267 -13.76 -10.18 2.19
N ARG I 268 -14.79 -10.91 2.58
CA ARG I 268 -15.13 -12.15 1.88
C ARG I 268 -16.50 -12.14 1.24
N SER I 269 -17.11 -10.97 1.10
CA SER I 269 -18.42 -10.89 0.49
C SER I 269 -18.59 -9.56 -0.24
N ASP I 270 -19.44 -9.58 -1.27
CA ASP I 270 -19.70 -8.38 -2.04
C ASP I 270 -20.43 -7.34 -1.20
N GLU I 271 -21.21 -7.81 -0.23
CA GLU I 271 -21.96 -6.92 0.65
C GLU I 271 -20.99 -6.13 1.52
N ALA I 272 -20.04 -6.84 2.12
CA ALA I 272 -19.04 -6.22 2.97
C ALA I 272 -18.23 -5.22 2.13
N ARG I 273 -17.79 -5.66 0.95
CA ARG I 273 -17.01 -4.77 0.09
C ARG I 273 -17.81 -3.52 -0.25
N ASN I 274 -19.10 -3.68 -0.50
CA ASN I 274 -19.93 -2.53 -0.83
C ASN I 274 -20.02 -1.57 0.36
N SER I 275 -20.19 -2.13 1.55
CA SER I 275 -20.30 -1.31 2.76
C SER I 275 -19.04 -0.50 2.98
N ILE I 276 -17.89 -1.14 2.83
CA ILE I 276 -16.62 -0.47 3.04
C ILE I 276 -16.42 0.64 2.01
N ARG I 277 -16.86 0.39 0.78
CA ARG I 277 -16.73 1.36 -0.29
C ARG I 277 -17.62 2.57 0.00
N VAL I 278 -18.79 2.30 0.58
CA VAL I 278 -19.70 3.38 0.93
C VAL I 278 -19.09 4.27 2.02
N TRP I 279 -18.41 3.65 2.97
CA TRP I 279 -17.77 4.42 4.05
C TRP I 279 -16.66 5.28 3.44
N GLN I 280 -15.92 4.73 2.48
CA GLN I 280 -14.86 5.48 1.83
C GLN I 280 -15.45 6.67 1.09
N GLN I 281 -16.65 6.52 0.56
CA GLN I 281 -17.27 7.63 -0.15
C GLN I 281 -17.61 8.75 0.85
N GLU I 282 -17.86 8.39 2.11
CA GLU I 282 -18.16 9.41 3.11
C GLU I 282 -16.89 10.23 3.35
N LEU I 283 -15.75 9.56 3.32
CA LEU I 283 -14.49 10.27 3.51
C LEU I 283 -14.30 11.23 2.34
N ALA I 284 -14.77 10.83 1.15
CA ALA I 284 -14.68 11.68 -0.02
C ALA I 284 -15.65 12.87 0.10
N TRP I 285 -16.79 12.64 0.76
CA TRP I 285 -17.75 13.74 0.93
C TRP I 285 -17.12 14.79 1.81
N ARG I 286 -16.36 14.32 2.81
CA ARG I 286 -15.66 15.23 3.71
C ARG I 286 -14.69 16.08 2.90
N GLU I 287 -13.96 15.46 1.97
CA GLU I 287 -13.00 16.21 1.17
C GLU I 287 -13.71 17.13 0.18
N PHE I 288 -14.86 16.70 -0.31
CA PHE I 288 -15.63 17.50 -1.26
C PHE I 288 -16.00 18.84 -0.63
N TYR I 289 -16.53 18.79 0.58
CA TYR I 289 -16.93 20.01 1.26
C TYR I 289 -15.75 20.87 1.68
N GLN I 290 -14.65 20.22 2.08
CA GLN I 290 -13.49 21.00 2.48
C GLN I 290 -12.90 21.67 1.25
N HIS I 291 -12.83 20.93 0.15
CA HIS I 291 -12.32 21.52 -1.08
C HIS I 291 -13.20 22.69 -1.52
N ALA I 292 -14.51 22.50 -1.40
CA ALA I 292 -15.45 23.55 -1.80
C ALA I 292 -15.23 24.84 -1.03
N LEU I 293 -15.05 24.71 0.28
CA LEU I 293 -14.85 25.88 1.12
C LEU I 293 -13.52 26.56 0.77
N TYR I 294 -12.53 25.76 0.41
CA TYR I 294 -11.22 26.28 0.04
C TYR I 294 -11.34 27.09 -1.25
N HIS I 295 -11.98 26.51 -2.24
CA HIS I 295 -12.15 27.16 -3.54
C HIS I 295 -13.16 28.31 -3.52
N PHE I 296 -14.17 28.19 -2.68
CA PHE I 296 -15.23 29.21 -2.59
C PHE I 296 -15.47 29.63 -1.15
N PRO I 297 -14.54 30.39 -0.56
CA PRO I 297 -14.70 30.83 0.83
C PRO I 297 -16.00 31.56 1.15
N SER I 298 -16.63 32.15 0.14
CA SER I 298 -17.88 32.87 0.36
C SER I 298 -19.01 31.95 0.79
N LEU I 299 -18.85 30.64 0.59
CA LEU I 299 -19.87 29.68 1.01
C LEU I 299 -20.18 29.86 2.49
N ALA I 300 -19.15 30.19 3.26
CA ALA I 300 -19.32 30.38 4.70
C ALA I 300 -20.26 31.52 5.06
N ASP I 301 -20.41 32.48 4.15
CA ASP I 301 -21.26 33.64 4.41
C ASP I 301 -22.74 33.40 4.13
N GLY I 302 -23.04 32.33 3.42
CA GLY I 302 -24.43 32.02 3.13
C GLY I 302 -24.65 31.52 1.72
N PRO I 303 -25.91 31.55 1.24
CA PRO I 303 -26.30 31.10 -0.10
C PRO I 303 -25.43 31.70 -1.20
N TYR I 304 -24.90 30.84 -2.06
CA TYR I 304 -24.07 31.28 -3.17
C TYR I 304 -24.97 31.74 -4.28
N ARG I 305 -26.02 30.97 -4.53
CA ARG I 305 -26.99 31.27 -5.57
C ARG I 305 -27.85 32.48 -5.25
N SER I 306 -28.00 33.36 -6.24
CA SER I 306 -28.79 34.58 -6.08
C SER I 306 -30.23 34.31 -5.64
N LEU I 307 -30.80 33.19 -6.08
CA LEU I 307 -32.16 32.87 -5.72
C LEU I 307 -32.33 32.71 -4.21
N TRP I 308 -31.47 31.88 -3.61
CA TRP I 308 -31.54 31.65 -2.17
C TRP I 308 -31.08 32.83 -1.34
N GLN I 309 -30.35 33.74 -1.96
CA GLN I 309 -29.89 34.93 -1.25
C GLN I 309 -31.08 35.85 -1.04
N GLN I 310 -32.14 35.61 -1.80
CA GLN I 310 -33.34 36.44 -1.72
C GLN I 310 -34.56 35.72 -1.13
N PHE I 311 -34.43 34.42 -0.85
CA PHE I 311 -35.55 33.67 -0.32
C PHE I 311 -36.19 34.35 0.90
N PRO I 312 -37.52 34.57 0.85
CA PRO I 312 -38.25 35.21 1.94
C PRO I 312 -38.53 34.31 3.13
N TRP I 313 -37.51 34.06 3.96
CA TRP I 313 -37.69 33.21 5.12
C TRP I 313 -38.70 33.83 6.07
N GLU I 314 -39.58 32.99 6.62
CA GLU I 314 -40.60 33.48 7.53
C GLU I 314 -39.96 33.94 8.84
N ASN I 315 -39.01 33.15 9.33
CA ASN I 315 -38.28 33.46 10.55
C ASN I 315 -39.10 33.75 11.80
N ARG I 316 -40.10 32.92 12.08
CA ARG I 316 -40.90 33.10 13.29
C ARG I 316 -40.06 32.59 14.46
N GLU I 317 -39.62 33.51 15.30
CA GLU I 317 -38.78 33.17 16.44
C GLU I 317 -39.35 32.07 17.32
N ALA I 318 -40.67 32.06 17.49
CA ALA I 318 -41.31 31.05 18.33
C ALA I 318 -41.07 29.66 17.77
N LEU I 319 -41.08 29.53 16.45
CA LEU I 319 -40.86 28.24 15.82
C LEU I 319 -39.40 27.80 15.97
N PHE I 320 -38.48 28.75 15.86
CA PHE I 320 -37.07 28.41 16.01
C PHE I 320 -36.79 27.95 17.44
N THR I 321 -37.34 28.68 18.41
CA THR I 321 -37.17 28.31 19.81
C THR I 321 -37.66 26.89 20.06
N ALA I 322 -38.82 26.56 19.50
CA ALA I 322 -39.38 25.23 19.68
C ALA I 322 -38.44 24.18 19.09
N TRP I 323 -37.86 24.49 17.95
CA TRP I 323 -36.93 23.58 17.28
C TRP I 323 -35.72 23.35 18.20
N THR I 324 -35.10 24.42 18.66
CA THR I 324 -33.91 24.30 19.52
C THR I 324 -34.19 23.61 20.84
N GLN I 325 -35.42 23.69 21.34
CA GLN I 325 -35.76 23.08 22.62
C GLN I 325 -36.43 21.73 22.49
N ALA I 326 -36.43 21.17 21.28
CA ALA I 326 -37.03 19.87 21.05
C ALA I 326 -38.49 19.85 21.48
N GLN I 327 -39.22 20.91 21.14
CA GLN I 327 -40.64 21.04 21.47
C GLN I 327 -41.45 21.25 20.19
N THR I 328 -41.08 20.54 19.12
CA THR I 328 -41.78 20.68 17.85
C THR I 328 -43.06 19.86 17.73
N GLY I 329 -43.19 18.83 18.56
CA GLY I 329 -44.37 18.00 18.47
C GLY I 329 -44.15 16.89 17.45
N TYR I 330 -42.98 16.89 16.82
CA TYR I 330 -42.62 15.85 15.85
C TYR I 330 -41.57 14.99 16.55
N PRO I 331 -41.98 13.82 17.08
CA PRO I 331 -41.08 12.91 17.80
C PRO I 331 -39.70 12.66 17.21
N ILE I 332 -39.62 12.31 15.94
CA ILE I 332 -38.32 12.04 15.34
C ILE I 332 -37.43 13.28 15.38
N VAL I 333 -38.02 14.45 15.18
CA VAL I 333 -37.28 15.71 15.21
C VAL I 333 -36.86 16.06 16.63
N ASP I 334 -37.79 15.94 17.57
CA ASP I 334 -37.47 16.27 18.96
C ASP I 334 -36.45 15.32 19.56
N ALA I 335 -36.53 14.04 19.20
CA ALA I 335 -35.58 13.07 19.71
C ALA I 335 -34.17 13.46 19.24
N ALA I 336 -34.06 13.83 17.97
CA ALA I 336 -32.77 14.22 17.40
C ALA I 336 -32.21 15.46 18.07
N MET I 337 -33.06 16.45 18.29
CA MET I 337 -32.59 17.67 18.92
C MET I 337 -32.15 17.43 20.36
N ARG I 338 -32.77 16.44 21.02
CA ARG I 338 -32.39 16.08 22.37
C ARG I 338 -31.02 15.39 22.34
N GLN I 339 -30.81 14.50 21.37
CA GLN I 339 -29.51 13.83 21.28
C GLN I 339 -28.42 14.88 21.10
N LEU I 340 -28.68 15.87 20.26
CA LEU I 340 -27.71 16.93 20.00
C LEU I 340 -27.32 17.75 21.22
N THR I 341 -28.30 18.33 21.91
CA THR I 341 -27.98 19.16 23.07
C THR I 341 -27.48 18.38 24.28
N GLU I 342 -27.93 17.14 24.43
CA GLU I 342 -27.52 16.33 25.57
C GLU I 342 -26.18 15.60 25.36
N THR I 343 -25.85 15.26 24.12
CA THR I 343 -24.62 14.52 23.87
C THR I 343 -23.64 15.17 22.89
N GLY I 344 -24.00 16.33 22.35
CA GLY I 344 -23.12 17.02 21.41
C GLY I 344 -22.91 16.30 20.08
N TRP I 345 -23.77 15.34 19.75
CA TRP I 345 -23.63 14.61 18.50
C TRP I 345 -25.00 14.20 18.00
N MET I 346 -25.14 14.05 16.68
CA MET I 346 -26.40 13.64 16.10
C MET I 346 -26.10 12.72 14.93
N HIS I 347 -26.86 11.65 14.82
CA HIS I 347 -26.69 10.71 13.72
C HIS I 347 -26.94 11.50 12.41
N ASN I 348 -26.23 11.15 11.35
CA ASN I 348 -26.39 11.86 10.08
C ASN I 348 -27.82 11.86 9.52
N ARG I 349 -28.51 10.74 9.62
CA ARG I 349 -29.89 10.68 9.12
C ARG I 349 -30.72 11.75 9.81
N CYS I 350 -30.52 11.89 11.11
CA CYS I 350 -31.26 12.87 11.88
C CYS I 350 -30.83 14.31 11.55
N ARG I 351 -29.55 14.51 11.24
CA ARG I 351 -29.11 15.86 10.91
C ARG I 351 -29.86 16.31 9.66
N MET I 352 -30.06 15.38 8.72
CA MET I 352 -30.80 15.74 7.51
C MET I 352 -32.26 16.01 7.81
N ILE I 353 -32.84 15.17 8.66
CA ILE I 353 -34.23 15.30 9.03
C ILE I 353 -34.54 16.63 9.71
N VAL I 354 -33.74 17.01 10.71
CA VAL I 354 -34.01 18.25 11.44
C VAL I 354 -33.65 19.48 10.64
N ALA I 355 -32.70 19.36 9.72
CA ALA I 355 -32.31 20.49 8.90
C ALA I 355 -33.42 20.76 7.88
N SER I 356 -33.99 19.69 7.34
CA SER I 356 -35.06 19.82 6.38
C SER I 356 -36.27 20.39 7.09
N PHE I 357 -36.50 19.91 8.31
CA PHE I 357 -37.64 20.38 9.09
C PHE I 357 -37.56 21.88 9.37
N LEU I 358 -36.37 22.35 9.75
CA LEU I 358 -36.19 23.77 10.07
C LEU I 358 -36.40 24.68 8.87
N THR I 359 -35.77 24.31 7.75
CA THR I 359 -35.86 25.12 6.53
C THR I 359 -37.17 25.00 5.76
N LYS I 360 -37.66 23.77 5.60
CA LYS I 360 -38.89 23.53 4.83
C LYS I 360 -40.19 23.63 5.61
N ASP I 361 -40.22 23.04 6.80
CA ASP I 361 -41.43 23.07 7.62
C ASP I 361 -41.60 24.34 8.45
N LEU I 362 -40.52 24.80 9.07
CA LEU I 362 -40.63 26.01 9.88
C LEU I 362 -40.32 27.25 9.05
N ILE I 363 -39.71 27.01 7.89
CA ILE I 363 -39.34 28.09 6.98
C ILE I 363 -38.51 29.15 7.69
N ILE I 364 -37.40 28.70 8.26
CA ILE I 364 -36.49 29.57 8.97
C ILE I 364 -35.15 29.52 8.25
N ASP I 365 -34.52 30.68 8.09
CA ASP I 365 -33.22 30.80 7.43
C ASP I 365 -32.32 29.68 7.96
N TRP I 366 -31.80 28.84 7.06
CA TRP I 366 -30.94 27.74 7.48
C TRP I 366 -29.71 28.20 8.24
N ARG I 367 -29.32 29.45 8.05
CA ARG I 367 -28.15 29.95 8.75
C ARG I 367 -28.35 29.95 10.27
N ARG I 368 -29.60 30.01 10.72
CA ARG I 368 -29.89 29.98 12.15
C ARG I 368 -29.63 28.55 12.65
N GLY I 369 -29.98 27.58 11.81
CA GLY I 369 -29.77 26.18 12.16
C GLY I 369 -28.30 25.84 12.12
N GLU I 370 -27.59 26.41 11.15
CA GLU I 370 -26.15 26.19 11.01
C GLU I 370 -25.45 26.62 12.29
N GLN I 371 -25.79 27.80 12.77
CA GLN I 371 -25.19 28.34 13.98
C GLN I 371 -25.51 27.48 15.21
N PHE I 372 -26.77 27.10 15.36
CA PHE I 372 -27.15 26.30 16.51
C PHE I 372 -26.39 24.98 16.52
N PHE I 373 -26.19 24.40 15.33
CA PHE I 373 -25.44 23.17 15.26
C PHE I 373 -24.00 23.41 15.74
N MET I 374 -23.38 24.49 15.30
CA MET I 374 -22.02 24.79 15.72
C MET I 374 -21.94 25.07 17.22
N GLN I 375 -23.06 25.48 17.81
CA GLN I 375 -23.08 25.75 19.24
C GLN I 375 -23.23 24.51 20.11
N HIS I 376 -23.44 23.35 19.48
CA HIS I 376 -23.61 22.11 20.24
C HIS I 376 -22.81 20.91 19.75
N LEU I 377 -22.45 20.90 18.48
CA LEU I 377 -21.73 19.75 17.92
C LEU I 377 -20.28 19.57 18.31
N VAL I 378 -19.96 18.36 18.81
CA VAL I 378 -18.59 18.04 19.20
C VAL I 378 -17.73 17.97 17.94
N ASP I 379 -18.37 17.72 16.80
CA ASP I 379 -17.66 17.63 15.53
C ASP I 379 -17.95 18.82 14.64
N GLY I 380 -18.53 19.88 15.22
CA GLY I 380 -18.86 21.06 14.45
C GLY I 380 -17.70 21.50 13.58
N ASP I 381 -17.91 21.49 12.26
CA ASP I 381 -16.86 21.85 11.31
C ASP I 381 -17.46 22.76 10.24
N LEU I 382 -16.91 23.95 10.08
CA LEU I 382 -17.43 24.90 9.11
C LEU I 382 -17.71 24.30 7.73
N ALA I 383 -16.70 23.66 7.16
CA ALA I 383 -16.86 23.07 5.84
C ALA I 383 -18.01 22.06 5.76
N ALA I 384 -17.99 21.06 6.63
CA ALA I 384 -19.02 20.03 6.61
C ALA I 384 -20.39 20.51 7.06
N ASN I 385 -20.43 21.35 8.08
CA ASN I 385 -21.70 21.84 8.60
C ASN I 385 -22.35 22.80 7.61
N ASN I 386 -21.56 23.69 7.02
CA ASN I 386 -22.11 24.61 6.04
C ASN I 386 -22.57 23.79 4.83
N GLY I 387 -21.76 22.80 4.46
CA GLY I 387 -22.12 21.96 3.33
C GLY I 387 -23.44 21.25 3.57
N GLY I 388 -23.58 20.64 4.75
CA GLY I 388 -24.81 19.93 5.07
C GLY I 388 -26.03 20.83 5.08
N TRP I 389 -25.90 22.01 5.68
CA TRP I 389 -27.04 22.91 5.72
C TRP I 389 -27.43 23.47 4.36
N GLN I 390 -26.44 23.79 3.52
CA GLN I 390 -26.76 24.31 2.20
C GLN I 390 -27.42 23.20 1.38
N TRP I 391 -27.01 21.96 1.62
CA TRP I 391 -27.61 20.85 0.90
C TRP I 391 -29.08 20.72 1.30
N SER I 392 -29.35 20.84 2.60
CA SER I 392 -30.71 20.73 3.09
C SER I 392 -31.60 21.85 2.56
N ALA I 393 -31.01 23.02 2.34
CA ALA I 393 -31.76 24.15 1.83
C ALA I 393 -31.58 24.23 0.32
N SER I 394 -30.83 23.27 -0.22
CA SER I 394 -30.55 23.18 -1.64
C SER I 394 -30.10 24.54 -2.19
N SER I 395 -29.02 25.09 -1.63
CA SER I 395 -28.53 26.39 -2.06
C SER I 395 -27.12 26.34 -2.69
N GLY I 396 -27.01 25.65 -3.81
CA GLY I 396 -25.72 25.56 -4.49
C GLY I 396 -25.53 26.64 -5.54
N MET I 397 -24.68 26.37 -6.53
CA MET I 397 -24.42 27.33 -7.60
C MET I 397 -25.52 27.31 -8.64
N ASP I 398 -26.32 26.26 -8.65
CA ASP I 398 -27.40 26.12 -9.61
C ASP I 398 -28.66 25.57 -8.93
N PRO I 399 -29.82 25.67 -9.62
CA PRO I 399 -31.07 25.18 -9.05
C PRO I 399 -31.00 23.68 -8.78
N LYS I 400 -31.38 23.28 -7.57
CA LYS I 400 -31.36 21.88 -7.20
C LYS I 400 -32.73 21.51 -6.64
N PRO I 401 -33.12 20.23 -6.77
CA PRO I 401 -34.42 19.75 -6.29
C PRO I 401 -34.79 20.17 -4.88
N LEU I 402 -36.07 20.41 -4.66
CA LEU I 402 -36.56 20.77 -3.35
C LEU I 402 -36.59 19.45 -2.58
N ARG I 403 -35.66 19.31 -1.65
CA ARG I 403 -35.57 18.09 -0.86
C ARG I 403 -36.41 18.25 0.40
N ILE I 404 -37.72 18.15 0.24
CA ILE I 404 -38.59 18.28 1.39
C ILE I 404 -38.90 16.94 2.04
N PHE I 405 -38.12 16.61 3.06
CA PHE I 405 -38.30 15.36 3.77
C PHE I 405 -39.64 15.32 4.49
N ASN I 406 -40.21 14.13 4.57
CA ASN I 406 -41.48 13.93 5.28
C ASN I 406 -41.06 13.23 6.57
N PRO I 407 -41.13 13.94 7.70
CA PRO I 407 -40.74 13.36 8.99
C PRO I 407 -41.32 11.96 9.28
N ALA I 408 -42.61 11.80 9.01
CA ALA I 408 -43.27 10.52 9.25
C ALA I 408 -42.70 9.43 8.34
N SER I 409 -42.44 9.76 7.09
CA SER I 409 -41.89 8.78 6.16
C SER I 409 -40.50 8.38 6.63
N GLN I 410 -39.72 9.38 7.01
CA GLN I 410 -38.36 9.17 7.48
C GLN I 410 -38.35 8.26 8.70
N ALA I 411 -39.19 8.57 9.67
CA ALA I 411 -39.26 7.77 10.88
C ALA I 411 -39.68 6.34 10.60
N LYS I 412 -40.66 6.17 9.72
CA LYS I 412 -41.14 4.83 9.39
C LYS I 412 -40.05 4.01 8.71
N LYS I 413 -39.31 4.67 7.83
CA LYS I 413 -38.22 4.03 7.09
C LYS I 413 -36.99 3.72 7.92
N PHE I 414 -36.54 4.70 8.68
CA PHE I 414 -35.31 4.55 9.44
C PHE I 414 -35.40 4.33 10.95
N ASP I 415 -36.61 4.31 11.50
CA ASP I 415 -36.78 4.05 12.92
C ASP I 415 -38.15 3.37 13.07
N ALA I 416 -38.34 2.32 12.27
CA ALA I 416 -39.58 1.56 12.21
C ALA I 416 -40.21 1.12 13.52
N THR I 417 -39.41 0.94 14.57
CA THR I 417 -39.96 0.52 15.85
C THR I 417 -39.87 1.63 16.89
N ALA I 418 -39.56 2.83 16.42
CA ALA I 418 -39.45 4.01 17.28
C ALA I 418 -38.43 3.82 18.40
N THR I 419 -37.48 2.91 18.19
CA THR I 419 -36.46 2.65 19.20
C THR I 419 -35.64 3.89 19.50
N TYR I 420 -35.21 4.58 18.45
CA TYR I 420 -34.42 5.79 18.59
C TYR I 420 -35.25 6.89 19.26
N ILE I 421 -36.51 7.01 18.81
CA ILE I 421 -37.39 8.03 19.37
C ILE I 421 -37.58 7.84 20.86
N LYS I 422 -37.88 6.61 21.27
CA LYS I 422 -38.09 6.31 22.68
C LYS I 422 -36.81 6.48 23.50
N ARG I 423 -35.67 6.25 22.87
CA ARG I 423 -34.41 6.39 23.57
C ARG I 423 -34.17 7.84 24.00
N TRP I 424 -34.50 8.78 23.13
CA TRP I 424 -34.27 10.19 23.46
C TRP I 424 -35.49 10.93 24.01
N LEU I 425 -36.65 10.30 23.87
CA LEU I 425 -37.89 10.87 24.39
C LEU I 425 -38.52 9.84 25.33
N PRO I 426 -37.80 9.51 26.42
CA PRO I 426 -38.27 8.52 27.40
C PRO I 426 -39.66 8.80 27.96
N GLU I 427 -40.08 10.05 27.94
CA GLU I 427 -41.41 10.42 28.44
C GLU I 427 -42.52 9.89 27.55
N LEU I 428 -42.16 9.38 26.36
CA LEU I 428 -43.15 8.87 25.43
C LEU I 428 -43.09 7.35 25.20
N ARG I 429 -42.42 6.63 26.09
CA ARG I 429 -42.30 5.17 25.92
C ARG I 429 -43.62 4.42 26.02
N HIS I 430 -44.62 5.04 26.62
CA HIS I 430 -45.93 4.42 26.78
C HIS I 430 -46.74 4.52 25.48
N VAL I 431 -46.28 5.36 24.57
CA VAL I 431 -46.97 5.55 23.29
C VAL I 431 -46.60 4.45 22.31
N HIS I 432 -47.57 4.02 21.51
CA HIS I 432 -47.31 2.98 20.52
C HIS I 432 -46.41 3.53 19.42
N PRO I 433 -45.41 2.73 19.00
CA PRO I 433 -44.47 3.16 17.95
C PRO I 433 -45.18 3.78 16.76
N LYS I 434 -46.26 3.14 16.34
CA LYS I 434 -47.05 3.61 15.21
C LYS I 434 -47.39 5.09 15.32
N ASP I 435 -47.82 5.51 16.51
CA ASP I 435 -48.19 6.91 16.71
C ASP I 435 -46.99 7.83 16.88
N LEU I 436 -45.87 7.28 17.35
CA LEU I 436 -44.66 8.09 17.52
C LEU I 436 -44.10 8.39 16.14
N ILE I 437 -44.24 7.43 15.24
CA ILE I 437 -43.75 7.59 13.87
C ILE I 437 -44.63 8.54 13.09
N SER I 438 -45.94 8.38 13.19
CA SER I 438 -46.88 9.24 12.46
C SER I 438 -46.93 10.63 13.08
N GLY I 439 -46.60 10.71 14.36
CA GLY I 439 -46.63 11.99 15.04
C GLY I 439 -48.02 12.35 15.52
N GLU I 440 -48.96 11.42 15.40
CA GLU I 440 -50.32 11.65 15.84
C GLU I 440 -50.51 10.99 17.20
N ILE I 441 -50.31 11.77 18.25
CA ILE I 441 -50.44 11.29 19.62
C ILE I 441 -51.65 11.94 20.26
N THR I 442 -52.51 11.14 20.87
CA THR I 442 -53.71 11.68 21.49
C THR I 442 -53.34 12.66 22.61
N PRO I 443 -54.14 13.73 22.77
CA PRO I 443 -53.91 14.74 23.79
C PRO I 443 -53.63 14.19 25.18
N ILE I 444 -54.43 13.22 25.60
CA ILE I 444 -54.24 12.63 26.92
C ILE I 444 -52.96 11.80 27.00
N GLU I 445 -52.52 11.26 25.88
CA GLU I 445 -51.31 10.47 25.87
C GLU I 445 -50.02 11.28 25.82
N ARG I 446 -50.08 12.50 25.27
CA ARG I 446 -48.85 13.29 25.20
C ARG I 446 -48.37 13.79 26.56
N ARG I 447 -49.25 13.76 27.54
CA ARG I 447 -48.93 14.19 28.91
C ARG I 447 -47.96 15.36 28.99
N GLY I 448 -48.27 16.46 28.32
CA GLY I 448 -47.38 17.60 28.35
C GLY I 448 -46.60 17.77 27.07
N TYR I 449 -46.25 16.65 26.42
CA TYR I 449 -45.52 16.71 25.16
C TYR I 449 -46.37 17.58 24.24
N PRO I 450 -45.74 18.56 23.56
CA PRO I 450 -46.44 19.47 22.65
C PRO I 450 -47.10 18.82 21.45
N ALA I 451 -48.15 19.47 20.95
CA ALA I 451 -48.85 18.98 19.76
C ALA I 451 -47.97 19.53 18.62
N PRO I 452 -48.11 18.99 17.41
CA PRO I 452 -47.29 19.48 16.29
C PRO I 452 -47.39 21.00 16.15
N ILE I 453 -46.25 21.69 16.14
CA ILE I 453 -46.27 23.15 16.02
C ILE I 453 -46.69 23.65 14.65
N VAL I 454 -46.64 22.77 13.65
CA VAL I 454 -47.05 23.11 12.30
C VAL I 454 -47.56 21.85 11.62
N ASN I 455 -48.27 22.02 10.51
CA ASN I 455 -48.79 20.88 9.75
C ASN I 455 -47.87 20.70 8.55
N HIS I 456 -47.23 19.54 8.45
CA HIS I 456 -46.30 19.27 7.37
C HIS I 456 -46.82 19.51 5.96
N ASN I 457 -47.94 18.88 5.60
CA ASN I 457 -48.48 19.06 4.26
C ASN I 457 -48.78 20.50 3.92
N LEU I 458 -49.35 21.23 4.89
CA LEU I 458 -49.66 22.63 4.67
C LEU I 458 -48.40 23.45 4.49
N ARG I 459 -47.43 23.25 5.37
CA ARG I 459 -46.17 23.99 5.30
C ARG I 459 -45.42 23.63 4.02
N GLN I 460 -45.50 22.37 3.62
CA GLN I 460 -44.82 21.92 2.41
C GLN I 460 -45.35 22.71 1.23
N LYS I 461 -46.67 22.90 1.20
CA LYS I 461 -47.31 23.64 0.12
C LYS I 461 -46.92 25.11 0.19
N GLN I 462 -46.95 25.67 1.40
CA GLN I 462 -46.62 27.08 1.58
C GLN I 462 -45.16 27.39 1.20
N PHE I 463 -44.26 26.43 1.40
CA PHE I 463 -42.85 26.64 1.06
C PHE I 463 -42.68 26.61 -0.45
N LYS I 464 -43.25 25.59 -1.08
CA LYS I 464 -43.16 25.45 -2.54
C LYS I 464 -43.70 26.69 -3.23
N ALA I 465 -44.77 27.24 -2.69
CA ALA I 465 -45.39 28.44 -3.26
C ALA I 465 -44.39 29.58 -3.24
N LEU I 466 -43.76 29.80 -2.08
CA LEU I 466 -42.76 30.84 -1.93
C LEU I 466 -41.66 30.65 -2.94
N TYR I 467 -41.22 29.41 -3.10
CA TYR I 467 -40.15 29.06 -4.02
C TYR I 467 -40.53 29.43 -5.47
N ASN I 468 -41.49 28.71 -6.03
CA ASN I 468 -41.92 28.96 -7.40
C ASN I 468 -42.19 30.44 -7.65
N GLN I 469 -42.84 31.10 -6.69
CA GLN I 469 -43.15 32.51 -6.82
C GLN I 469 -41.89 33.33 -7.04
N LEU I 470 -40.84 33.02 -6.28
CA LEU I 470 -39.57 33.74 -6.42
C LEU I 470 -38.85 33.31 -7.69
N LYS I 471 -38.89 32.03 -7.99
CA LYS I 471 -38.24 31.51 -9.19
C LYS I 471 -38.80 32.26 -10.38
N ALA I 472 -40.07 32.66 -10.26
CA ALA I 472 -40.73 33.40 -11.33
C ALA I 472 -40.27 34.85 -11.29
N ALA I 473 -40.42 35.48 -10.12
CA ALA I 473 -40.02 36.87 -9.94
C ALA I 473 -38.52 36.97 -9.68
N ILE I 474 -37.73 36.61 -10.67
CA ILE I 474 -36.28 36.65 -10.54
C ILE I 474 -35.60 36.12 -11.81
N ALA J 1 -12.82 -1.81 -34.07
CA ALA J 1 -13.50 -2.73 -35.02
C ALA J 1 -12.78 -4.08 -35.06
N ALA J 2 -11.54 -4.08 -34.58
CA ALA J 2 -10.74 -5.31 -34.57
C ALA J 2 -10.60 -5.82 -33.13
N PRO J 3 -10.58 -7.14 -32.95
CA PRO J 3 -10.45 -7.68 -31.61
C PRO J 3 -9.03 -7.56 -31.09
N ILE J 4 -8.88 -7.62 -29.77
CA ILE J 4 -7.57 -7.57 -29.14
C ILE J 4 -7.42 -8.92 -28.45
N LEU J 5 -6.30 -9.58 -28.68
CA LEU J 5 -6.06 -10.87 -28.07
C LEU J 5 -5.17 -10.73 -26.86
N PHE J 6 -5.51 -11.43 -25.77
CA PHE J 6 -4.63 -11.41 -24.61
C PHE J 6 -4.11 -12.83 -24.45
N TRP J 7 -2.79 -12.97 -24.58
CA TRP J 7 -2.14 -14.27 -24.50
C TRP J 7 -1.70 -14.60 -23.08
N HIS J 8 -2.36 -15.59 -22.49
CA HIS J 8 -2.05 -16.07 -21.14
C HIS J 8 -1.00 -17.17 -21.21
N ARG J 9 -0.10 -17.20 -20.23
CA ARG J 9 0.92 -18.24 -20.16
C ARG J 9 1.09 -18.66 -18.71
N ARG J 10 1.43 -17.70 -17.84
CA ARG J 10 1.59 -18.02 -16.42
C ARG J 10 0.91 -16.98 -15.54
N ASP J 11 -0.24 -16.50 -16.03
CA ASP J 11 -1.04 -15.48 -15.36
C ASP J 11 -2.49 -15.91 -15.58
N LEU J 12 -2.80 -17.13 -15.14
CA LEU J 12 -4.11 -17.72 -15.37
C LEU J 12 -5.21 -17.22 -14.44
N ARG J 13 -5.58 -15.96 -14.66
CA ARG J 13 -6.62 -15.30 -13.87
C ARG J 13 -7.09 -14.09 -14.65
N LEU J 14 -8.25 -13.55 -14.26
CA LEU J 14 -8.80 -12.37 -14.90
C LEU J 14 -8.56 -11.17 -13.97
N SER J 15 -8.45 -11.45 -12.68
CA SER J 15 -8.24 -10.38 -11.70
C SER J 15 -6.79 -9.91 -11.58
N ASP J 16 -6.61 -8.66 -11.13
CA ASP J 16 -5.30 -8.06 -10.92
C ASP J 16 -4.24 -8.50 -11.94
N ASN J 17 -4.53 -8.28 -13.22
CA ASN J 17 -3.64 -8.67 -14.30
C ASN J 17 -3.27 -7.43 -15.11
N ILE J 18 -2.03 -6.98 -14.97
CA ILE J 18 -1.56 -5.76 -15.64
C ILE J 18 -1.80 -5.70 -17.14
N GLY J 19 -1.32 -6.71 -17.87
CA GLY J 19 -1.50 -6.71 -19.30
C GLY J 19 -2.95 -6.82 -19.75
N LEU J 20 -3.74 -7.58 -18.99
CA LEU J 20 -5.14 -7.77 -19.32
C LEU J 20 -5.92 -6.48 -19.11
N ALA J 21 -5.64 -5.79 -18.01
CA ALA J 21 -6.31 -4.53 -17.70
C ALA J 21 -5.95 -3.51 -18.77
N ALA J 22 -4.69 -3.50 -19.18
CA ALA J 22 -4.23 -2.57 -20.20
C ALA J 22 -4.94 -2.83 -21.53
N ALA J 23 -5.11 -4.10 -21.87
CA ALA J 23 -5.77 -4.45 -23.10
C ALA J 23 -7.23 -4.00 -23.03
N ARG J 24 -7.88 -4.25 -21.90
CA ARG J 24 -9.28 -3.88 -21.71
C ARG J 24 -9.50 -2.39 -21.91
N ALA J 25 -8.51 -1.59 -21.54
CA ALA J 25 -8.62 -0.15 -21.69
C ALA J 25 -8.64 0.24 -23.16
N GLN J 26 -8.18 -0.67 -24.02
CA GLN J 26 -8.15 -0.42 -25.45
C GLN J 26 -9.36 -0.96 -26.20
N SER J 27 -9.96 -2.02 -25.68
CA SER J 27 -11.13 -2.61 -26.34
C SER J 27 -11.90 -3.57 -25.46
N ALA J 28 -13.22 -3.62 -25.70
CA ALA J 28 -14.09 -4.52 -24.95
C ALA J 28 -14.10 -5.89 -25.64
N GLN J 29 -13.71 -5.92 -26.92
CA GLN J 29 -13.68 -7.19 -27.63
C GLN J 29 -12.31 -7.78 -27.32
N LEU J 30 -12.16 -8.19 -26.07
CA LEU J 30 -10.93 -8.76 -25.55
C LEU J 30 -11.09 -10.27 -25.51
N ILE J 31 -10.26 -10.96 -26.28
CA ILE J 31 -10.31 -12.42 -26.37
C ILE J 31 -9.08 -13.06 -25.75
N GLY J 32 -9.31 -14.01 -24.83
CA GLY J 32 -8.20 -14.70 -24.18
C GLY J 32 -7.64 -15.78 -25.08
N LEU J 33 -6.38 -16.11 -24.87
CA LEU J 33 -5.72 -17.11 -25.67
C LEU J 33 -4.68 -17.88 -24.85
N PHE J 34 -4.63 -19.20 -25.02
CA PHE J 34 -3.62 -19.99 -24.33
C PHE J 34 -3.19 -21.02 -25.36
N CYS J 35 -1.89 -21.24 -25.45
CA CYS J 35 -1.33 -22.20 -26.40
C CYS J 35 -0.61 -23.33 -25.66
N LEU J 36 -1.17 -24.53 -25.72
CA LEU J 36 -0.55 -25.70 -25.09
C LEU J 36 0.71 -25.92 -25.91
N ASP J 37 1.84 -25.72 -25.26
CA ASP J 37 3.15 -25.75 -25.89
C ASP J 37 3.94 -27.04 -25.68
N PRO J 38 4.11 -27.85 -26.73
CA PRO J 38 4.85 -29.11 -26.64
C PRO J 38 6.26 -28.96 -26.10
N GLN J 39 6.91 -27.83 -26.43
CA GLN J 39 8.27 -27.61 -25.96
C GLN J 39 8.33 -27.54 -24.44
N ILE J 40 7.21 -27.17 -23.84
CA ILE J 40 7.15 -27.12 -22.39
C ILE J 40 6.55 -28.40 -21.84
N LEU J 41 5.39 -28.77 -22.35
CA LEU J 41 4.70 -29.97 -21.88
C LEU J 41 5.43 -31.27 -22.13
N GLN J 42 6.14 -31.37 -23.25
CA GLN J 42 6.86 -32.60 -23.56
C GLN J 42 8.29 -32.61 -23.07
N SER J 43 8.60 -31.69 -22.15
CA SER J 43 9.93 -31.63 -21.58
C SER J 43 10.09 -32.83 -20.66
N ALA J 44 11.32 -33.31 -20.50
CA ALA J 44 11.55 -34.44 -19.62
C ALA J 44 11.50 -33.97 -18.17
N ASP J 45 11.50 -32.65 -17.97
CA ASP J 45 11.46 -32.06 -16.63
C ASP J 45 10.06 -31.56 -16.24
N MET J 46 9.03 -32.24 -16.71
CA MET J 46 7.67 -31.86 -16.40
C MET J 46 7.10 -32.74 -15.30
N ALA J 47 6.31 -32.16 -14.41
CA ALA J 47 5.71 -32.90 -13.31
C ALA J 47 4.22 -33.10 -13.55
N PRO J 48 3.71 -34.32 -13.32
CA PRO J 48 2.28 -34.52 -13.54
C PRO J 48 1.42 -33.61 -12.67
N ALA J 49 1.88 -33.38 -11.42
CA ALA J 49 1.13 -32.53 -10.50
C ALA J 49 1.01 -31.12 -11.06
N ARG J 50 2.06 -30.67 -11.73
CA ARG J 50 2.08 -29.33 -12.28
C ARG J 50 1.14 -29.22 -13.48
N VAL J 51 1.12 -30.24 -14.32
CA VAL J 51 0.24 -30.23 -15.48
C VAL J 51 -1.22 -30.32 -15.01
N ALA J 52 -1.44 -31.07 -13.92
CA ALA J 52 -2.78 -31.23 -13.39
C ALA J 52 -3.27 -29.90 -12.82
N TYR J 53 -2.38 -29.19 -12.15
CA TYR J 53 -2.73 -27.90 -11.56
C TYR J 53 -3.04 -26.92 -12.69
N LEU J 54 -2.16 -26.90 -13.71
CA LEU J 54 -2.36 -26.02 -14.86
C LEU J 54 -3.70 -26.28 -15.54
N GLN J 55 -4.00 -27.55 -15.76
CA GLN J 55 -5.22 -27.94 -16.45
C GLN J 55 -6.44 -27.42 -15.68
N GLY J 56 -6.40 -27.52 -14.35
CA GLY J 56 -7.52 -27.03 -13.56
C GLY J 56 -7.63 -25.50 -13.63
N CYS J 57 -6.49 -24.81 -13.69
CA CYS J 57 -6.51 -23.34 -13.77
C CYS J 57 -7.11 -22.92 -15.10
N LEU J 58 -6.78 -23.64 -16.17
CA LEU J 58 -7.31 -23.31 -17.48
C LEU J 58 -8.81 -23.55 -17.53
N GLN J 59 -9.26 -24.61 -16.89
CA GLN J 59 -10.69 -24.87 -16.88
C GLN J 59 -11.42 -23.70 -16.26
N GLU J 60 -10.93 -23.18 -15.14
CA GLU J 60 -11.60 -22.07 -14.50
C GLU J 60 -11.49 -20.81 -15.34
N LEU J 61 -10.33 -20.59 -15.94
CA LEU J 61 -10.14 -19.40 -16.76
C LEU J 61 -11.12 -19.40 -17.94
N GLN J 62 -11.38 -20.57 -18.52
CA GLN J 62 -12.33 -20.65 -19.64
C GLN J 62 -13.68 -20.13 -19.18
N GLN J 63 -14.11 -20.58 -18.01
CA GLN J 63 -15.39 -20.18 -17.44
C GLN J 63 -15.42 -18.68 -17.16
N ARG J 64 -14.33 -18.17 -16.60
CA ARG J 64 -14.23 -16.74 -16.28
C ARG J 64 -14.40 -15.85 -17.49
N TYR J 65 -13.81 -16.24 -18.63
CA TYR J 65 -13.94 -15.46 -19.85
C TYR J 65 -15.39 -15.52 -20.34
N GLN J 66 -15.96 -16.72 -20.33
CA GLN J 66 -17.34 -16.91 -20.77
C GLN J 66 -18.26 -16.00 -19.96
N GLN J 67 -18.10 -16.01 -18.64
CA GLN J 67 -18.92 -15.19 -17.76
C GLN J 67 -18.70 -13.70 -18.01
N ALA J 68 -17.47 -13.33 -18.32
CA ALA J 68 -17.14 -11.93 -18.57
C ALA J 68 -17.67 -11.41 -19.90
N GLY J 69 -18.04 -12.31 -20.81
CA GLY J 69 -18.57 -11.86 -22.08
C GLY J 69 -17.90 -12.39 -23.34
N SER J 70 -16.71 -12.96 -23.23
CA SER J 70 -16.06 -13.48 -24.43
C SER J 70 -15.69 -14.95 -24.29
N ARG J 71 -14.43 -15.29 -24.53
CA ARG J 71 -14.01 -16.68 -24.44
C ARG J 71 -12.49 -16.81 -24.40
N LEU J 72 -12.03 -18.00 -24.05
CA LEU J 72 -10.62 -18.30 -23.99
C LEU J 72 -10.34 -19.23 -25.16
N LEU J 73 -9.57 -18.76 -26.14
CA LEU J 73 -9.23 -19.58 -27.30
C LEU J 73 -8.10 -20.51 -26.88
N LEU J 74 -8.17 -21.75 -27.34
CA LEU J 74 -7.15 -22.73 -27.01
C LEU J 74 -6.45 -23.24 -28.27
N LEU J 75 -5.13 -23.21 -28.26
CA LEU J 75 -4.32 -23.69 -29.36
C LEU J 75 -3.36 -24.75 -28.82
N GLN J 76 -2.84 -25.59 -29.71
CA GLN J 76 -1.87 -26.61 -29.31
C GLN J 76 -0.80 -26.69 -30.39
N GLY J 77 0.43 -26.37 -30.01
CA GLY J 77 1.53 -26.37 -30.94
C GLY J 77 2.55 -25.28 -30.61
N ASP J 78 3.38 -24.93 -31.59
CA ASP J 78 4.42 -23.91 -31.41
C ASP J 78 3.83 -22.51 -31.47
N PRO J 79 3.84 -21.78 -30.33
CA PRO J 79 3.28 -20.43 -30.37
C PRO J 79 3.99 -19.46 -31.29
N GLN J 80 5.29 -19.66 -31.52
CA GLN J 80 6.02 -18.77 -32.41
C GLN J 80 5.37 -18.76 -33.78
N HIS J 81 4.73 -19.86 -34.13
CA HIS J 81 4.05 -19.94 -35.41
C HIS J 81 2.54 -19.77 -35.30
N LEU J 82 1.93 -20.39 -34.29
CA LEU J 82 0.47 -20.33 -34.14
C LEU J 82 -0.13 -18.99 -33.71
N ILE J 83 0.54 -18.27 -32.82
CA ILE J 83 0.00 -16.98 -32.37
C ILE J 83 -0.08 -15.97 -33.51
N PRO J 84 1.01 -15.79 -34.28
CA PRO J 84 0.96 -14.83 -35.38
C PRO J 84 -0.09 -15.22 -36.41
N GLN J 85 -0.12 -16.50 -36.72
CA GLN J 85 -1.07 -17.02 -37.68
C GLN J 85 -2.50 -16.70 -37.23
N LEU J 86 -2.82 -16.97 -35.97
CA LEU J 86 -4.15 -16.70 -35.43
C LEU J 86 -4.48 -15.21 -35.45
N ALA J 87 -3.54 -14.39 -35.00
CA ALA J 87 -3.78 -12.95 -34.98
C ALA J 87 -4.05 -12.41 -36.37
N GLN J 88 -3.31 -12.92 -37.36
CA GLN J 88 -3.48 -12.47 -38.74
C GLN J 88 -4.83 -12.88 -39.31
N GLN J 89 -5.20 -14.14 -39.12
CA GLN J 89 -6.48 -14.62 -39.63
C GLN J 89 -7.64 -13.90 -38.98
N LEU J 90 -7.45 -13.48 -37.73
CA LEU J 90 -8.47 -12.78 -37.00
C LEU J 90 -8.40 -11.27 -37.26
N GLN J 91 -7.35 -10.84 -37.93
CA GLN J 91 -7.14 -9.43 -38.21
C GLN J 91 -7.16 -8.65 -36.90
N ALA J 92 -6.54 -9.21 -35.87
CA ALA J 92 -6.49 -8.55 -34.57
C ALA J 92 -5.69 -7.26 -34.68
N GLU J 93 -6.05 -6.28 -33.86
CA GLU J 93 -5.35 -5.00 -33.87
C GLU J 93 -4.10 -5.12 -33.00
N ALA J 94 -4.16 -6.01 -32.02
CA ALA J 94 -3.03 -6.19 -31.13
C ALA J 94 -3.10 -7.46 -30.33
N VAL J 95 -1.96 -7.85 -29.77
CA VAL J 95 -1.87 -9.01 -28.92
C VAL J 95 -1.10 -8.52 -27.70
N TYR J 96 -1.70 -8.69 -26.53
CA TYR J 96 -1.09 -8.29 -25.28
C TYR J 96 -0.69 -9.52 -24.47
N TRP J 97 0.36 -9.39 -23.66
CA TRP J 97 0.77 -10.48 -22.77
C TRP J 97 1.72 -9.93 -21.74
N ASN J 98 1.94 -10.70 -20.67
CA ASN J 98 2.83 -10.29 -19.61
C ASN J 98 4.19 -10.94 -19.77
N GLN J 99 5.24 -10.13 -19.66
CA GLN J 99 6.60 -10.63 -19.80
C GLN J 99 6.97 -11.69 -18.78
N ASP J 100 7.96 -12.51 -19.12
CA ASP J 100 8.44 -13.56 -18.21
C ASP J 100 9.94 -13.38 -18.03
N ILE J 101 10.54 -14.15 -17.12
CA ILE J 101 11.97 -14.02 -16.87
C ILE J 101 12.79 -15.23 -17.34
N GLU J 102 12.12 -16.27 -17.82
CA GLU J 102 12.83 -17.49 -18.23
C GLU J 102 13.39 -17.42 -19.65
N PRO J 103 14.58 -18.01 -19.85
CA PRO J 103 15.22 -18.01 -21.18
C PRO J 103 14.31 -18.45 -22.31
N TYR J 104 13.63 -19.58 -22.15
CA TYR J 104 12.74 -20.06 -23.19
C TYR J 104 11.63 -19.07 -23.47
N GLY J 105 10.94 -18.66 -22.41
CA GLY J 105 9.84 -17.73 -22.56
C GLY J 105 10.22 -16.41 -23.20
N ARG J 106 11.37 -15.85 -22.83
CA ARG J 106 11.76 -14.57 -23.41
C ARG J 106 12.18 -14.72 -24.87
N ASP J 107 12.81 -15.83 -25.21
CA ASP J 107 13.22 -16.06 -26.58
C ASP J 107 11.95 -16.19 -27.43
N ARG J 108 11.02 -17.00 -26.95
CA ARG J 108 9.73 -17.22 -27.60
C ARG J 108 9.02 -15.89 -27.82
N ASP J 109 8.98 -15.07 -26.78
CA ASP J 109 8.29 -13.79 -26.86
C ASP J 109 8.91 -12.85 -27.88
N GLY J 110 10.24 -12.88 -27.98
CA GLY J 110 10.89 -12.02 -28.95
C GLY J 110 10.48 -12.38 -30.36
N GLN J 111 10.43 -13.67 -30.65
CA GLN J 111 10.05 -14.15 -31.97
C GLN J 111 8.59 -13.84 -32.30
N VAL J 112 7.70 -14.06 -31.34
CA VAL J 112 6.28 -13.79 -31.56
C VAL J 112 6.07 -12.29 -31.80
N ALA J 113 6.70 -11.47 -30.97
CA ALA J 113 6.54 -10.02 -31.13
C ALA J 113 7.06 -9.55 -32.49
N ALA J 114 8.19 -10.11 -32.93
CA ALA J 114 8.76 -9.72 -34.23
C ALA J 114 7.83 -10.13 -35.37
N ALA J 115 7.28 -11.34 -35.29
CA ALA J 115 6.37 -11.85 -36.31
C ALA J 115 5.11 -11.00 -36.39
N LEU J 116 4.58 -10.63 -35.23
CA LEU J 116 3.38 -9.79 -35.20
C LEU J 116 3.66 -8.42 -35.80
N LYS J 117 4.79 -7.84 -35.44
CA LYS J 117 5.15 -6.52 -35.94
C LYS J 117 5.27 -6.55 -37.46
N THR J 118 5.85 -7.62 -37.99
CA THR J 118 6.00 -7.77 -39.42
C THR J 118 4.61 -7.86 -40.08
N ALA J 119 3.66 -8.45 -39.36
CA ALA J 119 2.29 -8.60 -39.84
C ALA J 119 1.47 -7.33 -39.64
N GLY J 120 2.08 -6.31 -39.03
CA GLY J 120 1.38 -5.07 -38.80
C GLY J 120 0.46 -5.15 -37.58
N ILE J 121 0.77 -6.06 -36.67
CA ILE J 121 -0.03 -6.24 -35.48
C ILE J 121 0.78 -5.82 -34.24
N ARG J 122 0.18 -4.95 -33.44
CA ARG J 122 0.83 -4.44 -32.25
C ARG J 122 1.00 -5.54 -31.20
N ALA J 123 2.19 -5.60 -30.62
CA ALA J 123 2.50 -6.58 -29.58
C ALA J 123 2.93 -5.79 -28.35
N VAL J 124 2.12 -5.88 -27.30
CA VAL J 124 2.40 -5.16 -26.06
C VAL J 124 2.73 -6.15 -24.94
N GLN J 125 3.94 -6.01 -24.38
CA GLN J 125 4.42 -6.89 -23.33
C GLN J 125 4.68 -6.10 -22.06
N LEU J 126 3.86 -6.35 -21.05
CA LEU J 126 3.98 -5.62 -19.79
C LEU J 126 4.46 -6.50 -18.64
N TRP J 127 4.99 -5.87 -17.59
CA TRP J 127 5.44 -6.62 -16.42
C TRP J 127 4.26 -6.78 -15.46
N ASP J 128 4.01 -8.02 -15.05
CA ASP J 128 2.87 -8.30 -14.19
C ASP J 128 3.15 -9.22 -13.00
N GLN J 129 4.00 -10.23 -13.19
CA GLN J 129 4.24 -11.18 -12.11
C GLN J 129 5.14 -10.76 -10.98
N LEU J 130 5.65 -9.53 -11.07
CA LEU J 130 6.54 -9.00 -10.04
C LEU J 130 6.02 -7.65 -9.57
N LEU J 131 6.22 -7.36 -8.29
CA LEU J 131 5.77 -6.07 -7.75
C LEU J 131 6.68 -4.99 -8.34
N HIS J 132 7.92 -5.37 -8.64
CA HIS J 132 8.91 -4.46 -9.23
C HIS J 132 9.64 -5.23 -10.33
N SER J 133 9.72 -4.63 -11.51
CA SER J 133 10.39 -5.29 -12.63
C SER J 133 11.89 -5.34 -12.39
N PRO J 134 12.59 -6.26 -13.08
CA PRO J 134 14.04 -6.40 -12.91
C PRO J 134 14.84 -5.11 -13.06
N ASP J 135 14.50 -4.28 -14.04
CA ASP J 135 15.26 -3.05 -14.25
C ASP J 135 14.89 -1.94 -13.28
N GLN J 136 13.92 -2.21 -12.42
CA GLN J 136 13.46 -1.24 -11.44
C GLN J 136 14.26 -1.35 -10.13
N ILE J 137 14.89 -2.49 -9.91
CA ILE J 137 15.66 -2.74 -8.69
C ILE J 137 17.14 -2.95 -9.01
N LEU J 138 17.93 -1.90 -8.84
CA LEU J 138 19.37 -1.98 -9.12
C LEU J 138 20.17 -1.29 -8.03
N SER J 139 21.43 -1.68 -7.90
CA SER J 139 22.32 -1.12 -6.88
C SER J 139 22.72 0.31 -7.23
N GLY J 140 23.44 0.96 -6.31
CA GLY J 140 23.88 2.32 -6.54
C GLY J 140 24.67 2.45 -7.84
N SER J 141 25.36 1.38 -8.23
CA SER J 141 26.15 1.38 -9.46
C SER J 141 25.31 1.04 -10.68
N GLY J 142 24.00 0.88 -10.51
CA GLY J 142 23.14 0.57 -11.62
C GLY J 142 23.24 -0.87 -12.10
N ASN J 143 23.64 -1.76 -11.20
CA ASN J 143 23.78 -3.16 -11.54
C ASN J 143 22.88 -4.02 -10.68
N PRO J 144 22.60 -5.25 -11.14
CA PRO J 144 21.75 -6.16 -10.36
C PRO J 144 22.41 -6.59 -9.06
N TYR J 145 21.59 -6.94 -8.08
CA TYR J 145 22.07 -7.37 -6.78
C TYR J 145 22.38 -8.86 -6.80
N SER J 146 23.42 -9.25 -6.07
CA SER J 146 23.81 -10.65 -5.97
C SER J 146 23.66 -11.07 -4.52
N VAL J 147 23.32 -10.11 -3.67
CA VAL J 147 23.13 -10.35 -2.25
C VAL J 147 21.72 -9.92 -1.86
N TYR J 148 20.99 -10.82 -1.22
CA TYR J 148 19.62 -10.54 -0.82
C TYR J 148 19.41 -9.34 0.11
N GLY J 149 20.20 -9.28 1.19
CA GLY J 149 20.05 -8.18 2.13
C GLY J 149 19.88 -6.82 1.48
N PRO J 150 20.85 -6.38 0.66
CA PRO J 150 20.80 -5.09 -0.02
C PRO J 150 19.61 -5.00 -0.98
N PHE J 151 19.33 -6.11 -1.66
CA PHE J 151 18.20 -6.15 -2.59
C PHE J 151 16.92 -5.87 -1.82
N TRP J 152 16.77 -6.52 -0.67
CA TRP J 152 15.59 -6.33 0.16
C TRP J 152 15.44 -4.89 0.67
N LYS J 153 16.54 -4.28 1.10
CA LYS J 153 16.49 -2.91 1.59
C LYS J 153 15.91 -1.99 0.51
N ASN J 154 16.41 -2.17 -0.71
CA ASN J 154 15.97 -1.37 -1.85
C ASN J 154 14.50 -1.70 -2.14
N TRP J 155 14.25 -2.98 -2.45
CA TRP J 155 12.92 -3.48 -2.79
C TRP J 155 11.81 -3.08 -1.81
N GLN J 156 12.04 -3.27 -0.52
CA GLN J 156 11.02 -2.95 0.47
C GLN J 156 10.69 -1.45 0.53
N ALA J 157 11.68 -0.61 0.26
CA ALA J 157 11.47 0.84 0.33
C ALA J 157 10.70 1.40 -0.86
N GLN J 158 10.67 0.65 -1.96
CA GLN J 158 9.97 1.08 -3.16
C GLN J 158 8.46 1.15 -2.94
N PRO J 159 7.79 2.15 -3.53
CA PRO J 159 6.34 2.26 -3.37
C PRO J 159 5.68 1.05 -4.05
N LYS J 160 4.76 0.42 -3.34
CA LYS J 160 4.08 -0.77 -3.85
C LYS J 160 2.88 -0.51 -4.75
N PRO J 161 2.88 -1.10 -5.95
CA PRO J 161 1.75 -0.89 -6.86
C PRO J 161 0.50 -1.56 -6.31
N THR J 162 -0.66 -0.99 -6.61
CA THR J 162 -1.91 -1.55 -6.13
C THR J 162 -2.57 -2.41 -7.19
N PRO J 163 -3.47 -3.32 -6.77
CA PRO J 163 -4.17 -4.22 -7.70
C PRO J 163 -4.94 -3.49 -8.78
N VAL J 164 -4.92 -4.01 -10.00
CA VAL J 164 -5.64 -3.40 -11.09
C VAL J 164 -6.99 -4.05 -11.25
N ALA J 165 -7.88 -3.40 -11.99
CA ALA J 165 -9.25 -3.88 -12.19
C ALA J 165 -9.43 -5.12 -13.05
N THR J 166 -10.45 -5.90 -12.68
CA THR J 166 -10.81 -7.10 -13.42
C THR J 166 -11.64 -6.64 -14.62
N PRO J 167 -11.33 -7.13 -15.83
CA PRO J 167 -12.09 -6.72 -17.01
C PRO J 167 -13.52 -7.25 -16.99
N THR J 168 -14.47 -6.40 -17.39
CA THR J 168 -15.87 -6.79 -17.42
C THR J 168 -16.53 -6.35 -18.71
N GLU J 169 -17.75 -6.81 -18.93
CA GLU J 169 -18.53 -6.46 -20.11
C GLU J 169 -17.74 -6.61 -21.40
N LEU J 170 -17.23 -7.80 -21.63
CA LEU J 170 -16.46 -8.09 -22.83
C LEU J 170 -17.39 -8.40 -24.00
N VAL J 171 -16.87 -8.19 -25.20
CA VAL J 171 -17.61 -8.47 -26.42
C VAL J 171 -16.96 -9.69 -27.06
N ASP J 172 -17.77 -10.71 -27.34
CA ASP J 172 -17.28 -11.96 -27.92
C ASP J 172 -17.01 -11.83 -29.42
N LEU J 173 -16.38 -12.84 -29.99
CA LEU J 173 -16.10 -12.84 -31.42
C LEU J 173 -17.40 -13.18 -32.13
N SER J 174 -17.54 -12.75 -33.38
CA SER J 174 -18.76 -13.04 -34.15
C SER J 174 -18.67 -14.46 -34.70
N PRO J 175 -19.83 -15.05 -35.06
CA PRO J 175 -19.82 -16.41 -35.60
C PRO J 175 -18.92 -16.50 -36.84
N GLU J 176 -18.83 -15.40 -37.57
CA GLU J 176 -18.00 -15.37 -38.77
C GLU J 176 -16.52 -15.39 -38.40
N GLN J 177 -16.15 -14.63 -37.38
CA GLN J 177 -14.76 -14.60 -36.94
C GLN J 177 -14.37 -15.98 -36.43
N LEU J 178 -15.27 -16.61 -35.69
CA LEU J 178 -15.02 -17.94 -35.15
C LEU J 178 -14.79 -18.92 -36.28
N THR J 179 -15.57 -18.78 -37.34
CA THR J 179 -15.44 -19.65 -38.50
C THR J 179 -14.09 -19.46 -39.18
N ALA J 180 -13.66 -18.20 -39.25
CA ALA J 180 -12.40 -17.88 -39.88
C ALA J 180 -11.19 -18.49 -39.16
N ILE J 181 -11.28 -18.65 -37.85
CA ILE J 181 -10.16 -19.22 -37.09
C ILE J 181 -10.36 -20.65 -36.62
N ALA J 182 -11.54 -21.21 -36.86
CA ALA J 182 -11.85 -22.57 -36.43
C ALA J 182 -10.75 -23.62 -36.62
N PRO J 183 -10.16 -23.69 -37.82
CA PRO J 183 -9.09 -24.65 -38.13
C PRO J 183 -7.88 -24.59 -37.22
N LEU J 184 -7.63 -23.42 -36.63
CA LEU J 184 -6.48 -23.23 -35.76
C LEU J 184 -6.76 -23.54 -34.29
N LEU J 185 -8.03 -23.69 -33.96
CA LEU J 185 -8.42 -23.91 -32.57
C LEU J 185 -8.67 -25.34 -32.14
N LEU J 186 -8.51 -25.55 -30.84
CA LEU J 186 -8.77 -26.84 -30.23
C LEU J 186 -10.26 -26.70 -29.90
N SER J 187 -11.04 -27.75 -30.13
CA SER J 187 -12.46 -27.66 -29.86
C SER J 187 -12.77 -27.61 -28.37
N GLU J 188 -11.95 -28.27 -27.57
CA GLU J 188 -12.16 -28.28 -26.13
C GLU J 188 -10.84 -28.46 -25.41
N LEU J 189 -10.84 -28.12 -24.12
CA LEU J 189 -9.65 -28.29 -23.32
C LEU J 189 -9.43 -29.78 -23.15
N PRO J 190 -8.23 -30.27 -23.51
CA PRO J 190 -8.01 -31.71 -23.36
C PRO J 190 -7.95 -32.11 -21.88
N THR J 191 -8.20 -33.38 -21.61
CA THR J 191 -8.15 -33.88 -20.23
C THR J 191 -6.68 -34.10 -19.92
N LEU J 192 -6.36 -34.32 -18.63
CA LEU J 192 -4.98 -34.55 -18.23
C LEU J 192 -4.42 -35.78 -18.97
N LYS J 193 -5.21 -36.83 -19.06
CA LYS J 193 -4.79 -38.05 -19.72
C LYS J 193 -4.45 -37.79 -21.19
N GLN J 194 -5.27 -36.98 -21.85
CA GLN J 194 -5.06 -36.65 -23.25
C GLN J 194 -3.78 -35.83 -23.43
N LEU J 195 -3.34 -35.17 -22.36
CA LEU J 195 -2.12 -34.38 -22.40
C LEU J 195 -0.94 -35.32 -22.16
N GLY J 196 -1.24 -36.55 -21.75
CA GLY J 196 -0.22 -37.54 -21.50
C GLY J 196 0.23 -37.64 -20.06
N PHE J 197 -0.65 -37.33 -19.12
CA PHE J 197 -0.32 -37.36 -17.70
C PHE J 197 -1.44 -37.93 -16.85
N ASP J 198 -1.09 -38.27 -15.61
CA ASP J 198 -2.06 -38.79 -14.65
C ASP J 198 -1.60 -38.27 -13.29
N TRP J 199 -2.57 -37.89 -12.45
CA TRP J 199 -2.24 -37.38 -11.13
C TRP J 199 -3.44 -37.49 -10.21
N ASP J 200 -3.21 -37.95 -8.98
CA ASP J 200 -4.30 -38.07 -8.02
C ASP J 200 -3.72 -37.84 -6.64
N GLY J 201 -2.59 -37.14 -6.60
CA GLY J 201 -1.94 -36.86 -5.33
C GLY J 201 -2.43 -35.61 -4.63
N GLY J 202 -3.39 -34.90 -5.23
CA GLY J 202 -3.90 -33.69 -4.61
C GLY J 202 -3.03 -32.45 -4.84
N PHE J 203 -3.37 -31.36 -4.17
CA PHE J 203 -2.66 -30.09 -4.32
C PHE J 203 -2.57 -29.33 -3.00
N PRO J 204 -1.62 -28.38 -2.88
CA PRO J 204 -1.49 -27.59 -1.65
C PRO J 204 -2.63 -26.58 -1.56
N VAL J 205 -3.20 -26.27 -2.72
CA VAL J 205 -4.35 -25.38 -2.84
C VAL J 205 -5.03 -25.86 -4.12
N GLU J 206 -6.36 -25.89 -4.14
CA GLU J 206 -7.06 -26.36 -5.33
C GLU J 206 -6.76 -25.42 -6.50
N PRO J 207 -6.71 -25.96 -7.72
CA PRO J 207 -6.43 -25.15 -8.90
C PRO J 207 -7.44 -24.04 -9.12
N GLY J 208 -6.99 -22.98 -9.79
CA GLY J 208 -7.89 -21.91 -10.11
C GLY J 208 -7.80 -20.64 -9.31
N GLU J 209 -8.20 -19.57 -9.97
CA GLU J 209 -8.20 -18.23 -9.41
C GLU J 209 -9.07 -18.12 -8.16
N THR J 210 -10.25 -18.71 -8.20
CA THR J 210 -11.16 -18.63 -7.06
C THR J 210 -10.58 -19.25 -5.78
N ALA J 211 -10.07 -20.46 -5.88
CA ALA J 211 -9.48 -21.12 -4.72
C ALA J 211 -8.21 -20.40 -4.23
N ALA J 212 -7.46 -19.80 -5.14
CA ALA J 212 -6.25 -19.07 -4.77
C ALA J 212 -6.61 -17.84 -3.94
N ILE J 213 -7.61 -17.11 -4.41
CA ILE J 213 -8.04 -15.91 -3.68
C ILE J 213 -8.56 -16.31 -2.31
N ALA J 214 -9.33 -17.40 -2.28
CA ALA J 214 -9.89 -17.90 -1.02
C ALA J 214 -8.76 -18.23 -0.04
N ARG J 215 -7.75 -18.94 -0.50
CA ARG J 215 -6.62 -19.29 0.34
C ARG J 215 -5.89 -18.05 0.84
N LEU J 216 -5.66 -17.11 -0.06
CA LEU J 216 -4.95 -15.89 0.31
C LEU J 216 -5.66 -15.17 1.46
N GLN J 217 -6.95 -14.95 1.30
CA GLN J 217 -7.72 -14.25 2.32
C GLN J 217 -7.80 -15.02 3.64
N GLU J 218 -7.90 -16.35 3.58
CA GLU J 218 -7.97 -17.16 4.79
C GLU J 218 -6.64 -17.11 5.52
N PHE J 219 -5.55 -17.22 4.77
CA PHE J 219 -4.22 -17.18 5.35
C PHE J 219 -3.94 -15.83 6.01
N CYS J 220 -4.22 -14.76 5.29
CA CYS J 220 -3.97 -13.43 5.79
C CYS J 220 -4.89 -13.00 6.92
N ASP J 221 -5.95 -13.77 7.16
CA ASP J 221 -6.90 -13.45 8.22
C ASP J 221 -6.58 -14.18 9.52
N ARG J 222 -5.68 -15.15 9.46
CA ARG J 222 -5.33 -15.90 10.66
C ARG J 222 -3.88 -16.40 10.73
N ALA J 223 -3.61 -17.53 10.10
CA ALA J 223 -2.29 -18.16 10.12
C ALA J 223 -1.08 -17.26 9.85
N ILE J 224 -1.23 -16.26 9.01
CA ILE J 224 -0.09 -15.39 8.72
C ILE J 224 0.46 -14.75 9.99
N ALA J 225 -0.41 -14.54 10.98
CA ALA J 225 0.02 -13.93 12.24
C ALA J 225 1.04 -14.79 12.98
N ASP J 226 1.03 -16.09 12.71
CA ASP J 226 1.95 -17.01 13.36
C ASP J 226 3.06 -17.52 12.45
N TYR J 227 3.12 -16.98 11.23
CA TYR J 227 4.12 -17.41 10.25
C TYR J 227 5.50 -17.56 10.88
N ASP J 228 5.89 -16.58 11.68
CA ASP J 228 7.17 -16.68 12.36
C ASP J 228 6.80 -17.01 13.80
N PRO J 229 7.26 -18.16 14.33
CA PRO J 229 8.09 -19.18 13.71
C PRO J 229 7.40 -20.44 13.15
N GLN J 230 6.08 -20.45 13.05
CA GLN J 230 5.40 -21.65 12.56
C GLN J 230 5.86 -22.10 11.17
N ARG J 231 6.44 -21.19 10.41
CA ARG J 231 6.92 -21.50 9.06
C ARG J 231 8.04 -22.53 9.05
N ASN J 232 8.74 -22.65 10.17
CA ASN J 232 9.87 -23.58 10.27
C ASN J 232 9.55 -25.05 10.52
N PHE J 233 8.31 -25.36 10.91
CA PHE J 233 7.94 -26.73 11.25
C PHE J 233 7.11 -27.48 10.20
N PRO J 234 7.74 -28.43 9.48
CA PRO J 234 7.05 -29.20 8.45
C PRO J 234 5.82 -29.97 8.89
N ALA J 235 5.74 -30.32 10.18
CA ALA J 235 4.57 -31.04 10.67
C ALA J 235 3.36 -30.10 10.74
N GLU J 236 3.63 -28.80 10.84
CA GLU J 236 2.57 -27.81 10.94
C GLU J 236 2.18 -27.22 9.59
N ALA J 237 0.92 -26.84 9.45
CA ALA J 237 0.43 -26.22 8.22
C ALA J 237 0.59 -24.73 8.49
N GLY J 238 1.84 -24.30 8.64
CA GLY J 238 2.10 -22.91 8.95
C GLY J 238 2.35 -21.99 7.77
N THR J 239 2.45 -22.54 6.56
CA THR J 239 2.69 -21.68 5.39
C THR J 239 1.42 -21.52 4.58
N SER J 240 1.47 -20.66 3.56
CA SER J 240 0.29 -20.38 2.75
C SER J 240 -0.17 -21.47 1.80
N GLY J 241 0.77 -22.23 1.25
CA GLY J 241 0.39 -23.26 0.28
C GLY J 241 0.03 -22.65 -1.06
N LEU J 242 0.35 -21.36 -1.24
CA LEU J 242 0.04 -20.65 -2.48
C LEU J 242 1.08 -20.78 -3.60
N SER J 243 2.16 -21.52 -3.37
CA SER J 243 3.20 -21.59 -4.40
C SER J 243 2.78 -21.89 -5.84
N PRO J 244 1.91 -22.89 -6.07
CA PRO J 244 1.55 -23.10 -7.48
C PRO J 244 0.69 -21.98 -8.03
N ALA J 245 -0.09 -21.35 -7.15
CA ALA J 245 -0.95 -20.25 -7.57
C ALA J 245 -0.09 -19.05 -7.98
N LEU J 246 1.02 -18.84 -7.28
CA LEU J 246 1.91 -17.73 -7.63
C LEU J 246 2.72 -18.08 -8.87
N LYS J 247 3.07 -19.36 -9.02
CA LYS J 247 3.85 -19.78 -10.19
C LYS J 247 3.04 -19.58 -11.48
N PHE J 248 1.78 -20.02 -11.46
CA PHE J 248 0.90 -19.93 -12.63
C PHE J 248 0.04 -18.67 -12.65
N GLY J 249 0.21 -17.82 -11.66
CA GLY J 249 -0.55 -16.59 -11.63
C GLY J 249 -2.05 -16.77 -11.45
N ALA J 250 -2.45 -17.75 -10.64
CA ALA J 250 -3.87 -17.94 -10.37
C ALA J 250 -4.26 -16.77 -9.45
N ILE J 251 -3.24 -16.16 -8.83
CA ILE J 251 -3.44 -15.01 -7.95
C ILE J 251 -2.44 -13.92 -8.35
N GLY J 252 -2.89 -12.67 -8.36
CA GLY J 252 -2.03 -11.54 -8.71
C GLY J 252 -1.11 -11.16 -7.56
N ILE J 253 0.13 -10.80 -7.88
CA ILE J 253 1.10 -10.46 -6.84
C ILE J 253 0.76 -9.17 -6.09
N ARG J 254 0.06 -8.25 -6.75
CA ARG J 254 -0.32 -7.02 -6.08
C ARG J 254 -1.45 -7.32 -5.08
N GLN J 255 -2.35 -8.24 -5.45
CA GLN J 255 -3.42 -8.59 -4.53
C GLN J 255 -2.82 -9.34 -3.34
N ALA J 256 -1.84 -10.20 -3.61
CA ALA J 256 -1.20 -10.94 -2.53
C ALA J 256 -0.53 -9.98 -1.55
N TRP J 257 0.18 -9.00 -2.10
CA TRP J 257 0.87 -8.02 -1.27
C TRP J 257 -0.15 -7.19 -0.49
N GLN J 258 -1.22 -6.78 -1.16
CA GLN J 258 -2.25 -5.97 -0.53
C GLN J 258 -2.88 -6.69 0.65
N ALA J 259 -3.13 -7.99 0.50
CA ALA J 259 -3.73 -8.77 1.56
C ALA J 259 -2.81 -8.87 2.78
N ALA J 260 -1.52 -9.05 2.53
CA ALA J 260 -0.56 -9.13 3.62
C ALA J 260 -0.46 -7.77 4.29
N SER J 261 -0.43 -6.72 3.48
CA SER J 261 -0.35 -5.36 4.01
C SER J 261 -1.58 -5.07 4.86
N ALA J 262 -2.73 -5.56 4.41
CA ALA J 262 -3.98 -5.34 5.12
C ALA J 262 -3.93 -6.00 6.49
N ALA J 263 -3.38 -7.21 6.56
CA ALA J 263 -3.28 -7.91 7.83
C ALA J 263 -2.35 -7.14 8.77
N HIS J 264 -1.26 -6.61 8.22
CA HIS J 264 -0.31 -5.87 9.03
C HIS J 264 -0.98 -4.63 9.61
N ALA J 265 -1.78 -3.95 8.80
CA ALA J 265 -2.47 -2.74 9.24
C ALA J 265 -3.51 -3.01 10.34
N LEU J 266 -4.11 -4.19 10.31
CA LEU J 266 -5.11 -4.54 11.30
C LEU J 266 -4.55 -5.41 12.42
N SER J 267 -3.23 -5.61 12.41
CA SER J 267 -2.58 -6.42 13.43
C SER J 267 -2.63 -5.71 14.78
N ARG J 268 -2.60 -6.49 15.85
CA ARG J 268 -2.65 -5.93 17.19
C ARG J 268 -1.46 -6.33 18.07
N SER J 269 -0.40 -6.84 17.47
CA SER J 269 0.77 -7.24 18.25
C SER J 269 2.03 -7.20 17.40
N ASP J 270 3.16 -6.96 18.06
CA ASP J 270 4.45 -6.91 17.38
C ASP J 270 4.79 -8.27 16.80
N GLU J 271 4.37 -9.33 17.48
CA GLU J 271 4.65 -10.69 17.01
C GLU J 271 3.92 -10.92 15.69
N ALA J 272 2.65 -10.54 15.66
CA ALA J 272 1.85 -10.69 14.46
C ALA J 272 2.47 -9.85 13.35
N ARG J 273 2.82 -8.61 13.66
CA ARG J 273 3.42 -7.73 12.67
C ARG J 273 4.74 -8.31 12.16
N ASN J 274 5.52 -8.88 13.06
CA ASN J 274 6.77 -9.47 12.64
C ASN J 274 6.52 -10.62 11.68
N SER J 275 5.59 -11.50 12.04
CA SER J 275 5.25 -12.65 11.19
C SER J 275 4.85 -12.21 9.79
N ILE J 276 3.97 -11.21 9.71
CA ILE J 276 3.51 -10.72 8.41
C ILE J 276 4.66 -10.15 7.59
N ARG J 277 5.56 -9.45 8.27
CA ARG J 277 6.71 -8.86 7.60
C ARG J 277 7.61 -9.96 7.06
N VAL J 278 7.70 -11.07 7.80
CA VAL J 278 8.54 -12.19 7.38
C VAL J 278 7.94 -12.85 6.14
N TRP J 279 6.62 -12.93 6.08
CA TRP J 279 5.98 -13.53 4.91
C TRP J 279 6.25 -12.63 3.70
N GLN J 280 6.17 -11.31 3.92
CA GLN J 280 6.42 -10.38 2.82
C GLN J 280 7.85 -10.54 2.32
N GLN J 281 8.79 -10.84 3.21
CA GLN J 281 10.16 -11.03 2.78
C GLN J 281 10.26 -12.26 1.89
N GLU J 282 9.35 -13.22 2.08
CA GLU J 282 9.38 -14.43 1.25
C GLU J 282 8.97 -14.05 -0.16
N LEU J 283 8.04 -13.11 -0.27
CA LEU J 283 7.61 -12.67 -1.59
C LEU J 283 8.78 -11.93 -2.24
N ALA J 284 9.62 -11.29 -1.42
CA ALA J 284 10.78 -10.58 -1.94
C ALA J 284 11.83 -11.59 -2.42
N TRP J 285 11.92 -12.72 -1.73
CA TRP J 285 12.87 -13.76 -2.15
C TRP J 285 12.45 -14.27 -3.52
N ARG J 286 11.14 -14.38 -3.72
CA ARG J 286 10.62 -14.83 -5.01
C ARG J 286 11.12 -13.86 -6.10
N GLU J 287 11.02 -12.57 -5.83
CA GLU J 287 11.45 -11.59 -6.82
C GLU J 287 12.96 -11.58 -6.98
N PHE J 288 13.69 -11.82 -5.89
CA PHE J 288 15.14 -11.84 -5.95
C PHE J 288 15.60 -12.90 -6.94
N TYR J 289 15.04 -14.10 -6.82
CA TYR J 289 15.41 -15.17 -7.73
C TYR J 289 14.93 -14.96 -9.16
N GLN J 290 13.73 -14.39 -9.34
CA GLN J 290 13.24 -14.15 -10.69
C GLN J 290 14.09 -13.08 -11.34
N HIS J 291 14.44 -12.03 -10.58
CA HIS J 291 15.30 -10.97 -11.11
C HIS J 291 16.66 -11.54 -11.48
N ALA J 292 17.19 -12.41 -10.62
CA ALA J 292 18.50 -12.98 -10.88
C ALA J 292 18.53 -13.74 -12.20
N LEU J 293 17.51 -14.57 -12.44
CA LEU J 293 17.45 -15.35 -13.67
C LEU J 293 17.29 -14.42 -14.87
N TYR J 294 16.51 -13.36 -14.69
CA TYR J 294 16.32 -12.37 -15.75
C TYR J 294 17.66 -11.74 -16.12
N HIS J 295 18.37 -11.25 -15.11
CA HIS J 295 19.66 -10.61 -15.36
C HIS J 295 20.75 -11.59 -15.76
N PHE J 296 20.70 -12.80 -15.21
CA PHE J 296 21.75 -13.79 -15.49
C PHE J 296 21.15 -15.11 -15.96
N PRO J 297 20.70 -15.14 -17.21
CA PRO J 297 20.11 -16.37 -17.75
C PRO J 297 20.98 -17.61 -17.66
N SER J 298 22.31 -17.44 -17.62
CA SER J 298 23.20 -18.60 -17.55
C SER J 298 23.02 -19.39 -16.26
N LEU J 299 22.39 -18.77 -15.25
CA LEU J 299 22.16 -19.47 -13.99
C LEU J 299 21.40 -20.77 -14.22
N ALA J 300 20.52 -20.77 -15.21
CA ALA J 300 19.72 -21.95 -15.54
C ALA J 300 20.57 -23.13 -16.04
N ASP J 301 21.75 -22.84 -16.56
CA ASP J 301 22.63 -23.87 -17.10
C ASP J 301 23.49 -24.52 -16.05
N GLY J 302 23.57 -23.90 -14.88
CA GLY J 302 24.38 -24.46 -13.82
C GLY J 302 25.21 -23.43 -13.07
N PRO J 303 26.23 -23.89 -12.33
CA PRO J 303 27.17 -23.11 -11.52
C PRO J 303 27.72 -21.86 -12.18
N TYR J 304 27.47 -20.72 -11.53
CA TYR J 304 27.94 -19.45 -12.05
C TYR J 304 29.44 -19.31 -11.77
N ARG J 305 29.85 -19.63 -10.55
CA ARG J 305 31.25 -19.53 -10.15
C ARG J 305 32.10 -20.65 -10.74
N SER J 306 33.28 -20.28 -11.22
CA SER J 306 34.19 -21.24 -11.83
C SER J 306 34.54 -22.39 -10.89
N LEU J 307 34.69 -22.09 -9.59
CA LEU J 307 35.02 -23.12 -8.63
C LEU J 307 34.01 -24.26 -8.69
N TRP J 308 32.72 -23.91 -8.59
CA TRP J 308 31.68 -24.93 -8.62
C TRP J 308 31.47 -25.55 -9.99
N GLN J 309 32.00 -24.90 -11.02
CA GLN J 309 31.88 -25.44 -12.37
C GLN J 309 32.85 -26.59 -12.51
N GLN J 310 33.82 -26.65 -11.61
CA GLN J 310 34.84 -27.71 -11.64
C GLN J 310 34.72 -28.69 -10.49
N PHE J 311 33.82 -28.44 -9.54
CA PHE J 311 33.69 -29.34 -8.40
C PHE J 311 33.59 -30.79 -8.85
N PRO J 312 34.42 -31.67 -8.27
CA PRO J 312 34.44 -33.10 -8.60
C PRO J 312 33.34 -33.91 -7.93
N TRP J 313 32.11 -33.78 -8.45
CA TRP J 313 30.98 -34.52 -7.88
C TRP J 313 31.22 -36.02 -8.01
N GLU J 314 30.92 -36.76 -6.94
CA GLU J 314 31.10 -38.22 -6.94
C GLU J 314 30.12 -38.87 -7.90
N ASN J 315 28.87 -38.41 -7.84
CA ASN J 315 27.82 -38.92 -8.71
C ASN J 315 27.59 -40.42 -8.72
N ARG J 316 27.54 -41.04 -7.53
CA ARG J 316 27.28 -42.47 -7.46
C ARG J 316 25.79 -42.66 -7.74
N GLU J 317 25.49 -43.24 -8.90
CA GLU J 317 24.10 -43.44 -9.30
C GLU J 317 23.25 -44.15 -8.24
N ALA J 318 23.84 -45.11 -7.54
CA ALA J 318 23.10 -45.85 -6.51
C ALA J 318 22.64 -44.93 -5.40
N LEU J 319 23.45 -43.95 -5.04
CA LEU J 319 23.08 -43.00 -4.00
C LEU J 319 21.97 -42.09 -4.47
N PHE J 320 22.03 -41.65 -5.73
CA PHE J 320 20.99 -40.78 -6.26
C PHE J 320 19.65 -41.52 -6.27
N THR J 321 19.68 -42.77 -6.77
CA THR J 321 18.48 -43.57 -6.81
C THR J 321 17.85 -43.68 -5.43
N ALA J 322 18.68 -43.97 -4.44
CA ALA J 322 18.20 -44.11 -3.06
C ALA J 322 17.51 -42.84 -2.60
N TRP J 323 18.10 -41.70 -2.96
CA TRP J 323 17.55 -40.41 -2.58
C TRP J 323 16.15 -40.22 -3.21
N THR J 324 16.06 -40.45 -4.52
CA THR J 324 14.78 -40.28 -5.22
C THR J 324 13.71 -41.25 -4.75
N GLN J 325 14.12 -42.39 -4.22
CA GLN J 325 13.15 -43.38 -3.77
C GLN J 325 12.91 -43.35 -2.27
N ALA J 326 13.43 -42.31 -1.59
CA ALA J 326 13.26 -42.18 -0.15
C ALA J 326 13.78 -43.42 0.59
N GLN J 327 14.96 -43.89 0.17
CA GLN J 327 15.57 -45.07 0.78
C GLN J 327 16.98 -44.72 1.27
N THR J 328 17.13 -43.52 1.83
CA THR J 328 18.44 -43.07 2.31
C THR J 328 18.79 -43.58 3.70
N GLY J 329 17.78 -43.97 4.48
CA GLY J 329 18.05 -44.42 5.83
C GLY J 329 18.05 -43.26 6.81
N TYR J 330 17.80 -42.07 6.29
CA TYR J 330 17.72 -40.86 7.12
C TYR J 330 16.24 -40.50 7.13
N PRO J 331 15.53 -40.84 8.22
CA PRO J 331 14.10 -40.56 8.34
C PRO J 331 13.60 -39.21 7.87
N ILE J 332 14.20 -38.12 8.37
CA ILE J 332 13.73 -36.79 7.95
C ILE J 332 13.85 -36.58 6.44
N VAL J 333 14.91 -37.11 5.85
CA VAL J 333 15.11 -36.99 4.41
C VAL J 333 14.11 -37.85 3.66
N ASP J 334 13.96 -39.10 4.09
CA ASP J 334 13.04 -39.99 3.40
C ASP J 334 11.59 -39.54 3.52
N ALA J 335 11.21 -39.00 4.66
CA ALA J 335 9.85 -38.52 4.87
C ALA J 335 9.58 -37.40 3.87
N ALA J 336 10.55 -36.49 3.73
CA ALA J 336 10.43 -35.37 2.82
C ALA J 336 10.32 -35.82 1.36
N MET J 337 11.13 -36.80 0.97
CA MET J 337 11.07 -37.28 -0.41
C MET J 337 9.75 -37.99 -0.69
N ARG J 338 9.16 -38.59 0.34
CA ARG J 338 7.87 -39.26 0.18
C ARG J 338 6.78 -38.20 0.02
N GLN J 339 6.86 -37.11 0.79
CA GLN J 339 5.85 -36.06 0.67
C GLN J 339 5.89 -35.50 -0.75
N LEU J 340 7.10 -35.33 -1.28
CA LEU J 340 7.26 -34.79 -2.62
C LEU J 340 6.66 -35.64 -3.73
N THR J 341 7.06 -36.90 -3.80
CA THR J 341 6.55 -37.76 -4.87
C THR J 341 5.08 -38.12 -4.72
N GLU J 342 4.58 -38.16 -3.48
CA GLU J 342 3.19 -38.50 -3.26
C GLU J 342 2.23 -37.33 -3.35
N THR J 343 2.70 -36.12 -3.03
CA THR J 343 1.80 -34.97 -3.07
C THR J 343 2.23 -33.81 -3.96
N GLY J 344 3.38 -33.94 -4.62
CA GLY J 344 3.85 -32.88 -5.50
C GLY J 344 4.26 -31.60 -4.80
N TRP J 345 4.47 -31.67 -3.50
CA TRP J 345 4.85 -30.47 -2.76
C TRP J 345 5.69 -30.88 -1.56
N MET J 346 6.58 -29.98 -1.14
CA MET J 346 7.45 -30.24 0.00
C MET J 346 7.61 -28.96 0.81
N HIS J 347 7.58 -29.08 2.13
CA HIS J 347 7.76 -27.93 3.00
C HIS J 347 9.15 -27.35 2.73
N ASN J 348 9.28 -26.03 2.77
CA ASN J 348 10.56 -25.38 2.50
C ASN J 348 11.71 -25.86 3.38
N ARG J 349 11.44 -26.09 4.67
CA ARG J 349 12.50 -26.54 5.56
C ARG J 349 13.03 -27.88 5.05
N CYS J 350 12.13 -28.70 4.55
CA CYS J 350 12.54 -30.01 4.02
C CYS J 350 13.23 -29.88 2.66
N ARG J 351 12.85 -28.92 1.84
CA ARG J 351 13.54 -28.75 0.56
C ARG J 351 15.00 -28.42 0.85
N MET J 352 15.25 -27.62 1.87
CA MET J 352 16.63 -27.28 2.20
C MET J 352 17.35 -28.52 2.71
N ILE J 353 16.70 -29.25 3.60
CA ILE J 353 17.30 -30.45 4.15
C ILE J 353 17.67 -31.49 3.09
N VAL J 354 16.74 -31.83 2.21
CA VAL J 354 17.05 -32.85 1.22
C VAL J 354 18.03 -32.36 0.16
N ALA J 355 18.05 -31.06 -0.08
CA ALA J 355 18.96 -30.49 -1.08
C ALA J 355 20.39 -30.54 -0.52
N SER J 356 20.53 -30.18 0.75
CA SER J 356 21.84 -30.22 1.40
C SER J 356 22.31 -31.66 1.47
N PHE J 357 21.38 -32.57 1.73
CA PHE J 357 21.75 -33.98 1.83
C PHE J 357 22.26 -34.50 0.50
N LEU J 358 21.57 -34.19 -0.58
CA LEU J 358 22.01 -34.67 -1.89
C LEU J 358 23.39 -34.14 -2.30
N THR J 359 23.60 -32.85 -2.10
CA THR J 359 24.85 -32.24 -2.50
C THR J 359 26.03 -32.46 -1.56
N LYS J 360 25.80 -32.35 -0.26
CA LYS J 360 26.86 -32.51 0.72
C LYS J 360 27.10 -33.94 1.20
N ASP J 361 26.03 -34.66 1.52
CA ASP J 361 26.17 -36.04 2.01
C ASP J 361 26.40 -37.05 0.89
N LEU J 362 25.59 -36.96 -0.17
CA LEU J 362 25.73 -37.91 -1.27
C LEU J 362 26.74 -37.44 -2.31
N ILE J 363 27.07 -36.15 -2.24
CA ILE J 363 28.03 -35.53 -3.15
C ILE J 363 27.66 -35.79 -4.60
N ILE J 364 26.42 -35.44 -4.93
CA ILE J 364 25.89 -35.60 -6.26
C ILE J 364 25.60 -34.22 -6.82
N ASP J 365 25.96 -34.01 -8.08
CA ASP J 365 25.73 -32.74 -8.78
C ASP J 365 24.32 -32.24 -8.44
N TRP J 366 24.19 -31.02 -7.93
CA TRP J 366 22.87 -30.52 -7.57
C TRP J 366 21.91 -30.43 -8.75
N ARG J 367 22.44 -30.38 -9.97
CA ARG J 367 21.56 -30.32 -11.13
C ARG J 367 20.67 -31.57 -11.25
N ARG J 368 21.12 -32.68 -10.69
CA ARG J 368 20.34 -33.91 -10.72
C ARG J 368 19.14 -33.74 -9.78
N GLY J 369 19.39 -33.07 -8.65
CA GLY J 369 18.32 -32.84 -7.70
C GLY J 369 17.36 -31.80 -8.24
N GLU J 370 17.91 -30.78 -8.90
CA GLU J 370 17.09 -29.72 -9.48
C GLU J 370 16.11 -30.33 -10.46
N GLN J 371 16.60 -31.23 -11.31
CA GLN J 371 15.75 -31.88 -12.29
C GLN J 371 14.68 -32.74 -11.64
N PHE J 372 15.07 -33.52 -10.64
CA PHE J 372 14.10 -34.39 -9.98
C PHE J 372 13.00 -33.56 -9.36
N PHE J 373 13.36 -32.44 -8.76
CA PHE J 373 12.36 -31.56 -8.16
C PHE J 373 11.38 -31.08 -9.22
N MET J 374 11.88 -30.67 -10.38
CA MET J 374 10.99 -30.19 -11.44
C MET J 374 10.08 -31.30 -11.96
N GLN J 375 10.52 -32.55 -11.83
CA GLN J 375 9.74 -33.68 -12.28
C GLN J 375 8.61 -34.07 -11.35
N HIS J 376 8.54 -33.44 -10.18
CA HIS J 376 7.50 -33.74 -9.21
C HIS J 376 6.77 -32.56 -8.58
N LEU J 377 7.43 -31.42 -8.51
CA LEU J 377 6.85 -30.23 -7.88
C LEU J 377 5.69 -29.55 -8.61
N VAL J 378 4.56 -29.41 -7.91
CA VAL J 378 3.39 -28.73 -8.46
C VAL J 378 3.74 -27.25 -8.64
N ASP J 379 4.70 -26.76 -7.87
CA ASP J 379 5.11 -25.36 -7.97
C ASP J 379 6.48 -25.21 -8.64
N GLY J 380 6.95 -26.29 -9.26
CA GLY J 380 8.25 -26.27 -9.92
C GLY J 380 8.41 -25.02 -10.76
N ASP J 381 9.39 -24.19 -10.41
CA ASP J 381 9.63 -22.92 -11.10
C ASP J 381 11.12 -22.76 -11.32
N LEU J 382 11.53 -22.64 -12.58
CA LEU J 382 12.95 -22.51 -12.89
C LEU J 382 13.72 -21.53 -12.01
N ALA J 383 13.23 -20.31 -11.87
CA ALA J 383 13.92 -19.31 -11.08
C ALA J 383 14.08 -19.69 -9.61
N ALA J 384 12.97 -20.03 -8.97
CA ALA J 384 13.00 -20.37 -7.55
C ALA J 384 13.69 -21.70 -7.28
N ASN J 385 13.47 -22.68 -8.15
CA ASN J 385 14.05 -24.00 -7.96
C ASN J 385 15.56 -23.94 -8.19
N ASN J 386 15.97 -23.26 -9.25
CA ASN J 386 17.41 -23.15 -9.52
C ASN J 386 18.05 -22.35 -8.38
N GLY J 387 17.36 -21.29 -7.95
CA GLY J 387 17.87 -20.48 -6.86
C GLY J 387 18.07 -21.30 -5.59
N GLY J 388 17.05 -22.08 -5.24
CA GLY J 388 17.13 -22.91 -4.05
C GLY J 388 18.24 -23.96 -4.13
N TRP J 389 18.39 -24.60 -5.28
CA TRP J 389 19.44 -25.60 -5.42
C TRP J 389 20.84 -25.00 -5.43
N GLN J 390 21.00 -23.81 -6.01
CA GLN J 390 22.31 -23.20 -6.03
C GLN J 390 22.66 -22.75 -4.61
N TRP J 391 21.65 -22.31 -3.88
CA TRP J 391 21.88 -21.87 -2.50
C TRP J 391 22.37 -23.05 -1.67
N SER J 392 21.69 -24.18 -1.82
CA SER J 392 22.07 -25.37 -1.06
C SER J 392 23.47 -25.86 -1.42
N ALA J 393 23.91 -25.54 -2.62
CA ALA J 393 25.24 -25.96 -3.05
C ALA J 393 26.18 -24.77 -2.89
N SER J 394 25.61 -23.64 -2.50
CA SER J 394 26.35 -22.39 -2.31
C SER J 394 27.19 -22.01 -3.53
N SER J 395 26.58 -22.05 -4.71
CA SER J 395 27.29 -21.72 -5.94
C SER J 395 26.94 -20.39 -6.59
N GLY J 396 27.15 -19.29 -5.86
CA GLY J 396 26.87 -17.97 -6.41
C GLY J 396 28.07 -17.48 -7.19
N MET J 397 28.18 -16.17 -7.41
CA MET J 397 29.33 -15.65 -8.16
C MET J 397 30.48 -15.26 -7.23
N ASP J 398 30.34 -15.60 -5.96
CA ASP J 398 31.38 -15.33 -4.96
C ASP J 398 31.36 -16.46 -3.93
N PRO J 399 32.51 -16.73 -3.29
CA PRO J 399 32.60 -17.79 -2.29
C PRO J 399 31.56 -17.61 -1.18
N LYS J 400 30.74 -18.63 -0.96
CA LYS J 400 29.73 -18.57 0.09
C LYS J 400 29.94 -19.68 1.12
N PRO J 401 29.45 -19.47 2.34
CA PRO J 401 29.58 -20.43 3.44
C PRO J 401 29.22 -21.86 3.06
N LEU J 402 30.05 -22.80 3.49
CA LEU J 402 29.79 -24.20 3.23
C LEU J 402 28.63 -24.55 4.16
N ARG J 403 27.42 -24.55 3.60
CA ARG J 403 26.22 -24.84 4.37
C ARG J 403 25.90 -26.32 4.46
N ILE J 404 26.61 -27.03 5.33
CA ILE J 404 26.33 -28.46 5.48
C ILE J 404 25.38 -28.72 6.65
N PHE J 405 24.10 -28.86 6.32
CA PHE J 405 23.07 -29.13 7.32
C PHE J 405 23.31 -30.50 7.94
N ASN J 406 22.96 -30.64 9.21
CA ASN J 406 23.08 -31.90 9.91
C ASN J 406 21.64 -32.41 10.03
N PRO J 407 21.29 -33.47 9.29
CA PRO J 407 19.93 -34.02 9.34
C PRO J 407 19.37 -34.21 10.75
N ALA J 408 20.18 -34.83 11.61
CA ALA J 408 19.73 -35.06 12.98
C ALA J 408 19.44 -33.75 13.71
N SER J 409 20.30 -32.75 13.50
CA SER J 409 20.10 -31.46 14.16
C SER J 409 18.83 -30.78 13.65
N GLN J 410 18.62 -30.86 12.34
CA GLN J 410 17.46 -30.24 11.72
C GLN J 410 16.19 -30.90 12.25
N ALA J 411 16.18 -32.22 12.28
CA ALA J 411 15.02 -32.97 12.76
C ALA J 411 14.71 -32.63 14.21
N LYS J 412 15.74 -32.58 15.04
CA LYS J 412 15.54 -32.27 16.45
C LYS J 412 14.98 -30.87 16.63
N LYS J 413 15.46 -29.94 15.81
CA LYS J 413 15.01 -28.55 15.88
C LYS J 413 13.63 -28.28 15.32
N PHE J 414 13.36 -28.85 14.14
CA PHE J 414 12.11 -28.57 13.46
C PHE J 414 11.06 -29.67 13.42
N ASP J 415 11.36 -30.83 13.99
CA ASP J 415 10.39 -31.93 14.04
C ASP J 415 10.73 -32.74 15.29
N ALA J 416 10.81 -32.00 16.41
CA ALA J 416 11.16 -32.53 17.73
C ALA J 416 10.43 -33.78 18.19
N THR J 417 9.19 -33.96 17.76
CA THR J 417 8.42 -35.13 18.18
C THR J 417 8.26 -36.15 17.05
N ALA J 418 9.02 -35.94 15.98
CA ALA J 418 8.99 -36.80 14.80
C ALA J 418 7.59 -36.95 14.21
N THR J 419 6.74 -35.97 14.44
CA THR J 419 5.38 -35.97 13.93
C THR J 419 5.38 -35.98 12.40
N TYR J 420 6.18 -35.12 11.80
CA TYR J 420 6.27 -35.05 10.34
C TYR J 420 6.87 -36.36 9.80
N ILE J 421 7.91 -36.84 10.46
CA ILE J 421 8.56 -38.07 10.04
C ILE J 421 7.60 -39.25 10.06
N LYS J 422 6.83 -39.38 11.13
CA LYS J 422 5.89 -40.48 11.25
C LYS J 422 4.73 -40.36 10.26
N ARG J 423 4.35 -39.13 9.95
CA ARG J 423 3.26 -38.89 9.01
C ARG J 423 3.59 -39.45 7.63
N TRP J 424 4.82 -39.23 7.16
CA TRP J 424 5.20 -39.70 5.82
C TRP J 424 5.90 -41.05 5.76
N LEU J 425 6.30 -41.58 6.91
CA LEU J 425 6.94 -42.88 6.97
C LEU J 425 6.16 -43.72 7.98
N PRO J 426 4.88 -43.98 7.67
CA PRO J 426 4.01 -44.77 8.55
C PRO J 426 4.59 -46.10 9.03
N GLU J 427 5.51 -46.66 8.24
CA GLU J 427 6.12 -47.93 8.60
C GLU J 427 7.09 -47.83 9.78
N LEU J 428 7.40 -46.62 10.22
CA LEU J 428 8.32 -46.45 11.34
C LEU J 428 7.62 -45.85 12.56
N ARG J 429 6.30 -45.87 12.56
CA ARG J 429 5.54 -45.29 13.66
C ARG J 429 5.72 -45.98 15.01
N HIS J 430 6.29 -47.17 14.99
CA HIS J 430 6.51 -47.93 16.22
C HIS J 430 7.84 -47.51 16.83
N VAL J 431 8.66 -46.83 16.05
CA VAL J 431 9.97 -46.38 16.51
C VAL J 431 9.82 -45.13 17.37
N HIS J 432 10.63 -45.03 18.42
CA HIS J 432 10.59 -43.86 19.31
C HIS J 432 11.15 -42.64 18.58
N PRO J 433 10.49 -41.48 18.73
CA PRO J 433 10.92 -40.22 18.09
C PRO J 433 12.42 -40.01 18.23
N LYS J 434 12.88 -40.26 19.45
CA LYS J 434 14.28 -40.16 19.84
C LYS J 434 15.19 -40.73 18.76
N ASP J 435 14.89 -41.95 18.32
CA ASP J 435 15.70 -42.63 17.32
C ASP J 435 15.40 -42.19 15.88
N LEU J 436 14.18 -41.73 15.62
CA LEU J 436 13.81 -41.28 14.30
C LEU J 436 14.57 -40.00 13.98
N ILE J 437 14.75 -39.18 15.02
CA ILE J 437 15.45 -37.92 14.89
C ILE J 437 16.95 -38.14 14.77
N SER J 438 17.50 -39.03 15.58
CA SER J 438 18.94 -39.29 15.53
C SER J 438 19.30 -40.10 14.31
N GLY J 439 18.34 -40.90 13.83
CA GLY J 439 18.59 -41.72 12.65
C GLY J 439 19.19 -43.07 12.99
N GLU J 440 19.39 -43.35 14.27
CA GLU J 440 19.96 -44.62 14.70
C GLU J 440 18.85 -45.58 15.09
N ILE J 441 18.40 -46.37 14.13
CA ILE J 441 17.34 -47.33 14.38
C ILE J 441 17.93 -48.73 14.44
N THR J 442 17.52 -49.51 15.44
CA THR J 442 18.04 -50.87 15.56
C THR J 442 17.54 -51.69 14.38
N PRO J 443 18.38 -52.62 13.90
CA PRO J 443 18.07 -53.49 12.77
C PRO J 443 16.71 -54.18 12.84
N ILE J 444 16.39 -54.77 13.98
CA ILE J 444 15.11 -55.45 14.12
C ILE J 444 13.93 -54.48 14.10
N GLU J 445 14.19 -53.23 14.48
CA GLU J 445 13.15 -52.22 14.48
C GLU J 445 12.90 -51.55 13.13
N ARG J 446 13.88 -51.59 12.23
CA ARG J 446 13.66 -50.95 10.94
C ARG J 446 12.82 -51.80 9.98
N ARG J 447 12.57 -53.04 10.36
CA ARG J 447 11.75 -53.96 9.57
C ARG J 447 11.76 -53.68 8.08
N GLY J 448 12.93 -53.73 7.45
CA GLY J 448 13.01 -53.48 6.03
C GLY J 448 13.52 -52.10 5.70
N TYR J 449 13.20 -51.11 6.53
CA TYR J 449 13.67 -49.74 6.31
C TYR J 449 15.18 -49.82 6.21
N PRO J 450 15.76 -49.17 5.19
CA PRO J 450 17.21 -49.17 4.97
C PRO J 450 18.03 -48.56 6.10
N ALA J 451 19.27 -49.02 6.22
CA ALA J 451 20.19 -48.48 7.21
C ALA J 451 20.78 -47.26 6.51
N PRO J 452 21.31 -46.29 7.25
CA PRO J 452 21.88 -45.10 6.62
C PRO J 452 22.81 -45.46 5.44
N ILE J 453 22.53 -44.91 4.26
CA ILE J 453 23.35 -45.22 3.08
C ILE J 453 24.74 -44.60 3.14
N VAL J 454 24.90 -43.61 4.02
CA VAL J 454 26.19 -42.96 4.20
C VAL J 454 26.27 -42.48 5.63
N ASN J 455 27.48 -42.17 6.08
CA ASN J 455 27.67 -41.66 7.44
C ASN J 455 27.86 -40.15 7.30
N HIS J 456 26.97 -39.39 7.92
CA HIS J 456 27.02 -37.94 7.81
C HIS J 456 28.37 -37.30 8.15
N ASN J 457 28.90 -37.58 9.33
CA ASN J 457 30.18 -37.00 9.72
C ASN J 457 31.30 -37.31 8.74
N LEU J 458 31.35 -38.54 8.26
CA LEU J 458 32.39 -38.92 7.30
C LEU J 458 32.23 -38.17 5.99
N ARG J 459 31.00 -38.15 5.47
CA ARG J 459 30.75 -37.47 4.20
C ARG J 459 31.03 -35.99 4.29
N GLN J 460 30.75 -35.39 5.45
CA GLN J 460 30.99 -33.98 5.65
C GLN J 460 32.49 -33.70 5.55
N LYS J 461 33.29 -34.59 6.14
CA LYS J 461 34.74 -34.43 6.08
C LYS J 461 35.22 -34.61 4.65
N GLN J 462 34.67 -35.62 3.98
CA GLN J 462 35.06 -35.91 2.61
C GLN J 462 34.69 -34.77 1.66
N PHE J 463 33.55 -34.14 1.90
CA PHE J 463 33.11 -33.03 1.06
C PHE J 463 33.99 -31.81 1.29
N LYS J 464 34.25 -31.50 2.56
CA LYS J 464 35.09 -30.36 2.89
C LYS J 464 36.48 -30.53 2.30
N ALA J 465 36.98 -31.76 2.33
CA ALA J 465 38.31 -32.05 1.78
C ALA J 465 38.32 -31.73 0.30
N LEU J 466 37.34 -32.27 -0.44
CA LEU J 466 37.22 -32.03 -1.87
C LEU J 466 37.19 -30.54 -2.13
N TYR J 467 36.41 -29.83 -1.32
CA TYR J 467 36.26 -28.38 -1.46
C TYR J 467 37.61 -27.67 -1.28
N ASN J 468 38.14 -27.69 -0.07
CA ASN J 468 39.41 -27.04 0.23
C ASN J 468 40.50 -27.41 -0.77
N GLN J 469 40.53 -28.69 -1.14
CA GLN J 469 41.53 -29.16 -2.09
C GLN J 469 41.43 -28.41 -3.41
N LEU J 470 40.20 -28.20 -3.88
CA LEU J 470 39.97 -27.50 -5.13
C LEU J 470 40.23 -26.00 -4.94
N LYS J 471 39.80 -25.47 -3.79
CA LYS J 471 40.00 -24.06 -3.50
C LYS J 471 41.49 -23.74 -3.56
N ALA J 472 42.30 -24.65 -3.02
CA ALA J 472 43.75 -24.47 -3.02
C ALA J 472 44.27 -24.59 -4.44
N ALA J 473 43.89 -25.67 -5.11
CA ALA J 473 44.32 -25.92 -6.48
C ALA J 473 43.59 -24.99 -7.45
N ILE J 474 43.27 -23.79 -6.99
CA ILE J 474 42.57 -22.83 -7.84
C ILE J 474 43.47 -21.62 -8.09
N ALA K 1 4.39 45.06 61.69
CA ALA K 1 5.42 44.02 61.40
C ALA K 1 5.10 43.28 60.11
N ALA K 2 3.84 43.33 59.71
CA ALA K 2 3.41 42.66 58.48
C ALA K 2 3.14 43.69 57.39
N PRO K 3 3.51 43.37 56.15
CA PRO K 3 3.28 44.33 55.07
C PRO K 3 1.80 44.41 54.66
N ILE K 4 1.45 45.51 54.01
CA ILE K 4 0.08 45.69 53.53
C ILE K 4 0.20 45.75 52.01
N LEU K 5 -0.65 44.99 51.34
CA LEU K 5 -0.62 44.95 49.89
C LEU K 5 -1.73 45.83 49.33
N PHE K 6 -1.41 46.59 48.29
CA PHE K 6 -2.44 47.39 47.64
C PHE K 6 -2.57 46.86 46.24
N TRP K 7 -3.74 46.31 45.94
CA TRP K 7 -4.02 45.71 44.64
C TRP K 7 -4.60 46.72 43.64
N HIS K 8 -3.81 47.06 42.63
CA HIS K 8 -4.20 47.97 41.56
C HIS K 8 -4.89 47.20 40.46
N ARG K 9 -5.90 47.81 39.84
CA ARG K 9 -6.59 47.17 38.72
C ARG K 9 -6.90 48.24 37.68
N ARG K 10 -7.63 49.27 38.07
CA ARG K 10 -7.96 50.35 37.14
C ARG K 10 -7.75 51.71 37.81
N ASP K 11 -6.69 51.80 38.63
CA ASP K 11 -6.33 53.00 39.38
C ASP K 11 -4.81 53.04 39.34
N LEU K 12 -4.26 53.03 38.13
CA LEU K 12 -2.83 52.99 37.92
C LEU K 12 -2.08 54.30 38.15
N ARG K 13 -2.04 54.69 39.43
CA ARG K 13 -1.38 55.92 39.86
C ARG K 13 -1.12 55.82 41.36
N LEU K 14 -0.25 56.70 41.85
CA LEU K 14 0.07 56.74 43.27
C LEU K 14 -0.65 57.95 43.88
N SER K 15 -0.91 58.96 43.05
CA SER K 15 -1.57 60.18 43.53
C SER K 15 -3.09 60.05 43.64
N ASP K 16 -3.67 60.89 44.50
CA ASP K 16 -5.12 60.93 44.72
C ASP K 16 -5.82 59.59 44.58
N ASN K 17 -5.39 58.63 45.39
CA ASN K 17 -5.93 57.26 45.38
C ASN K 17 -6.46 56.91 46.76
N ILE K 18 -7.79 56.89 46.90
CA ILE K 18 -8.45 56.63 48.18
C ILE K 18 -7.97 55.38 48.93
N GLY K 19 -8.04 54.23 48.27
CA GLY K 19 -7.62 53.00 48.93
C GLY K 19 -6.15 52.99 49.28
N LEU K 20 -5.32 53.59 48.41
CA LEU K 20 -3.88 53.61 48.64
C LEU K 20 -3.53 54.50 49.83
N ALA K 21 -4.17 55.67 49.89
CA ALA K 21 -3.93 56.61 50.98
C ALA K 21 -4.36 55.97 52.30
N ALA K 22 -5.50 55.27 52.25
CA ALA K 22 -6.01 54.60 53.45
C ALA K 22 -5.04 53.53 53.92
N ALA K 23 -4.47 52.77 52.98
CA ALA K 23 -3.51 51.73 53.33
C ALA K 23 -2.26 52.36 53.94
N ARG K 24 -1.79 53.46 53.34
CA ARG K 24 -0.59 54.13 53.83
C ARG K 24 -0.75 54.58 55.28
N ALA K 25 -1.96 54.96 55.64
CA ALA K 25 -2.24 55.43 56.99
C ALA K 25 -2.09 54.27 57.98
N GLN K 26 -2.10 53.05 57.48
CA GLN K 26 -1.97 51.87 58.32
C GLN K 26 -0.55 51.33 58.39
N SER K 27 0.23 51.54 57.32
CA SER K 27 1.60 51.05 57.30
C SER K 27 2.45 51.66 56.20
N ALA K 28 3.75 51.80 56.48
CA ALA K 28 4.68 52.35 55.51
C ALA K 28 5.18 51.23 54.62
N GLN K 29 5.06 49.98 55.08
CA GLN K 29 5.50 48.85 54.27
C GLN K 29 4.31 48.52 53.38
N LEU K 30 4.07 49.42 52.43
CA LEU K 30 2.97 49.32 51.49
C LEU K 30 3.52 48.83 50.16
N ILE K 31 3.08 47.65 49.75
CA ILE K 31 3.54 47.04 48.52
C ILE K 31 2.44 47.00 47.47
N GLY K 32 2.74 47.51 46.28
CA GLY K 32 1.78 47.52 45.20
C GLY K 32 1.71 46.16 44.53
N LEU K 33 0.57 45.87 43.93
CA LEU K 33 0.35 44.59 43.27
C LEU K 33 -0.59 44.72 42.07
N PHE K 34 -0.25 44.06 40.97
CA PHE K 34 -1.12 44.06 39.80
C PHE K 34 -1.07 42.65 39.25
N CYS K 35 -2.23 42.14 38.85
CA CYS K 35 -2.31 40.79 38.33
C CYS K 35 -2.81 40.79 36.89
N LEU K 36 -1.94 40.43 35.95
CA LEU K 36 -2.31 40.35 34.54
C LEU K 36 -3.30 39.20 34.48
N ASP K 37 -4.55 39.56 34.20
CA ASP K 37 -5.68 38.63 34.21
C ASP K 37 -6.09 38.13 32.84
N PRO K 38 -5.87 36.82 32.57
CA PRO K 38 -6.23 36.21 31.28
C PRO K 38 -7.70 36.36 30.94
N GLN K 39 -8.57 36.34 31.96
CA GLN K 39 -10.00 36.47 31.71
C GLN K 39 -10.32 37.82 31.09
N ILE K 40 -9.48 38.81 31.35
CA ILE K 40 -9.69 40.13 30.79
C ILE K 40 -8.88 40.27 29.50
N LEU K 41 -7.58 40.01 29.60
CA LEU K 41 -6.68 40.15 28.46
C LEU K 41 -6.98 39.24 27.28
N GLN K 42 -7.41 38.00 27.54
CA GLN K 42 -7.69 37.10 26.45
C GLN K 42 -9.13 37.10 26.00
N SER K 43 -9.83 38.17 26.33
CA SER K 43 -11.22 38.32 25.93
C SER K 43 -11.25 38.65 24.45
N ALA K 44 -12.34 38.29 23.78
CA ALA K 44 -12.47 38.58 22.35
C ALA K 44 -12.73 40.07 22.16
N ASP K 45 -13.12 40.74 23.23
CA ASP K 45 -13.44 42.18 23.20
C ASP K 45 -12.31 43.07 23.71
N MET K 46 -11.07 42.69 23.44
CA MET K 46 -9.92 43.46 23.88
C MET K 46 -9.34 44.24 22.71
N ALA K 47 -8.89 45.46 22.97
CA ALA K 47 -8.30 46.30 21.94
C ALA K 47 -6.80 46.42 22.12
N PRO K 48 -6.03 46.28 21.03
CA PRO K 48 -4.58 46.39 21.22
C PRO K 48 -4.18 47.76 21.76
N ALA K 49 -4.88 48.81 21.35
CA ALA K 49 -4.56 50.15 21.84
C ALA K 49 -4.72 50.23 23.36
N ARG K 50 -5.74 49.56 23.86
CA ARG K 50 -6.03 49.58 25.29
C ARG K 50 -4.95 48.81 26.05
N VAL K 51 -4.51 47.67 25.52
CA VAL K 51 -3.48 46.92 26.20
C VAL K 51 -2.17 47.71 26.15
N ALA K 52 -1.94 48.43 25.06
CA ALA K 52 -0.71 49.20 24.93
C ALA K 52 -0.69 50.33 25.95
N TYR K 53 -1.84 50.97 26.13
CA TYR K 53 -1.97 52.05 27.08
C TYR K 53 -1.77 51.50 28.50
N LEU K 54 -2.44 50.39 28.79
CA LEU K 54 -2.30 49.75 30.10
C LEU K 54 -0.83 49.43 30.40
N GLN K 55 -0.17 48.79 29.44
CA GLN K 55 1.21 48.40 29.59
C GLN K 55 2.07 49.62 29.95
N GLY K 56 1.84 50.74 29.27
CA GLY K 56 2.61 51.95 29.55
C GLY K 56 2.33 52.49 30.94
N CYS K 57 1.08 52.39 31.40
CA CYS K 57 0.71 52.87 32.73
C CYS K 57 1.40 52.02 33.78
N LEU K 58 1.47 50.71 33.53
CA LEU K 58 2.11 49.82 34.49
C LEU K 58 3.59 50.11 34.58
N GLN K 59 4.20 50.42 33.44
CA GLN K 59 5.62 50.72 33.45
C GLN K 59 5.89 51.91 34.36
N GLU K 60 5.11 52.97 34.22
CA GLU K 60 5.32 54.15 35.05
C GLU K 60 4.99 53.85 36.50
N LEU K 61 3.96 53.06 36.75
CA LEU K 61 3.60 52.74 38.13
C LEU K 61 4.72 51.96 38.82
N GLN K 62 5.40 51.07 38.08
CA GLN K 62 6.51 50.32 38.69
C GLN K 62 7.56 51.31 39.18
N GLN K 63 7.86 52.30 38.35
CA GLN K 63 8.86 53.32 38.65
C GLN K 63 8.46 54.13 39.86
N ARG K 64 7.19 54.53 39.90
CA ARG K 64 6.66 55.32 41.00
C ARG K 64 6.80 54.63 42.35
N TYR K 65 6.53 53.32 42.39
CA TYR K 65 6.65 52.57 43.65
C TYR K 65 8.12 52.53 44.06
N GLN K 66 8.99 52.27 43.09
CA GLN K 66 10.42 52.21 43.39
C GLN K 66 10.89 53.53 43.97
N GLN K 67 10.51 54.64 43.34
CA GLN K 67 10.92 55.96 43.81
C GLN K 67 10.35 56.24 45.20
N ALA K 68 9.14 55.73 45.46
CA ALA K 68 8.48 55.95 46.74
C ALA K 68 9.08 55.14 47.88
N GLY K 69 9.82 54.08 47.55
CA GLY K 69 10.41 53.28 48.60
C GLY K 69 10.15 51.79 48.56
N SER K 70 9.15 51.34 47.79
CA SER K 70 8.92 49.91 47.74
C SER K 70 8.94 49.36 46.33
N ARG K 71 7.87 48.68 45.92
CA ARG K 71 7.84 48.10 44.58
C ARG K 71 6.43 47.67 44.18
N LEU K 72 6.26 47.41 42.88
CA LEU K 72 5.00 46.94 42.33
C LEU K 72 5.20 45.47 41.98
N LEU K 73 4.52 44.58 42.71
CA LEU K 73 4.61 43.16 42.44
C LEU K 73 3.73 42.84 41.25
N LEU K 74 4.22 41.99 40.35
CA LEU K 74 3.45 41.61 39.17
C LEU K 74 3.15 40.12 39.16
N LEU K 75 1.89 39.78 38.94
CA LEU K 75 1.45 38.39 38.88
C LEU K 75 0.74 38.20 37.55
N GLN K 76 0.60 36.95 37.11
CA GLN K 76 -0.10 36.65 35.88
C GLN K 76 -0.90 35.38 36.08
N GLY K 77 -2.22 35.49 35.97
CA GLY K 77 -3.11 34.36 36.17
C GLY K 77 -4.41 34.80 36.81
N ASP K 78 -5.12 33.84 37.42
CA ASP K 78 -6.41 34.13 38.07
C ASP K 78 -6.22 34.79 39.43
N PRO K 79 -6.62 36.06 39.56
CA PRO K 79 -6.45 36.72 40.86
C PRO K 79 -7.23 36.07 41.98
N GLN K 80 -8.35 35.44 41.66
CA GLN K 80 -9.16 34.79 42.69
C GLN K 80 -8.32 33.77 43.44
N HIS K 81 -7.33 33.22 42.75
CA HIS K 81 -6.45 32.25 43.36
C HIS K 81 -5.09 32.83 43.74
N LEU K 82 -4.47 33.59 42.84
CA LEU K 82 -3.15 34.16 43.08
C LEU K 82 -3.02 35.23 44.17
N ILE K 83 -4.02 36.09 44.31
CA ILE K 83 -3.94 37.14 45.34
C ILE K 83 -3.95 36.55 46.75
N PRO K 84 -4.91 35.65 47.05
CA PRO K 84 -4.94 35.07 48.39
C PRO K 84 -3.66 34.31 48.69
N GLN K 85 -3.21 33.56 47.69
CA GLN K 85 -1.99 32.77 47.84
C GLN K 85 -0.81 33.67 48.16
N LEU K 86 -0.65 34.75 47.41
CA LEU K 86 0.45 35.70 47.64
C LEU K 86 0.36 36.33 49.02
N ALA K 87 -0.83 36.79 49.39
CA ALA K 87 -1.00 37.42 50.70
C ALA K 87 -0.66 36.45 51.83
N GLN K 88 -1.08 35.20 51.70
CA GLN K 88 -0.82 34.21 52.74
C GLN K 88 0.68 33.94 52.87
N GLN K 89 1.35 33.70 51.73
CA GLN K 89 2.78 33.43 51.75
C GLN K 89 3.57 34.59 52.32
N LEU K 90 3.09 35.81 52.08
CA LEU K 90 3.75 37.00 52.55
C LEU K 90 3.31 37.34 53.97
N GLN K 91 2.29 36.63 54.47
CA GLN K 91 1.76 36.87 55.79
C GLN K 91 1.36 38.33 55.93
N ALA K 92 0.72 38.86 54.87
CA ALA K 92 0.27 40.24 54.87
C ALA K 92 -0.83 40.44 55.90
N GLU K 93 -0.87 41.62 56.50
CA GLU K 93 -1.88 41.92 57.51
C GLU K 93 -3.18 42.30 56.81
N ALA K 94 -3.05 42.81 55.59
CA ALA K 94 -4.23 43.22 54.85
C ALA K 94 -3.95 43.44 53.39
N VAL K 95 -5.03 43.48 52.61
CA VAL K 95 -4.95 43.74 51.18
C VAL K 95 -6.01 44.79 50.93
N TYR K 96 -5.61 45.93 50.38
CA TYR K 96 -6.52 47.02 50.08
C TYR K 96 -6.71 47.16 48.56
N TRP K 97 -7.88 47.62 48.15
CA TRP K 97 -8.14 47.90 46.74
C TRP K 97 -9.36 48.77 46.61
N ASN K 98 -9.55 49.32 45.41
CA ASN K 98 -10.69 50.18 45.17
C ASN K 98 -11.77 49.42 44.43
N GLN K 99 -13.00 49.55 44.88
CA GLN K 99 -14.12 48.87 44.26
C GLN K 99 -14.36 49.26 42.82
N ASP K 100 -15.00 48.37 42.05
CA ASP K 100 -15.33 48.65 40.66
C ASP K 100 -16.83 48.46 40.49
N ILE K 101 -17.36 48.80 39.31
CA ILE K 101 -18.79 48.67 39.06
C ILE K 101 -19.16 47.58 38.05
N GLU K 102 -18.17 46.95 37.45
CA GLU K 102 -18.42 45.91 36.45
C GLU K 102 -18.73 44.55 37.04
N PRO K 103 -19.63 43.80 36.41
CA PRO K 103 -20.02 42.46 36.88
C PRO K 103 -18.83 41.54 37.17
N TYR K 104 -17.90 41.44 36.21
CA TYR K 104 -16.75 40.58 36.39
C TYR K 104 -15.91 41.01 37.58
N GLY K 105 -15.56 42.30 37.60
CA GLY K 105 -14.75 42.81 38.68
C GLY K 105 -15.37 42.64 40.05
N ARG K 106 -16.67 42.88 40.16
CA ARG K 106 -17.30 42.76 41.48
C ARG K 106 -17.38 41.30 41.92
N ASP K 107 -17.64 40.40 40.98
CA ASP K 107 -17.72 38.98 41.32
C ASP K 107 -16.32 38.56 41.80
N ARG K 108 -15.31 38.90 41.01
CA ARG K 108 -13.92 38.59 41.34
C ARG K 108 -13.58 39.11 42.74
N ASP K 109 -13.90 40.37 43.00
CA ASP K 109 -13.60 40.98 44.29
C ASP K 109 -14.28 40.27 45.45
N GLY K 110 -15.51 39.83 45.23
CA GLY K 110 -16.22 39.12 46.29
C GLY K 110 -15.49 37.84 46.67
N GLN K 111 -15.01 37.11 45.67
CA GLN K 111 -14.30 35.87 45.90
C GLN K 111 -12.94 36.09 46.57
N VAL K 112 -12.22 37.10 46.12
CA VAL K 112 -10.91 37.38 46.71
C VAL K 112 -11.07 37.79 48.16
N ALA K 113 -12.01 38.68 48.43
CA ALA K 113 -12.24 39.14 49.80
C ALA K 113 -12.62 37.97 50.72
N ALA K 114 -13.46 37.07 50.23
CA ALA K 114 -13.88 35.91 51.04
C ALA K 114 -12.69 34.98 51.32
N ALA K 115 -11.86 34.75 50.31
CA ALA K 115 -10.70 33.89 50.47
C ALA K 115 -9.73 34.51 51.47
N LEU K 116 -9.54 35.82 51.38
CA LEU K 116 -8.64 36.51 52.31
C LEU K 116 -9.16 36.44 53.75
N LYS K 117 -10.45 36.66 53.93
CA LYS K 117 -11.05 36.63 55.25
C LYS K 117 -10.89 35.25 55.88
N THR K 118 -11.05 34.20 55.07
CA THR K 118 -10.91 32.83 55.53
C THR K 118 -9.46 32.60 55.96
N ALA K 119 -8.55 33.29 55.27
CA ALA K 119 -7.11 33.19 55.56
C ALA K 119 -6.72 34.06 56.75
N GLY K 120 -7.67 34.82 57.29
CA GLY K 120 -7.39 35.68 58.42
C GLY K 120 -6.70 36.96 57.99
N ILE K 121 -6.90 37.35 56.74
CA ILE K 121 -6.30 38.56 56.20
C ILE K 121 -7.39 39.59 55.88
N ARG K 122 -7.19 40.79 56.39
CA ARG K 122 -8.15 41.88 56.19
C ARG K 122 -8.21 42.32 54.73
N ALA K 123 -9.42 42.47 54.21
CA ALA K 123 -9.63 42.92 52.84
C ALA K 123 -10.47 44.19 52.93
N VAL K 124 -9.88 45.31 52.51
CA VAL K 124 -10.57 46.59 52.57
C VAL K 124 -10.80 47.11 51.15
N GLN K 125 -12.08 47.31 50.81
CA GLN K 125 -12.47 47.77 49.48
C GLN K 125 -13.15 49.13 49.58
N LEU K 126 -12.49 50.16 49.06
CA LEU K 126 -13.02 51.52 49.14
C LEU K 126 -13.43 52.07 47.77
N TRP K 127 -14.28 53.10 47.78
CA TRP K 127 -14.70 53.73 46.53
C TRP K 127 -13.71 54.83 46.17
N ASP K 128 -13.20 54.79 44.94
CA ASP K 128 -12.19 55.74 44.50
C ASP K 128 -12.40 56.36 43.13
N GLN K 129 -12.90 55.57 42.18
CA GLN K 129 -13.05 56.09 40.82
C GLN K 129 -14.23 56.98 40.55
N LEU K 130 -15.02 57.27 41.58
CA LEU K 130 -16.19 58.12 41.43
C LEU K 130 -16.15 59.21 42.50
N LEU K 131 -16.66 60.38 42.17
CA LEU K 131 -16.70 61.46 43.14
C LEU K 131 -17.74 61.12 44.20
N HIS K 132 -18.76 60.37 43.79
CA HIS K 132 -19.82 59.93 44.69
C HIS K 132 -20.13 58.47 44.38
N SER K 133 -20.13 57.63 45.40
CA SER K 133 -20.40 56.21 45.21
C SER K 133 -21.85 55.99 44.80
N PRO K 134 -22.13 54.84 44.17
CA PRO K 134 -23.50 54.53 43.72
C PRO K 134 -24.58 54.68 44.78
N ASP K 135 -24.33 54.20 45.98
CA ASP K 135 -25.33 54.29 47.04
C ASP K 135 -25.44 55.66 47.68
N GLN K 136 -24.62 56.60 47.21
CA GLN K 136 -24.61 57.95 47.73
C GLN K 136 -25.55 58.84 46.91
N ILE K 137 -25.90 58.39 45.71
CA ILE K 137 -26.78 59.15 44.83
C ILE K 137 -28.06 58.39 44.54
N LEU K 138 -29.13 58.72 45.26
CA LEU K 138 -30.40 58.06 45.08
C LEU K 138 -31.54 59.06 45.07
N SER K 139 -32.65 58.70 44.42
CA SER K 139 -33.82 59.58 44.33
C SER K 139 -34.52 59.71 45.67
N GLY K 140 -35.54 60.58 45.71
CA GLY K 140 -36.27 60.78 46.94
C GLY K 140 -36.84 59.48 47.49
N SER K 141 -37.14 58.55 46.59
CA SER K 141 -37.69 57.26 46.98
C SER K 141 -36.59 56.27 47.39
N GLY K 142 -35.34 56.72 47.36
CA GLY K 142 -34.23 55.85 47.75
C GLY K 142 -33.85 54.84 46.68
N ASN K 143 -34.15 55.16 45.43
CA ASN K 143 -33.83 54.27 44.32
C ASN K 143 -32.89 54.94 43.34
N PRO K 144 -32.22 54.15 42.50
CA PRO K 144 -31.29 54.72 41.52
C PRO K 144 -32.04 55.53 40.47
N TYR K 145 -31.33 56.45 39.82
CA TYR K 145 -31.90 57.29 38.80
C TYR K 145 -31.80 56.61 37.44
N SER K 146 -32.81 56.82 36.60
CA SER K 146 -32.82 56.25 35.26
C SER K 146 -32.81 57.41 34.27
N VAL K 147 -32.89 58.62 34.80
CA VAL K 147 -32.89 59.83 33.98
C VAL K 147 -31.74 60.72 34.44
N TYR K 148 -30.93 61.18 33.49
CA TYR K 148 -29.78 62.02 33.79
C TYR K 148 -30.09 63.34 34.51
N GLY K 149 -31.00 64.12 33.92
CA GLY K 149 -31.35 65.40 34.52
C GLY K 149 -31.45 65.40 36.03
N PRO K 150 -32.33 64.57 36.61
CA PRO K 150 -32.50 64.47 38.06
C PRO K 150 -31.23 64.00 38.76
N PHE K 151 -30.56 63.04 38.14
CA PHE K 151 -29.31 62.52 38.69
C PHE K 151 -28.32 63.67 38.82
N TRP K 152 -28.21 64.47 37.77
CA TRP K 152 -27.29 65.62 37.78
C TRP K 152 -27.65 66.66 38.85
N LYS K 153 -28.94 66.95 39.02
CA LYS K 153 -29.35 67.93 40.01
C LYS K 153 -28.88 67.49 41.40
N ASN K 154 -29.06 66.21 41.68
CA ASN K 154 -28.65 65.63 42.96
C ASN K 154 -27.13 65.65 43.04
N TRP K 155 -26.49 64.99 42.08
CA TRP K 155 -25.03 64.86 42.00
C TRP K 155 -24.29 66.19 42.14
N GLN K 156 -24.68 67.19 41.35
CA GLN K 156 -23.98 68.48 41.40
C GLN K 156 -24.08 69.21 42.73
N ALA K 157 -25.19 69.01 43.43
CA ALA K 157 -25.41 69.67 44.71
C ALA K 157 -24.61 69.05 45.86
N GLN K 158 -24.20 67.80 45.68
CA GLN K 158 -23.44 67.11 46.71
C GLN K 158 -22.07 67.75 46.92
N PRO K 159 -21.61 67.81 48.19
CA PRO K 159 -20.29 68.40 48.46
C PRO K 159 -19.22 67.51 47.79
N LYS K 160 -18.28 68.14 47.10
CA LYS K 160 -17.23 67.41 46.39
C LYS K 160 -16.00 67.06 47.23
N PRO K 161 -15.62 65.77 47.24
CA PRO K 161 -14.45 65.37 48.03
C PRO K 161 -13.18 65.92 47.42
N THR K 162 -12.19 66.20 48.26
CA THR K 162 -10.93 66.75 47.77
C THR K 162 -9.89 65.66 47.58
N PRO K 163 -8.87 65.91 46.73
CA PRO K 163 -7.81 64.93 46.46
C PRO K 163 -7.09 64.47 47.72
N VAL K 164 -6.74 63.19 47.77
CA VAL K 164 -6.03 62.68 48.93
C VAL K 164 -4.54 62.65 48.67
N ALA K 165 -3.75 62.52 49.74
CA ALA K 165 -2.30 62.53 49.65
C ALA K 165 -1.63 61.34 48.98
N THR K 166 -0.53 61.62 48.30
CA THR K 166 0.28 60.61 47.63
C THR K 166 1.15 59.95 48.72
N PRO K 167 1.17 58.61 48.77
CA PRO K 167 2.00 57.94 49.78
C PRO K 167 3.50 58.15 49.54
N THR K 168 4.23 58.39 50.62
CA THR K 168 5.68 58.59 50.53
C THR K 168 6.41 57.81 51.61
N GLU K 169 7.73 57.77 51.49
CA GLU K 169 8.58 57.08 52.45
C GLU K 169 8.09 55.66 52.75
N LEU K 170 7.98 54.87 51.70
CA LEU K 170 7.53 53.49 51.85
C LEU K 170 8.70 52.60 52.27
N VAL K 171 8.37 51.46 52.87
CA VAL K 171 9.35 50.49 53.30
C VAL K 171 9.18 49.28 52.39
N ASP K 172 10.28 48.86 51.77
CA ASP K 172 10.26 47.75 50.84
C ASP K 172 10.22 46.40 51.56
N LEU K 173 10.02 45.32 50.79
CA LEU K 173 9.99 43.98 51.37
C LEU K 173 11.44 43.58 51.61
N SER K 174 11.66 42.68 52.56
CA SER K 174 13.02 42.23 52.85
C SER K 174 13.43 41.17 51.84
N PRO K 175 14.76 40.96 51.67
CA PRO K 175 15.21 39.95 50.71
C PRO K 175 14.62 38.58 51.02
N GLU K 176 14.33 38.34 52.29
CA GLU K 176 13.77 37.06 52.70
C GLU K 176 12.30 36.97 52.26
N GLN K 177 11.56 38.06 52.43
CA GLN K 177 10.16 38.08 52.02
C GLN K 177 10.09 37.89 50.51
N LEU K 178 10.99 38.55 49.79
CA LEU K 178 11.02 38.44 48.35
C LEU K 178 11.29 37.00 47.94
N THR K 179 12.18 36.34 48.68
CA THR K 179 12.50 34.96 48.38
C THR K 179 11.27 34.07 48.62
N ALA K 180 10.54 34.37 49.68
CA ALA K 180 9.35 33.59 50.01
C ALA K 180 8.25 33.66 48.96
N ILE K 181 8.16 34.78 48.24
CA ILE K 181 7.11 34.91 47.21
C ILE K 181 7.62 34.83 45.77
N ALA K 182 8.93 34.74 45.60
CA ALA K 182 9.52 34.68 44.26
C ALA K 182 8.83 33.80 43.23
N PRO K 183 8.52 32.53 43.58
CA PRO K 183 7.84 31.64 42.63
C PRO K 183 6.46 32.08 42.14
N LEU K 184 5.84 33.02 42.85
CA LEU K 184 4.52 33.50 42.48
C LEU K 184 4.59 34.76 41.61
N LEU K 185 5.76 35.37 41.55
CA LEU K 185 5.94 36.61 40.82
C LEU K 185 6.49 36.50 39.41
N LEU K 186 6.18 37.52 38.62
CA LEU K 186 6.66 37.63 37.26
C LEU K 186 7.98 38.40 37.48
N SER K 187 9.05 38.00 36.81
CA SER K 187 10.33 38.68 37.01
C SER K 187 10.33 40.08 36.45
N GLU K 188 9.60 40.30 35.36
CA GLU K 188 9.55 41.61 34.74
C GLU K 188 8.22 41.82 34.03
N LEU K 189 7.90 43.08 33.77
CA LEU K 189 6.68 43.41 33.06
C LEU K 189 6.85 42.89 31.63
N PRO K 190 5.90 42.09 31.15
CA PRO K 190 6.05 41.60 29.78
C PRO K 190 5.86 42.73 28.75
N THR K 191 6.42 42.54 27.56
CA THR K 191 6.27 43.53 26.50
C THR K 191 4.89 43.35 25.90
N LEU K 192 4.45 44.31 25.10
CA LEU K 192 3.13 44.22 24.48
C LEU K 192 3.05 42.95 23.63
N LYS K 193 4.11 42.67 22.89
CA LYS K 193 4.17 41.50 22.03
C LYS K 193 4.05 40.21 22.84
N GLN K 194 4.68 40.19 24.01
CA GLN K 194 4.63 39.02 24.86
C GLN K 194 3.22 38.82 25.44
N LEU K 195 2.45 39.90 25.49
CA LEU K 195 1.08 39.84 25.97
C LEU K 195 0.18 39.38 24.84
N GLY K 196 0.72 39.35 23.63
CA GLY K 196 -0.02 38.91 22.46
C GLY K 196 -0.68 40.03 21.66
N PHE K 197 -0.08 41.21 21.69
CA PHE K 197 -0.63 42.36 20.98
C PHE K 197 0.43 43.20 20.31
N ASP K 198 -0.01 44.05 19.41
CA ASP K 198 0.87 44.98 18.70
C ASP K 198 0.09 46.26 18.48
N TRP K 199 0.73 47.40 18.66
CA TRP K 199 0.06 48.68 18.46
C TRP K 199 1.07 49.77 18.15
N ASP K 200 0.76 50.59 17.14
CA ASP K 200 1.66 51.68 16.79
C ASP K 200 0.81 52.84 16.29
N GLY K 201 -0.45 52.87 16.72
CA GLY K 201 -1.36 53.91 16.29
C GLY K 201 -1.38 55.15 17.18
N GLY K 202 -0.55 55.16 18.22
CA GLY K 202 -0.52 56.31 19.11
C GLY K 202 -1.64 56.34 20.14
N PHE K 203 -1.71 57.44 20.91
CA PHE K 203 -2.71 57.58 21.96
C PHE K 203 -3.24 59.01 22.04
N PRO K 204 -4.43 59.21 22.64
CA PRO K 204 -4.98 60.57 22.77
C PRO K 204 -4.21 61.35 23.82
N VAL K 205 -3.53 60.61 24.70
CA VAL K 205 -2.67 61.18 25.73
C VAL K 205 -1.67 60.06 25.99
N GLU K 206 -0.40 60.39 26.21
CA GLU K 206 0.58 59.34 26.44
C GLU K 206 0.24 58.58 27.72
N PRO K 207 0.57 57.29 27.77
CA PRO K 207 0.29 56.47 28.94
C PRO K 207 0.98 56.96 30.21
N GLY K 208 0.38 56.64 31.35
CA GLY K 208 1.01 57.01 32.60
C GLY K 208 0.43 58.19 33.35
N GLU K 209 0.62 58.12 34.66
CA GLU K 209 0.16 59.14 35.60
C GLU K 209 0.71 60.53 35.29
N THR K 210 2.02 60.60 35.02
CA THR K 210 2.65 61.88 34.72
C THR K 210 2.04 62.61 33.52
N ALA K 211 1.93 61.91 32.39
CA ALA K 211 1.35 62.50 31.20
C ALA K 211 -0.13 62.88 31.42
N ALA K 212 -0.84 62.09 32.22
CA ALA K 212 -2.25 62.36 32.50
C ALA K 212 -2.40 63.68 33.26
N ILE K 213 -1.59 63.83 34.30
CA ILE K 213 -1.64 65.05 35.11
C ILE K 213 -1.25 66.25 34.25
N ALA K 214 -0.24 66.06 33.40
CA ALA K 214 0.22 67.12 32.52
C ALA K 214 -0.93 67.57 31.61
N ARG K 215 -1.63 66.60 31.02
CA ARG K 215 -2.75 66.91 30.14
C ARG K 215 -3.87 67.61 30.88
N LEU K 216 -4.18 67.14 32.08
CA LEU K 216 -5.25 67.75 32.86
C LEU K 216 -4.97 69.23 33.10
N GLN K 217 -3.78 69.53 33.61
CA GLN K 217 -3.40 70.91 33.90
C GLN K 217 -3.38 71.79 32.65
N GLU K 218 -2.88 71.26 31.54
CA GLU K 218 -2.82 72.02 30.28
C GLU K 218 -4.23 72.33 29.78
N PHE K 219 -5.10 71.31 29.79
CA PHE K 219 -6.47 71.48 29.34
C PHE K 219 -7.22 72.50 30.18
N CYS K 220 -7.11 72.35 31.49
CA CYS K 220 -7.80 73.23 32.42
C CYS K 220 -7.25 74.65 32.45
N ASP K 221 -6.06 74.83 31.88
CA ASP K 221 -5.44 76.16 31.86
C ASP K 221 -5.76 76.93 30.60
N ARG K 222 -6.38 76.25 29.62
CA ARG K 222 -6.72 76.92 28.37
C ARG K 222 -7.95 76.39 27.64
N ALA K 223 -7.75 75.32 26.87
CA ALA K 223 -8.83 74.75 26.06
C ALA K 223 -10.17 74.55 26.76
N ILE K 224 -10.16 74.25 28.05
CA ILE K 224 -11.43 74.02 28.74
C ILE K 224 -12.34 75.25 28.63
N ALA K 225 -11.75 76.43 28.54
CA ALA K 225 -12.52 77.66 28.43
C ALA K 225 -13.39 77.70 27.18
N ASP K 226 -12.99 76.96 26.15
CA ASP K 226 -13.72 76.94 24.90
C ASP K 226 -14.47 75.63 24.66
N TYR K 227 -14.47 74.74 25.65
CA TYR K 227 -15.13 73.45 25.52
C TYR K 227 -16.51 73.56 24.88
N ASP K 228 -17.30 74.55 25.32
CA ASP K 228 -18.60 74.75 24.72
C ASP K 228 -18.39 76.00 23.87
N PRO K 229 -18.59 75.89 22.54
CA PRO K 229 -19.01 74.71 21.77
C PRO K 229 -17.92 73.95 21.01
N GLN K 230 -16.64 74.19 21.30
CA GLN K 230 -15.59 73.49 20.57
C GLN K 230 -15.65 71.97 20.68
N ARG K 231 -16.31 71.48 21.74
CA ARG K 231 -16.45 70.05 21.97
C ARG K 231 -17.24 69.34 20.88
N ASN K 232 -18.06 70.09 20.16
CA ASN K 232 -18.92 69.51 19.12
C ASN K 232 -18.27 69.25 17.76
N PHE K 233 -17.09 69.82 17.52
CA PHE K 233 -16.42 69.69 16.23
C PHE K 233 -15.25 68.71 16.18
N PRO K 234 -15.45 67.54 15.56
CA PRO K 234 -14.41 66.52 15.45
C PRO K 234 -13.11 66.95 14.76
N ALA K 235 -13.17 67.98 13.93
CA ALA K 235 -11.95 68.44 13.27
C ALA K 235 -11.08 69.21 14.25
N GLU K 236 -11.70 69.72 15.31
CA GLU K 236 -10.98 70.49 16.32
C GLU K 236 -10.53 69.63 17.49
N ALA K 237 -9.41 70.00 18.10
CA ALA K 237 -8.91 69.29 19.27
C ALA K 237 -9.49 70.05 20.46
N GLY K 238 -10.81 70.03 20.56
CA GLY K 238 -11.48 70.75 21.64
C GLY K 238 -11.78 69.99 22.90
N THR K 239 -11.52 68.68 22.94
CA THR K 239 -11.79 67.92 24.15
C THR K 239 -10.48 67.62 24.88
N SER K 240 -10.59 67.02 26.07
CA SER K 240 -9.41 66.74 26.88
C SER K 240 -8.51 65.61 26.43
N GLY K 241 -9.08 64.57 25.82
CA GLY K 241 -8.28 63.43 25.41
C GLY K 241 -7.87 62.57 26.61
N LEU K 242 -8.49 62.82 27.76
CA LEU K 242 -8.18 62.08 28.98
C LEU K 242 -8.92 60.76 29.18
N SER K 243 -9.79 60.39 28.26
CA SER K 243 -10.58 59.18 28.44
C SER K 243 -9.86 57.91 28.88
N PRO K 244 -8.73 57.55 28.25
CA PRO K 244 -8.08 56.32 28.73
C PRO K 244 -7.46 56.51 30.11
N ALA K 245 -7.05 57.74 30.43
CA ALA K 245 -6.48 58.03 31.73
C ALA K 245 -7.55 57.89 32.82
N LEU K 246 -8.78 58.27 32.49
CA LEU K 246 -9.85 58.16 33.48
C LEU K 246 -10.31 56.71 33.58
N LYS K 247 -10.26 55.99 32.46
CA LYS K 247 -10.67 54.59 32.47
C LYS K 247 -9.73 53.74 33.33
N PHE K 248 -8.43 53.95 33.15
CA PHE K 248 -7.42 53.19 33.90
C PHE K 248 -6.96 53.87 35.18
N GLY K 249 -7.53 55.04 35.46
CA GLY K 249 -7.15 55.73 36.67
C GLY K 249 -5.73 56.24 36.69
N ALA K 250 -5.21 56.68 35.54
CA ALA K 250 -3.86 57.25 35.52
C ALA K 250 -3.98 58.61 36.22
N ILE K 251 -5.21 59.12 36.30
CA ILE K 251 -5.48 60.39 36.96
C ILE K 251 -6.65 60.19 37.92
N GLY K 252 -6.56 60.79 39.11
CA GLY K 252 -7.61 60.68 40.11
C GLY K 252 -8.80 61.57 39.77
N ILE K 253 -10.01 61.07 40.01
CA ILE K 253 -11.21 61.84 39.69
C ILE K 253 -11.38 63.10 40.54
N ARG K 254 -10.86 63.07 41.77
CA ARG K 254 -10.95 64.25 42.63
C ARG K 254 -9.98 65.30 42.12
N GLN K 255 -8.80 64.87 41.63
CA GLN K 255 -7.85 65.83 41.11
C GLN K 255 -8.42 66.45 39.84
N ALA K 256 -9.08 65.63 39.03
CA ALA K 256 -9.67 66.12 37.78
C ALA K 256 -10.75 67.15 38.09
N TRP K 257 -11.60 66.84 39.07
CA TRP K 257 -12.66 67.76 39.45
C TRP K 257 -12.06 69.05 39.99
N GLN K 258 -11.05 68.91 40.84
CA GLN K 258 -10.38 70.05 41.46
C GLN K 258 -9.77 71.00 40.44
N ALA K 259 -9.18 70.44 39.39
CA ALA K 259 -8.56 71.27 38.35
C ALA K 259 -9.61 72.04 37.57
N ALA K 260 -10.74 71.41 37.29
CA ALA K 260 -11.82 72.06 36.57
C ALA K 260 -12.41 73.16 37.47
N SER K 261 -12.62 72.83 38.74
CA SER K 261 -13.15 73.79 39.69
C SER K 261 -12.21 74.99 39.78
N ALA K 262 -10.91 74.71 39.77
CA ALA K 262 -9.91 75.76 39.86
C ALA K 262 -10.00 76.69 38.66
N ALA K 263 -10.21 76.13 37.48
CA ALA K 263 -10.31 76.95 36.27
C ALA K 263 -11.55 77.84 36.38
N HIS K 264 -12.63 77.27 36.90
CA HIS K 264 -13.87 78.02 37.04
C HIS K 264 -13.67 79.19 38.00
N ALA K 265 -13.00 78.94 39.10
CA ALA K 265 -12.75 79.97 40.10
C ALA K 265 -11.89 81.12 39.57
N LEU K 266 -10.99 80.80 38.64
CA LEU K 266 -10.13 81.84 38.07
C LEU K 266 -10.63 82.34 36.72
N SER K 267 -11.80 81.88 36.30
CA SER K 267 -12.36 82.29 35.01
C SER K 267 -12.73 83.77 35.04
N ARG K 268 -12.73 84.39 33.87
CA ARG K 268 -13.05 85.80 33.77
C ARG K 268 -14.16 86.12 32.77
N SER K 269 -15.02 85.15 32.50
CA SER K 269 -16.14 85.34 31.58
C SER K 269 -17.18 84.25 31.77
N ASP K 270 -18.43 84.60 31.49
CA ASP K 270 -19.54 83.66 31.62
C ASP K 270 -19.39 82.53 30.61
N GLU K 271 -18.82 82.85 29.44
CA GLU K 271 -18.62 81.84 28.40
C GLU K 271 -17.64 80.79 28.88
N ALA K 272 -16.54 81.25 29.48
CA ALA K 272 -15.54 80.33 30.01
C ALA K 272 -16.16 79.52 31.14
N ARG K 273 -16.90 80.19 32.02
CA ARG K 273 -17.55 79.50 33.13
C ARG K 273 -18.52 78.45 32.62
N ASN K 274 -19.29 78.81 31.61
CA ASN K 274 -20.25 77.88 31.04
C ASN K 274 -19.51 76.66 30.48
N SER K 275 -18.44 76.91 29.72
CA SER K 275 -17.66 75.83 29.12
C SER K 275 -17.16 74.85 30.19
N ILE K 276 -16.61 75.39 31.26
CA ILE K 276 -16.08 74.58 32.33
C ILE K 276 -17.17 73.75 33.00
N ARG K 277 -18.34 74.36 33.18
CA ARG K 277 -19.46 73.69 33.80
C ARG K 277 -19.93 72.55 32.89
N VAL K 278 -19.86 72.77 31.58
CA VAL K 278 -20.27 71.75 30.63
C VAL K 278 -19.30 70.56 30.68
N TRP K 279 -18.02 70.83 30.87
CA TRP K 279 -17.06 69.74 30.95
C TRP K 279 -17.32 68.94 32.23
N GLN K 280 -17.64 69.65 33.32
CA GLN K 280 -17.93 68.96 34.58
C GLN K 280 -19.14 68.07 34.43
N GLN K 281 -20.11 68.48 33.62
CA GLN K 281 -21.28 67.66 33.40
C GLN K 281 -20.90 66.37 32.68
N GLU K 282 -19.83 66.41 31.91
CA GLU K 282 -19.38 65.21 31.21
C GLU K 282 -18.87 64.21 32.25
N LEU K 283 -18.22 64.72 33.28
CA LEU K 283 -17.72 63.85 34.33
C LEU K 283 -18.92 63.25 35.05
N ALA K 284 -20.01 64.00 35.10
CA ALA K 284 -21.22 63.50 35.76
C ALA K 284 -21.86 62.41 34.90
N TRP K 285 -21.75 62.54 33.58
CA TRP K 285 -22.29 61.53 32.69
C TRP K 285 -21.52 60.24 32.89
N ARG K 286 -20.21 60.37 33.12
CA ARG K 286 -19.37 59.21 33.37
C ARG K 286 -19.90 58.48 34.61
N GLU K 287 -20.22 59.25 35.64
CA GLU K 287 -20.72 58.66 36.87
C GLU K 287 -22.12 58.08 36.70
N PHE K 288 -22.94 58.75 35.90
CA PHE K 288 -24.30 58.28 35.65
C PHE K 288 -24.26 56.87 35.06
N TYR K 289 -23.42 56.67 34.05
CA TYR K 289 -23.33 55.36 33.44
C TYR K 289 -22.67 54.32 34.34
N GLN K 290 -21.68 54.73 35.13
CA GLN K 290 -21.04 53.77 36.02
C GLN K 290 -22.03 53.36 37.11
N HIS K 291 -22.77 54.33 37.64
CA HIS K 291 -23.76 54.02 38.67
C HIS K 291 -24.83 53.10 38.09
N ALA K 292 -25.26 53.38 36.87
CA ALA K 292 -26.28 52.56 36.23
C ALA K 292 -25.87 51.10 36.15
N LEU K 293 -24.65 50.86 35.68
CA LEU K 293 -24.16 49.48 35.54
C LEU K 293 -24.06 48.83 36.92
N TYR K 294 -23.64 49.61 37.91
CA TYR K 294 -23.52 49.11 39.26
C TYR K 294 -24.89 48.65 39.76
N HIS K 295 -25.88 49.53 39.63
CA HIS K 295 -27.24 49.21 40.08
C HIS K 295 -27.96 48.19 39.20
N PHE K 296 -27.69 48.22 37.91
CA PHE K 296 -28.36 47.32 36.96
C PHE K 296 -27.37 46.55 36.11
N PRO K 297 -26.70 45.56 36.71
CA PRO K 297 -25.71 44.79 35.96
C PRO K 297 -26.20 44.15 34.66
N SER K 298 -27.51 43.90 34.55
CA SER K 298 -28.05 43.28 33.35
C SER K 298 -27.87 44.16 32.11
N LEU K 299 -27.62 45.45 32.31
CA LEU K 299 -27.42 46.36 31.18
C LEU K 299 -26.32 45.83 30.26
N ALA K 300 -25.29 45.23 30.86
CA ALA K 300 -24.17 44.69 30.11
C ALA K 300 -24.57 43.55 29.15
N ASP K 301 -25.69 42.91 29.44
CA ASP K 301 -26.14 41.79 28.61
C ASP K 301 -26.91 42.22 27.38
N GLY K 302 -27.22 43.51 27.30
CA GLY K 302 -27.93 44.01 26.15
C GLY K 302 -29.17 44.83 26.49
N PRO K 303 -30.08 45.00 25.53
CA PRO K 303 -31.34 45.74 25.65
C PRO K 303 -32.02 45.60 27.00
N TYR K 304 -32.09 46.71 27.74
CA TYR K 304 -32.71 46.74 29.04
C TYR K 304 -34.24 46.72 28.96
N ARG K 305 -34.80 47.63 28.19
CA ARG K 305 -36.26 47.72 28.05
C ARG K 305 -36.80 46.57 27.19
N SER K 306 -37.90 45.97 27.64
CA SER K 306 -38.52 44.82 26.96
C SER K 306 -38.74 44.92 25.45
N LEU K 307 -39.26 46.04 24.98
CA LEU K 307 -39.52 46.22 23.56
C LEU K 307 -38.26 45.96 22.72
N TRP K 308 -37.15 46.53 23.15
CA TRP K 308 -35.89 46.39 22.43
C TRP K 308 -35.29 44.99 22.52
N GLN K 309 -35.77 44.20 23.46
CA GLN K 309 -35.28 42.83 23.61
C GLN K 309 -35.88 41.99 22.49
N GLN K 310 -36.93 42.52 21.86
CA GLN K 310 -37.60 41.80 20.78
C GLN K 310 -37.42 42.45 19.42
N PHE K 311 -36.81 43.63 19.38
CA PHE K 311 -36.62 44.32 18.11
C PHE K 311 -36.06 43.39 17.04
N PRO K 312 -36.70 43.34 15.88
CA PRO K 312 -36.27 42.49 14.77
C PRO K 312 -35.12 43.07 13.95
N TRP K 313 -33.89 42.98 14.48
CA TRP K 313 -32.73 43.49 13.78
C TRP K 313 -32.54 42.74 12.46
N GLU K 314 -32.23 43.48 11.41
CA GLU K 314 -32.02 42.88 10.09
C GLU K 314 -30.75 42.04 10.10
N ASN K 315 -29.71 42.60 10.70
CA ASN K 315 -28.43 41.92 10.81
C ASN K 315 -27.80 41.40 9.51
N ARG K 316 -27.79 42.22 8.47
CA ARG K 316 -27.16 41.81 7.22
C ARG K 316 -25.66 41.92 7.44
N GLU K 317 -24.99 40.77 7.48
CA GLU K 317 -23.55 40.73 7.71
C GLU K 317 -22.75 41.63 6.78
N ALA K 318 -23.15 41.69 5.51
CA ALA K 318 -22.44 42.52 4.54
C ALA K 318 -22.44 43.98 4.97
N LEU K 319 -23.54 44.45 5.51
CA LEU K 319 -23.64 45.84 5.96
C LEU K 319 -22.74 46.07 7.17
N PHE K 320 -22.72 45.12 8.10
CA PHE K 320 -21.88 45.27 9.28
C PHE K 320 -20.41 45.30 8.87
N THR K 321 -20.02 44.42 7.96
CA THR K 321 -18.65 44.37 7.49
C THR K 321 -18.25 45.72 6.91
N ALA K 322 -19.12 46.26 6.06
CA ALA K 322 -18.86 47.54 5.42
C ALA K 322 -18.63 48.63 6.46
N TRP K 323 -19.43 48.59 7.52
CA TRP K 323 -19.32 49.57 8.59
C TRP K 323 -17.95 49.46 9.27
N THR K 324 -17.56 48.23 9.65
CA THR K 324 -16.28 48.03 10.31
C THR K 324 -15.08 48.36 9.43
N GLN K 325 -15.27 48.27 8.11
CA GLN K 325 -14.16 48.56 7.21
C GLN K 325 -14.20 49.96 6.64
N ALA K 326 -15.07 50.80 7.19
CA ALA K 326 -15.20 52.18 6.71
C ALA K 326 -15.49 52.20 5.20
N GLN K 327 -16.42 51.35 4.76
CA GLN K 327 -16.79 51.28 3.35
C GLN K 327 -18.30 51.45 3.22
N THR K 328 -18.86 52.38 4.00
CA THR K 328 -20.30 52.59 3.96
C THR K 328 -20.74 53.51 2.82
N GLY K 329 -19.83 54.32 2.31
CA GLY K 329 -20.19 55.25 1.26
C GLY K 329 -20.68 56.57 1.86
N TYR K 330 -20.69 56.65 3.18
CA TYR K 330 -21.09 57.87 3.88
C TYR K 330 -19.79 58.43 4.44
N PRO K 331 -19.23 59.47 3.80
CA PRO K 331 -17.98 60.07 4.25
C PRO K 331 -17.78 60.33 5.73
N ILE K 332 -18.74 61.00 6.38
CA ILE K 332 -18.57 61.30 7.79
C ILE K 332 -18.44 60.02 8.61
N VAL K 333 -19.22 59.01 8.23
CA VAL K 333 -19.17 57.73 8.93
C VAL K 333 -17.86 56.99 8.67
N ASP K 334 -17.45 56.93 7.41
CA ASP K 334 -16.21 56.23 7.08
C ASP K 334 -14.98 56.90 7.69
N ALA K 335 -14.98 58.22 7.75
CA ALA K 335 -13.86 58.96 8.33
C ALA K 335 -13.74 58.60 9.80
N ALA K 336 -14.88 58.55 10.48
CA ALA K 336 -14.92 58.22 11.90
C ALA K 336 -14.42 56.79 12.15
N MET K 337 -14.85 55.86 11.30
CA MET K 337 -14.43 54.47 11.48
C MET K 337 -12.93 54.33 11.22
N ARG K 338 -12.39 55.16 10.34
CA ARG K 338 -10.96 55.13 10.04
C ARG K 338 -10.19 55.69 11.24
N GLN K 339 -10.69 56.77 11.84
CA GLN K 339 -10.02 57.35 13.01
C GLN K 339 -9.96 56.30 14.12
N LEU K 340 -11.05 55.57 14.29
CA LEU K 340 -11.12 54.55 15.33
C LEU K 340 -10.10 53.42 15.17
N THR K 341 -10.12 52.75 14.03
CA THR K 341 -9.22 51.63 13.82
C THR K 341 -7.76 52.03 13.68
N GLU K 342 -7.51 53.24 13.21
CA GLU K 342 -6.14 53.69 13.04
C GLU K 342 -5.52 54.32 14.28
N THR K 343 -6.34 54.94 15.13
CA THR K 343 -5.81 55.59 16.32
C THR K 343 -6.38 55.13 17.67
N GLY K 344 -7.32 54.19 17.63
CA GLY K 344 -7.90 53.69 18.86
C GLY K 344 -8.76 54.69 19.62
N TRP K 345 -9.17 55.76 18.94
CA TRP K 345 -9.98 56.77 19.61
C TRP K 345 -10.91 57.43 18.59
N MET K 346 -12.05 57.92 19.06
CA MET K 346 -13.00 58.58 18.17
C MET K 346 -13.62 59.74 18.91
N HIS K 347 -13.81 60.86 18.21
CA HIS K 347 -14.44 62.03 18.83
C HIS K 347 -15.88 61.62 19.22
N ASN K 348 -16.37 62.12 20.36
CA ASN K 348 -17.72 61.77 20.82
C ASN K 348 -18.81 62.05 19.80
N ARG K 349 -18.72 63.16 19.08
CA ARG K 349 -19.75 63.48 18.11
C ARG K 349 -19.80 62.38 17.06
N CYS K 350 -18.63 61.87 16.69
CA CYS K 350 -18.58 60.79 15.72
C CYS K 350 -19.04 59.46 16.29
N ARG K 351 -18.78 59.22 17.57
CA ARG K 351 -19.26 57.96 18.17
C ARG K 351 -20.78 57.94 18.09
N MET K 352 -21.40 59.09 18.32
CA MET K 352 -22.86 59.15 18.25
C MET K 352 -23.31 58.95 16.82
N ILE K 353 -22.61 59.57 15.88
CA ILE K 353 -22.97 59.45 14.48
C ILE K 353 -22.86 58.02 13.94
N VAL K 354 -21.75 57.35 14.20
CA VAL K 354 -21.60 56.00 13.67
C VAL K 354 -22.47 54.98 14.40
N ALA K 355 -22.80 55.26 15.66
CA ALA K 355 -23.63 54.34 16.43
C ALA K 355 -25.07 54.44 15.92
N SER K 356 -25.52 55.66 15.67
CA SER K 356 -26.86 55.88 15.13
C SER K 356 -26.93 55.25 13.74
N PHE K 357 -25.86 55.36 12.97
CA PHE K 357 -25.84 54.80 11.63
C PHE K 357 -25.97 53.28 11.66
N LEU K 358 -25.19 52.63 12.52
CA LEU K 358 -25.23 51.17 12.58
C LEU K 358 -26.60 50.63 12.99
N THR K 359 -27.18 51.21 14.03
CA THR K 359 -28.46 50.76 14.55
C THR K 359 -29.68 51.20 13.72
N LYS K 360 -29.71 52.45 13.29
CA LYS K 360 -30.84 52.99 12.52
C LYS K 360 -30.77 52.79 11.01
N ASP K 361 -29.63 53.10 10.41
CA ASP K 361 -29.47 52.96 8.96
C ASP K 361 -29.21 51.53 8.52
N LEU K 362 -28.30 50.84 9.21
CA LEU K 362 -27.98 49.48 8.83
C LEU K 362 -28.88 48.45 9.51
N ILE K 363 -29.57 48.91 10.55
CA ILE K 363 -30.49 48.08 11.33
C ILE K 363 -29.80 46.80 11.81
N ILE K 364 -28.67 46.99 12.46
CA ILE K 364 -27.89 45.90 13.00
C ILE K 364 -27.90 45.99 14.53
N ASP K 365 -28.09 44.85 15.18
CA ASP K 365 -28.12 44.77 16.65
C ASP K 365 -26.95 45.61 17.18
N TRP K 366 -27.23 46.60 18.03
CA TRP K 366 -26.15 47.44 18.53
C TRP K 366 -25.05 46.71 19.28
N ARG K 367 -25.34 45.50 19.77
CA ARG K 367 -24.32 44.75 20.49
C ARG K 367 -23.13 44.44 19.58
N ARG K 368 -23.37 44.37 18.28
CA ARG K 368 -22.28 44.09 17.35
C ARG K 368 -21.36 45.31 17.31
N GLY K 369 -21.95 46.50 17.38
CA GLY K 369 -21.18 47.72 17.36
C GLY K 369 -20.47 47.91 18.69
N GLU K 370 -21.17 47.60 19.77
CA GLU K 370 -20.59 47.73 21.11
C GLU K 370 -19.33 46.89 21.17
N GLN K 371 -19.38 45.68 20.64
CA GLN K 371 -18.24 44.80 20.65
C GLN K 371 -17.10 45.33 19.80
N PHE K 372 -17.42 45.81 18.60
CA PHE K 372 -16.40 46.31 17.72
C PHE K 372 -15.70 47.50 18.36
N PHE K 373 -16.46 48.35 19.04
CA PHE K 373 -15.86 49.49 19.70
C PHE K 373 -14.87 49.01 20.77
N MET K 374 -15.26 48.02 21.57
CA MET K 374 -14.35 47.52 22.60
C MET K 374 -13.09 46.88 22.01
N GLN K 375 -13.19 46.40 20.78
CA GLN K 375 -12.05 45.78 20.12
C GLN K 375 -11.03 46.77 19.56
N HIS K 376 -11.35 48.05 19.61
CA HIS K 376 -10.46 49.08 19.08
C HIS K 376 -10.20 50.28 19.98
N LEU K 377 -11.15 50.63 20.83
CA LEU K 377 -11.03 51.80 21.71
C LEU K 377 -10.01 51.71 22.84
N VAL K 378 -9.11 52.71 22.87
CA VAL K 378 -8.10 52.79 23.92
C VAL K 378 -8.79 53.11 25.24
N ASP K 379 -9.97 53.70 25.16
CA ASP K 379 -10.71 54.04 26.37
C ASP K 379 -11.93 53.13 26.56
N GLY K 380 -11.99 52.04 25.80
CA GLY K 380 -13.10 51.11 25.89
C GLY K 380 -13.45 50.80 27.33
N ASP K 381 -14.67 51.14 27.73
CA ASP K 381 -15.11 50.96 29.12
C ASP K 381 -16.55 50.43 29.09
N LEU K 382 -16.76 49.26 29.70
CA LEU K 382 -18.08 48.65 29.70
C LEU K 382 -19.22 49.61 30.04
N ALA K 383 -19.11 50.34 31.13
CA ALA K 383 -20.19 51.24 31.53
C ALA K 383 -20.49 52.33 30.52
N ALA K 384 -19.46 53.06 30.10
CA ALA K 384 -19.64 54.17 29.17
C ALA K 384 -19.95 53.70 27.75
N ASN K 385 -19.32 52.61 27.33
CA ASN K 385 -19.55 52.11 25.98
C ASN K 385 -20.94 51.52 25.86
N ASN K 386 -21.35 50.74 26.86
CA ASN K 386 -22.69 50.16 26.85
C ASN K 386 -23.72 51.30 26.92
N GLY K 387 -23.42 52.29 27.76
CA GLY K 387 -24.32 53.43 27.90
C GLY K 387 -24.50 54.14 26.57
N GLY K 388 -23.39 54.42 25.89
CA GLY K 388 -23.45 55.08 24.60
C GLY K 388 -24.21 54.30 23.54
N TRP K 389 -23.99 52.99 23.50
CA TRP K 389 -24.68 52.17 22.51
C TRP K 389 -26.17 52.01 22.80
N GLN K 390 -26.55 51.95 24.07
CA GLN K 390 -27.95 51.83 24.42
C GLN K 390 -28.60 53.17 24.09
N TRP K 391 -27.81 54.23 24.22
CA TRP K 391 -28.30 55.56 23.91
C TRP K 391 -28.64 55.63 22.41
N SER K 392 -27.79 55.03 21.59
CA SER K 392 -28.00 55.06 20.14
C SER K 392 -29.29 54.36 19.74
N ALA K 393 -29.78 53.48 20.60
CA ALA K 393 -31.01 52.75 20.31
C ALA K 393 -32.10 53.13 21.31
N SER K 394 -31.77 54.02 22.23
CA SER K 394 -32.70 54.44 23.27
C SER K 394 -33.29 53.17 23.90
N SER K 395 -32.43 52.21 24.19
CA SER K 395 -32.84 50.93 24.75
C SER K 395 -32.46 50.69 26.20
N GLY K 396 -31.76 51.65 26.80
CA GLY K 396 -31.34 51.47 28.18
C GLY K 396 -31.81 52.56 29.12
N MET K 397 -30.86 53.14 29.83
CA MET K 397 -31.15 54.20 30.79
C MET K 397 -31.47 55.50 30.06
N ASP K 398 -32.07 56.44 30.78
CA ASP K 398 -32.42 57.75 30.24
C ASP K 398 -33.03 57.64 28.83
N PRO K 399 -34.09 56.82 28.67
CA PRO K 399 -34.74 56.63 27.38
C PRO K 399 -35.35 57.92 26.83
N LYS K 400 -35.90 57.84 25.63
CA LYS K 400 -36.56 58.98 25.00
C LYS K 400 -36.88 58.68 23.52
N PRO K 401 -37.53 59.62 22.83
CA PRO K 401 -37.91 59.47 21.43
C PRO K 401 -36.89 58.82 20.49
N LEU K 402 -37.39 58.29 19.38
CA LEU K 402 -36.57 57.64 18.37
C LEU K 402 -35.57 58.66 17.82
N ARG K 403 -34.31 58.55 18.22
CA ARG K 403 -33.26 59.46 17.78
C ARG K 403 -32.57 59.01 16.49
N ILE K 404 -33.10 59.38 15.33
CA ILE K 404 -32.43 58.97 14.10
C ILE K 404 -31.63 60.12 13.47
N PHE K 405 -30.32 60.09 13.72
CA PHE K 405 -29.40 61.09 13.19
C PHE K 405 -29.36 61.03 11.67
N ASN K 406 -29.18 62.19 11.05
CA ASN K 406 -29.06 62.27 9.60
C ASN K 406 -27.58 62.60 9.39
N PRO K 407 -26.82 61.66 8.81
CA PRO K 407 -25.39 61.88 8.56
C PRO K 407 -25.06 63.21 7.87
N ALA K 408 -25.81 63.53 6.83
CA ALA K 408 -25.56 64.76 6.09
C ALA K 408 -25.82 65.99 6.96
N SER K 409 -26.85 65.92 7.79
CA SER K 409 -27.17 67.03 8.65
C SER K 409 -26.07 67.20 9.72
N GLN K 410 -25.61 66.08 10.25
CA GLN K 410 -24.56 66.09 11.25
C GLN K 410 -23.27 66.65 10.67
N ALA K 411 -22.91 66.18 9.48
CA ALA K 411 -21.69 66.64 8.83
C ALA K 411 -21.75 68.14 8.56
N LYS K 412 -22.88 68.60 8.06
CA LYS K 412 -23.03 70.03 7.76
C LYS K 412 -22.92 70.87 9.02
N LYS K 413 -23.48 70.38 10.12
CA LYS K 413 -23.44 71.11 11.38
C LYS K 413 -22.11 71.10 12.11
N PHE K 414 -21.49 69.92 12.15
CA PHE K 414 -20.26 69.76 12.90
C PHE K 414 -18.96 69.59 12.14
N ASP K 415 -19.03 69.56 10.80
CA ASP K 415 -17.83 69.44 9.98
C ASP K 415 -18.15 70.15 8.68
N ALA K 416 -18.60 71.40 8.83
CA ALA K 416 -19.02 72.27 7.74
C ALA K 416 -18.07 72.42 6.57
N THR K 417 -16.77 72.28 6.80
CA THR K 417 -15.80 72.43 5.71
C THR K 417 -15.20 71.09 5.32
N ALA K 418 -15.76 70.01 5.87
CA ALA K 418 -15.31 68.64 5.61
C ALA K 418 -13.85 68.43 5.96
N THR K 419 -13.34 69.25 6.87
CA THR K 419 -11.96 69.17 7.33
C THR K 419 -11.68 67.82 7.98
N TYR K 420 -12.59 67.39 8.85
CA TYR K 420 -12.42 66.11 9.54
C TYR K 420 -12.52 64.98 8.54
N ILE K 421 -13.50 65.07 7.64
CA ILE K 421 -13.69 64.05 6.64
C ILE K 421 -12.46 63.89 5.75
N LYS K 422 -11.90 65.01 5.31
CA LYS K 422 -10.73 64.97 4.45
C LYS K 422 -9.49 64.48 5.19
N ARG K 423 -9.42 64.75 6.48
CA ARG K 423 -8.28 64.32 7.28
C ARG K 423 -8.18 62.79 7.32
N TRP K 424 -9.31 62.13 7.53
CA TRP K 424 -9.31 60.67 7.62
C TRP K 424 -9.61 59.90 6.35
N LEU K 425 -10.02 60.60 5.30
CA LEU K 425 -10.31 59.98 4.02
C LEU K 425 -9.51 60.75 2.97
N PRO K 426 -8.18 60.72 3.09
CA PRO K 426 -7.29 61.43 2.15
C PRO K 426 -7.57 61.16 0.68
N GLU K 427 -8.16 60.01 0.38
CA GLU K 427 -8.45 59.65 -1.00
C GLU K 427 -9.60 60.45 -1.62
N LEU K 428 -10.32 61.20 -0.80
CA LEU K 428 -11.44 62.01 -1.30
C LEU K 428 -11.17 63.49 -1.21
N ARG K 429 -9.91 63.85 -0.99
CA ARG K 429 -9.55 65.26 -0.84
C ARG K 429 -9.77 66.12 -2.07
N HIS K 430 -9.95 65.49 -3.22
CA HIS K 430 -10.18 66.23 -4.46
C HIS K 430 -11.67 66.55 -4.57
N VAL K 431 -12.48 65.92 -3.74
CA VAL K 431 -13.92 66.15 -3.76
C VAL K 431 -14.27 67.44 -3.00
N HIS K 432 -15.23 68.19 -3.53
CA HIS K 432 -15.66 69.44 -2.90
C HIS K 432 -16.41 69.13 -1.60
N PRO K 433 -16.17 69.91 -0.56
CA PRO K 433 -16.82 69.72 0.75
C PRO K 433 -18.32 69.49 0.65
N LYS K 434 -18.99 70.28 -0.21
CA LYS K 434 -20.43 70.18 -0.39
C LYS K 434 -20.88 68.75 -0.64
N ASP K 435 -20.15 68.03 -1.50
CA ASP K 435 -20.51 66.66 -1.82
C ASP K 435 -20.08 65.67 -0.76
N LEU K 436 -19.02 66.00 -0.02
CA LEU K 436 -18.54 65.11 1.04
C LEU K 436 -19.55 65.13 2.18
N ILE K 437 -20.13 66.29 2.40
CA ILE K 437 -21.11 66.49 3.46
C ILE K 437 -22.46 65.89 3.07
N SER K 438 -22.88 66.10 1.83
CA SER K 438 -24.16 65.57 1.37
C SER K 438 -24.06 64.07 1.13
N GLY K 439 -22.85 63.61 0.80
CA GLY K 439 -22.66 62.19 0.54
C GLY K 439 -22.90 61.81 -0.90
N GLU K 440 -23.24 62.79 -1.73
CA GLU K 440 -23.49 62.53 -3.14
C GLU K 440 -22.25 62.82 -3.96
N ILE K 441 -21.45 61.78 -4.18
CA ILE K 441 -20.22 61.92 -4.94
C ILE K 441 -20.44 61.26 -6.30
N THR K 442 -20.00 61.93 -7.36
CA THR K 442 -20.13 61.39 -8.70
C THR K 442 -19.24 60.16 -8.83
N PRO K 443 -19.70 59.16 -9.59
CA PRO K 443 -18.97 57.90 -9.83
C PRO K 443 -17.52 58.08 -10.22
N ILE K 444 -17.25 58.96 -11.17
CA ILE K 444 -15.87 59.18 -11.61
C ILE K 444 -15.03 59.86 -10.53
N GLU K 445 -15.68 60.60 -9.65
CA GLU K 445 -14.95 61.27 -8.58
C GLU K 445 -14.66 60.39 -7.36
N ARG K 446 -15.43 59.34 -7.16
CA ARG K 446 -15.17 58.50 -5.99
C ARG K 446 -13.98 57.55 -6.17
N ARG K 447 -13.46 57.48 -7.39
CA ARG K 447 -12.29 56.66 -7.70
C ARG K 447 -12.12 55.44 -6.79
N GLY K 448 -13.09 54.54 -6.78
CA GLY K 448 -12.96 53.37 -5.94
C GLY K 448 -13.78 53.47 -4.66
N TYR K 449 -13.91 54.68 -4.12
CA TYR K 449 -14.69 54.88 -2.91
C TYR K 449 -16.08 54.33 -3.18
N PRO K 450 -16.61 53.53 -2.25
CA PRO K 450 -17.94 52.93 -2.41
C PRO K 450 -19.08 53.93 -2.50
N ALA K 451 -20.14 53.52 -3.18
CA ALA K 451 -21.34 54.33 -3.30
C ALA K 451 -22.10 54.02 -2.01
N PRO K 452 -23.01 54.90 -1.57
CA PRO K 452 -23.76 54.64 -0.35
C PRO K 452 -24.34 53.22 -0.30
N ILE K 453 -24.01 52.47 0.75
CA ILE K 453 -24.50 51.10 0.87
C ILE K 453 -25.98 51.01 1.15
N VAL K 454 -26.57 52.11 1.59
CA VAL K 454 -28.00 52.17 1.87
C VAL K 454 -28.45 53.60 1.65
N ASN K 455 -29.76 53.79 1.52
CA ASN K 455 -30.32 55.12 1.34
C ASN K 455 -30.88 55.53 2.70
N HIS K 456 -30.36 56.63 3.24
CA HIS K 456 -30.79 57.07 4.55
C HIS K 456 -32.30 57.25 4.72
N ASN K 457 -32.91 58.03 3.84
CA ASN K 457 -34.35 58.27 3.95
C ASN K 457 -35.16 56.98 3.93
N LEU K 458 -34.77 56.03 3.08
CA LEU K 458 -35.50 54.77 3.00
C LEU K 458 -35.34 53.95 4.28
N ARG K 459 -34.10 53.82 4.75
CA ARG K 459 -33.85 53.06 5.97
C ARG K 459 -34.54 53.66 7.18
N GLN K 460 -34.63 54.98 7.22
CA GLN K 460 -35.29 55.66 8.33
C GLN K 460 -36.76 55.24 8.35
N LYS K 461 -37.37 55.18 7.17
CA LYS K 461 -38.78 54.80 7.08
C LYS K 461 -38.93 53.34 7.49
N GLN K 462 -38.04 52.48 6.99
CA GLN K 462 -38.09 51.07 7.31
C GLN K 462 -37.88 50.82 8.80
N PHE K 463 -36.96 51.56 9.40
CA PHE K 463 -36.70 51.39 10.82
C PHE K 463 -37.90 51.84 11.64
N LYS K 464 -38.45 53.00 11.31
CA LYS K 464 -39.62 53.51 12.02
C LYS K 464 -40.79 52.53 11.89
N ALA K 465 -40.93 51.93 10.71
CA ALA K 465 -42.01 50.98 10.47
C ALA K 465 -41.84 49.79 11.41
N LEU K 466 -40.64 49.20 11.41
CA LEU K 466 -40.35 48.06 12.26
C LEU K 466 -40.66 48.41 13.71
N TYR K 467 -40.30 49.63 14.10
CA TYR K 467 -40.54 50.11 15.45
C TYR K 467 -42.02 50.18 15.78
N ASN K 468 -42.74 51.07 15.10
CA ASN K 468 -44.17 51.24 15.34
C ASN K 468 -44.92 49.91 15.26
N GLN K 469 -44.53 49.08 14.30
CA GLN K 469 -45.17 47.79 14.13
C GLN K 469 -45.06 46.96 15.40
N LEU K 470 -43.87 46.96 16.00
CA LEU K 470 -43.64 46.21 17.23
C LEU K 470 -44.31 46.91 18.40
N LYS K 471 -44.27 48.24 18.42
CA LYS K 471 -44.87 48.99 19.51
C LYS K 471 -46.35 48.68 19.58
N ALA K 472 -46.98 48.58 18.41
CA ALA K 472 -48.40 48.27 18.32
C ALA K 472 -48.63 46.82 18.75
N ALA K 473 -47.90 45.91 18.11
CA ALA K 473 -48.02 44.49 18.41
C ALA K 473 -47.51 44.17 19.81
N ILE K 474 -47.43 45.20 20.66
CA ILE K 474 -46.96 45.02 22.02
C ILE K 474 -48.15 45.06 22.97
N ALA L 1 -15.00 -55.75 -35.99
CA ALA L 1 -15.69 -54.44 -35.96
C ALA L 1 -14.81 -53.37 -35.33
N ALA L 2 -13.87 -53.80 -34.49
CA ALA L 2 -12.96 -52.88 -33.81
C ALA L 2 -11.58 -52.92 -34.46
N PRO L 3 -10.91 -51.76 -34.53
CA PRO L 3 -9.58 -51.72 -35.13
C PRO L 3 -8.54 -52.37 -34.24
N ILE L 4 -7.45 -52.79 -34.84
CA ILE L 4 -6.34 -53.37 -34.09
C ILE L 4 -5.19 -52.40 -34.27
N LEU L 5 -4.56 -52.02 -33.16
CA LEU L 5 -3.44 -51.09 -33.22
C LEU L 5 -2.11 -51.83 -33.14
N PHE L 6 -1.16 -51.43 -33.97
CA PHE L 6 0.17 -52.02 -33.89
C PHE L 6 1.09 -50.89 -33.47
N TRP L 7 1.73 -51.07 -32.32
CA TRP L 7 2.61 -50.06 -31.79
C TRP L 7 4.07 -50.31 -32.17
N HIS L 8 4.59 -49.44 -33.04
CA HIS L 8 5.98 -49.52 -33.50
C HIS L 8 6.90 -48.79 -32.53
N ARG L 9 8.10 -49.32 -32.32
CA ARG L 9 9.07 -48.65 -31.46
C ARG L 9 10.46 -48.78 -32.10
N ARG L 10 10.93 -50.01 -32.31
CA ARG L 10 12.23 -50.22 -32.94
C ARG L 10 12.13 -51.30 -34.01
N ASP L 11 11.02 -51.27 -34.74
CA ASP L 11 10.71 -52.22 -35.81
C ASP L 11 10.02 -51.38 -36.88
N LEU L 12 10.71 -50.34 -37.35
CA LEU L 12 10.15 -49.39 -38.31
C LEU L 12 10.13 -49.88 -39.76
N ARG L 13 9.25 -50.84 -40.01
CA ARG L 13 9.09 -51.43 -41.34
C ARG L 13 7.76 -52.18 -41.34
N LEU L 14 7.27 -52.50 -42.54
CA LEU L 14 6.03 -53.23 -42.69
C LEU L 14 6.37 -54.68 -43.03
N SER L 15 7.52 -54.90 -43.64
CA SER L 15 7.93 -56.24 -44.04
C SER L 15 8.55 -57.07 -42.92
N ASP L 16 8.49 -58.40 -43.06
CA ASP L 16 9.05 -59.35 -42.10
C ASP L 16 8.97 -58.87 -40.65
N ASN L 17 7.76 -58.58 -40.19
CA ASN L 17 7.51 -58.10 -38.83
C ASN L 17 6.55 -59.06 -38.12
N ILE L 18 7.08 -59.85 -37.18
CA ILE L 18 6.27 -60.85 -36.46
C ILE L 18 4.98 -60.34 -35.85
N GLY L 19 5.08 -59.33 -34.99
CA GLY L 19 3.91 -58.79 -34.35
C GLY L 19 2.92 -58.19 -35.31
N LEU L 20 3.43 -57.54 -36.36
CA LEU L 20 2.57 -56.91 -37.35
C LEU L 20 1.80 -57.95 -38.14
N ALA L 21 2.50 -59.02 -38.54
CA ALA L 21 1.88 -60.09 -39.31
C ALA L 21 0.81 -60.79 -38.46
N ALA L 22 1.11 -60.99 -37.18
CA ALA L 22 0.17 -61.63 -36.28
C ALA L 22 -1.10 -60.77 -36.14
N ALA L 23 -0.91 -59.47 -36.04
CA ALA L 23 -2.05 -58.57 -35.91
C ALA L 23 -2.88 -58.59 -37.18
N ARG L 24 -2.21 -58.64 -38.33
CA ARG L 24 -2.90 -58.65 -39.61
C ARG L 24 -3.76 -59.90 -39.77
N ALA L 25 -3.33 -61.00 -39.16
CA ALA L 25 -4.06 -62.25 -39.23
C ALA L 25 -5.37 -62.14 -38.44
N GLN L 26 -5.46 -61.12 -37.59
CA GLN L 26 -6.65 -60.92 -36.77
C GLN L 26 -7.61 -59.89 -37.37
N SER L 27 -7.08 -58.93 -38.11
CA SER L 27 -7.92 -57.90 -38.72
C SER L 27 -7.22 -57.11 -39.82
N ALA L 28 -8.02 -56.67 -40.79
CA ALA L 28 -7.50 -55.87 -41.89
C ALA L 28 -7.47 -54.40 -41.49
N GLN L 29 -8.25 -54.04 -40.47
CA GLN L 29 -8.26 -52.66 -40.02
C GLN L 29 -7.13 -52.53 -39.00
N LEU L 30 -5.91 -52.64 -39.54
CA LEU L 30 -4.69 -52.58 -38.77
C LEU L 30 -4.12 -51.17 -38.91
N ILE L 31 -4.04 -50.48 -37.78
CA ILE L 31 -3.54 -49.11 -37.75
C ILE L 31 -2.21 -49.04 -37.01
N GLY L 32 -1.21 -48.45 -37.66
CA GLY L 32 0.09 -48.33 -37.05
C GLY L 32 0.15 -47.16 -36.10
N LEU L 33 1.05 -47.23 -35.12
CA LEU L 33 1.20 -46.18 -34.13
C LEU L 33 2.64 -46.00 -33.66
N PHE L 34 3.08 -44.76 -33.51
CA PHE L 34 4.42 -44.48 -32.99
C PHE L 34 4.26 -43.34 -32.01
N CYS L 35 4.90 -43.46 -30.85
CA CYS L 35 4.80 -42.44 -29.82
C CYS L 35 6.16 -41.83 -29.50
N LEU L 36 6.33 -40.57 -29.89
CA LEU L 36 7.58 -39.84 -29.65
C LEU L 36 7.65 -39.68 -28.14
N ASP L 37 8.62 -40.38 -27.55
CA ASP L 37 8.81 -40.45 -26.10
C ASP L 37 9.87 -39.51 -25.52
N PRO L 38 9.43 -38.51 -24.74
CA PRO L 38 10.37 -37.56 -24.13
C PRO L 38 11.46 -38.22 -23.29
N GLN L 39 11.10 -39.27 -22.55
CA GLN L 39 12.09 -39.95 -21.71
C GLN L 39 13.21 -40.55 -22.53
N ILE L 40 12.97 -40.76 -23.82
CA ILE L 40 14.01 -41.31 -24.68
C ILE L 40 14.69 -40.17 -25.45
N LEU L 41 13.90 -39.39 -26.16
CA LEU L 41 14.43 -38.29 -26.96
C LEU L 41 15.20 -37.22 -26.19
N GLN L 42 14.83 -36.98 -24.94
CA GLN L 42 15.52 -35.97 -24.16
C GLN L 42 16.55 -36.50 -23.18
N SER L 43 16.92 -37.76 -23.35
CA SER L 43 17.91 -38.40 -22.51
C SER L 43 19.27 -37.77 -22.79
N ALA L 44 20.16 -37.80 -21.82
CA ALA L 44 21.49 -37.22 -21.98
C ALA L 44 22.25 -37.99 -23.05
N ASP L 45 21.96 -39.28 -23.18
CA ASP L 45 22.65 -40.13 -24.15
C ASP L 45 21.94 -40.30 -25.50
N MET L 46 21.54 -39.19 -26.10
CA MET L 46 20.88 -39.22 -27.40
C MET L 46 21.81 -38.58 -28.43
N ALA L 47 21.81 -39.12 -29.64
CA ALA L 47 22.68 -38.62 -30.71
C ALA L 47 21.83 -37.98 -31.81
N PRO L 48 22.24 -36.81 -32.31
CA PRO L 48 21.44 -36.20 -33.38
C PRO L 48 21.37 -37.09 -34.63
N ALA L 49 22.46 -37.78 -34.94
CA ALA L 49 22.46 -38.65 -36.12
C ALA L 49 21.40 -39.73 -35.96
N ARG L 50 21.27 -40.24 -34.73
CA ARG L 50 20.31 -41.30 -34.46
C ARG L 50 18.88 -40.80 -34.57
N VAL L 51 18.60 -39.60 -34.07
CA VAL L 51 17.25 -39.08 -34.18
C VAL L 51 16.93 -38.78 -35.65
N ALA L 52 17.94 -38.31 -36.38
CA ALA L 52 17.76 -38.01 -37.79
C ALA L 52 17.42 -39.28 -38.56
N TYR L 53 18.08 -40.37 -38.19
CA TYR L 53 17.83 -41.64 -38.88
C TYR L 53 16.42 -42.11 -38.54
N LEU L 54 16.07 -42.02 -37.27
CA LEU L 54 14.74 -42.39 -36.81
C LEU L 54 13.67 -41.60 -37.56
N GLN L 55 13.86 -40.29 -37.60
CA GLN L 55 12.90 -39.42 -38.26
C GLN L 55 12.70 -39.85 -39.71
N GLY L 56 13.79 -40.18 -40.39
CA GLY L 56 13.72 -40.63 -41.78
C GLY L 56 12.97 -41.94 -41.91
N CYS L 57 13.20 -42.86 -40.97
CA CYS L 57 12.50 -44.15 -40.98
C CYS L 57 10.99 -43.95 -40.81
N LEU L 58 10.62 -43.02 -39.93
CA LEU L 58 9.20 -42.76 -39.69
C LEU L 58 8.53 -42.14 -40.90
N GLN L 59 9.25 -41.29 -41.62
CA GLN L 59 8.68 -40.69 -42.81
C GLN L 59 8.30 -41.78 -43.79
N GLU L 60 9.20 -42.74 -44.02
CA GLU L 60 8.91 -43.83 -44.94
C GLU L 60 7.82 -44.76 -44.40
N LEU L 61 7.82 -45.02 -43.10
CA LEU L 61 6.79 -45.88 -42.53
C LEU L 61 5.41 -45.26 -42.70
N GLN L 62 5.32 -43.94 -42.62
CA GLN L 62 4.04 -43.25 -42.82
C GLN L 62 3.59 -43.54 -44.24
N GLN L 63 4.51 -43.34 -45.18
CA GLN L 63 4.23 -43.58 -46.60
C GLN L 63 3.81 -45.02 -46.84
N ARG L 64 4.49 -45.96 -46.20
CA ARG L 64 4.18 -47.38 -46.36
C ARG L 64 2.78 -47.74 -45.89
N TYR L 65 2.37 -47.18 -44.75
CA TYR L 65 1.05 -47.45 -44.22
C TYR L 65 -0.01 -46.87 -45.15
N GLN L 66 0.24 -45.69 -45.70
CA GLN L 66 -0.71 -45.07 -46.61
C GLN L 66 -0.93 -45.96 -47.82
N GLN L 67 0.15 -46.45 -48.41
CA GLN L 67 0.05 -47.31 -49.58
C GLN L 67 -0.65 -48.62 -49.25
N ALA L 68 -0.44 -49.13 -48.05
CA ALA L 68 -1.05 -50.40 -47.63
C ALA L 68 -2.55 -50.30 -47.40
N GLY L 69 -3.04 -49.09 -47.14
CA GLY L 69 -4.47 -48.94 -46.93
C GLY L 69 -4.91 -48.19 -45.69
N SER L 70 -4.03 -48.00 -44.71
CA SER L 70 -4.44 -47.28 -43.51
C SER L 70 -3.52 -46.09 -43.22
N ARG L 71 -2.94 -46.06 -42.03
CA ARG L 71 -2.06 -44.95 -41.67
C ARG L 71 -1.21 -45.25 -40.43
N LEU L 72 -0.24 -44.39 -40.19
CA LEU L 72 0.63 -44.50 -39.02
C LEU L 72 0.23 -43.32 -38.15
N LEU L 73 -0.36 -43.60 -36.99
CA LEU L 73 -0.76 -42.53 -36.08
C LEU L 73 0.49 -42.10 -35.33
N LEU L 74 0.62 -40.79 -35.11
CA LEU L 74 1.76 -40.24 -34.40
C LEU L 74 1.31 -39.55 -33.12
N LEU L 75 1.92 -39.93 -32.01
CA LEU L 75 1.64 -39.35 -30.71
C LEU L 75 2.94 -38.81 -30.13
N GLN L 76 2.82 -37.94 -29.13
CA GLN L 76 4.00 -37.39 -28.50
C GLN L 76 3.72 -37.26 -27.01
N GLY L 77 4.47 -38.00 -26.21
CA GLY L 77 4.29 -37.95 -24.77
C GLY L 77 4.54 -39.32 -24.16
N ASP L 78 4.10 -39.47 -22.92
CA ASP L 78 4.27 -40.72 -22.17
C ASP L 78 3.34 -41.81 -22.70
N PRO L 79 3.90 -42.85 -23.33
CA PRO L 79 3.05 -43.92 -23.85
C PRO L 79 2.17 -44.62 -22.81
N GLN L 80 2.63 -44.69 -21.57
CA GLN L 80 1.86 -45.33 -20.50
C GLN L 80 0.46 -44.74 -20.40
N HIS L 81 0.33 -43.46 -20.70
CA HIS L 81 -0.97 -42.81 -20.62
C HIS L 81 -1.59 -42.61 -21.99
N LEU L 82 -0.77 -42.24 -22.97
CA LEU L 82 -1.30 -42.00 -24.30
C LEU L 82 -1.79 -43.23 -25.03
N ILE L 83 -1.05 -44.33 -24.97
CA ILE L 83 -1.46 -45.54 -25.69
C ILE L 83 -2.80 -46.09 -25.17
N PRO L 84 -2.93 -46.27 -23.85
CA PRO L 84 -4.21 -46.79 -23.35
C PRO L 84 -5.36 -45.85 -23.69
N GLN L 85 -5.11 -44.54 -23.58
CA GLN L 85 -6.11 -43.54 -23.88
C GLN L 85 -6.56 -43.67 -25.35
N LEU L 86 -5.57 -43.82 -26.23
CA LEU L 86 -5.86 -43.96 -27.64
C LEU L 86 -6.68 -45.22 -27.92
N ALA L 87 -6.26 -46.33 -27.33
CA ALA L 87 -6.97 -47.60 -27.52
C ALA L 87 -8.41 -47.51 -27.05
N GLN L 88 -8.64 -46.80 -25.95
CA GLN L 88 -9.99 -46.65 -25.41
C GLN L 88 -10.89 -45.79 -26.28
N GLN L 89 -10.43 -44.58 -26.61
CA GLN L 89 -11.21 -43.66 -27.43
C GLN L 89 -11.48 -44.28 -28.79
N LEU L 90 -10.65 -45.23 -29.18
CA LEU L 90 -10.79 -45.89 -30.45
C LEU L 90 -11.53 -47.21 -30.27
N GLN L 91 -11.70 -47.62 -29.02
CA GLN L 91 -12.39 -48.87 -28.70
C GLN L 91 -11.71 -50.04 -29.41
N ALA L 92 -10.39 -49.98 -29.47
CA ALA L 92 -9.61 -51.02 -30.13
C ALA L 92 -9.81 -52.35 -29.42
N GLU L 93 -9.80 -53.42 -30.21
CA GLU L 93 -9.97 -54.76 -29.67
C GLU L 93 -8.65 -55.25 -29.08
N ALA L 94 -7.55 -54.77 -29.63
CA ALA L 94 -6.24 -55.18 -29.16
C ALA L 94 -5.13 -54.25 -29.60
N VAL L 95 -4.00 -54.35 -28.91
CA VAL L 95 -2.82 -53.56 -29.25
C VAL L 95 -1.69 -54.57 -29.30
N TYR L 96 -1.02 -54.64 -30.44
CA TYR L 96 0.10 -55.54 -30.65
C TYR L 96 1.41 -54.74 -30.72
N TRP L 97 2.50 -55.38 -30.32
CA TRP L 97 3.82 -54.79 -30.42
C TRP L 97 4.86 -55.86 -30.20
N ASN L 98 6.10 -55.57 -30.57
CA ASN L 98 7.18 -56.51 -30.41
C ASN L 98 7.99 -56.20 -29.17
N GLN L 99 8.29 -57.23 -28.39
CA GLN L 99 9.06 -57.07 -27.16
C GLN L 99 10.46 -56.55 -27.40
N ASP L 100 11.03 -55.93 -26.37
CA ASP L 100 12.38 -55.41 -26.43
C ASP L 100 13.17 -56.01 -25.27
N ILE L 101 14.47 -55.74 -25.21
CA ILE L 101 15.30 -56.28 -24.13
C ILE L 101 15.81 -55.21 -23.15
N GLU L 102 15.61 -53.94 -23.47
CA GLU L 102 16.10 -52.87 -22.61
C GLU L 102 15.25 -52.65 -21.37
N PRO L 103 15.88 -52.33 -20.23
CA PRO L 103 15.18 -52.09 -18.96
C PRO L 103 14.04 -51.09 -19.08
N TYR L 104 14.31 -49.94 -19.69
CA TYR L 104 13.28 -48.92 -19.83
C TYR L 104 12.10 -49.44 -20.65
N GLY L 105 12.40 -49.95 -21.83
CA GLY L 105 11.37 -50.48 -22.71
C GLY L 105 10.54 -51.58 -22.07
N ARG L 106 11.18 -52.50 -21.36
CA ARG L 106 10.42 -53.59 -20.75
C ARG L 106 9.53 -53.06 -19.62
N ASP L 107 10.04 -52.12 -18.84
CA ASP L 107 9.28 -51.53 -17.75
C ASP L 107 8.06 -50.83 -18.36
N ARG L 108 8.33 -49.99 -19.34
CA ARG L 108 7.28 -49.24 -20.05
C ARG L 108 6.19 -50.20 -20.56
N ASP L 109 6.62 -51.26 -21.23
CA ASP L 109 5.67 -52.24 -21.78
C ASP L 109 4.83 -52.88 -20.70
N GLY L 110 5.44 -53.17 -19.56
CA GLY L 110 4.70 -53.77 -18.46
C GLY L 110 3.58 -52.84 -18.04
N GLN L 111 3.88 -51.55 -17.96
CA GLN L 111 2.89 -50.55 -17.58
C GLN L 111 1.77 -50.41 -18.59
N VAL L 112 2.13 -50.35 -19.87
CA VAL L 112 1.14 -50.22 -20.93
C VAL L 112 0.20 -51.43 -20.97
N ALA L 113 0.79 -52.62 -20.93
CA ALA L 113 0.02 -53.86 -20.97
C ALA L 113 -0.97 -53.92 -19.81
N ALA L 114 -0.50 -53.57 -18.62
CA ALA L 114 -1.36 -53.60 -17.45
C ALA L 114 -2.52 -52.62 -17.61
N ALA L 115 -2.22 -51.41 -18.06
CA ALA L 115 -3.25 -50.40 -18.27
C ALA L 115 -4.27 -50.87 -19.29
N LEU L 116 -3.80 -51.54 -20.34
CA LEU L 116 -4.70 -52.03 -21.37
C LEU L 116 -5.59 -53.15 -20.83
N LYS L 117 -4.98 -54.09 -20.10
CA LYS L 117 -5.74 -55.20 -19.54
C LYS L 117 -6.83 -54.68 -18.63
N THR L 118 -6.52 -53.65 -17.85
CA THR L 118 -7.50 -53.07 -16.95
C THR L 118 -8.65 -52.45 -17.75
N ALA L 119 -8.34 -51.96 -18.95
CA ALA L 119 -9.34 -51.34 -19.80
C ALA L 119 -10.09 -52.39 -20.61
N GLY L 120 -9.75 -53.66 -20.42
CA GLY L 120 -10.41 -54.72 -21.15
C GLY L 120 -9.92 -54.82 -22.59
N ILE L 121 -8.71 -54.32 -22.83
CA ILE L 121 -8.13 -54.36 -24.17
C ILE L 121 -6.95 -55.32 -24.17
N ARG L 122 -6.97 -56.23 -25.14
CA ARG L 122 -5.93 -57.24 -25.29
C ARG L 122 -4.59 -56.65 -25.70
N ALA L 123 -3.52 -57.08 -25.04
CA ALA L 123 -2.17 -56.61 -25.35
C ALA L 123 -1.32 -57.84 -25.70
N VAL L 124 -0.86 -57.89 -26.95
CA VAL L 124 -0.05 -59.01 -27.40
C VAL L 124 1.37 -58.55 -27.69
N GLN L 125 2.33 -59.17 -27.01
CA GLN L 125 3.74 -58.84 -27.14
C GLN L 125 4.51 -60.03 -27.69
N LEU L 126 5.02 -59.91 -28.91
CA LEU L 126 5.75 -61.00 -29.54
C LEU L 126 7.22 -60.66 -29.73
N TRP L 127 8.04 -61.69 -29.90
CA TRP L 127 9.46 -61.51 -30.12
C TRP L 127 9.67 -61.37 -31.62
N ASP L 128 10.41 -60.34 -32.02
CA ASP L 128 10.63 -60.08 -33.43
C ASP L 128 12.03 -59.68 -33.85
N GLN L 129 12.72 -58.91 -33.02
CA GLN L 129 14.05 -58.42 -33.38
C GLN L 129 15.20 -59.40 -33.26
N LEU L 130 14.89 -60.62 -32.82
CA LEU L 130 15.91 -61.66 -32.68
C LEU L 130 15.48 -62.92 -33.42
N LEU L 131 16.45 -63.66 -33.93
CA LEU L 131 16.15 -64.91 -34.62
C LEU L 131 15.69 -65.91 -33.57
N HIS L 132 16.22 -65.77 -32.36
CA HIS L 132 15.87 -66.65 -31.25
C HIS L 132 15.69 -65.78 -30.02
N SER L 133 14.56 -65.92 -29.33
CA SER L 133 14.30 -65.14 -28.12
C SER L 133 15.22 -65.57 -26.99
N PRO L 134 15.41 -64.69 -25.98
CA PRO L 134 16.29 -64.96 -24.84
C PRO L 134 16.09 -66.30 -24.13
N ASP L 135 14.84 -66.68 -23.90
CA ASP L 135 14.56 -67.93 -23.20
C ASP L 135 14.66 -69.15 -24.10
N GLN L 136 14.95 -68.92 -25.37
CA GLN L 136 15.07 -70.00 -26.33
C GLN L 136 16.52 -70.50 -26.41
N ILE L 137 17.45 -69.69 -25.92
CA ILE L 137 18.87 -70.05 -25.92
C ILE L 137 19.43 -70.14 -24.50
N LEU L 138 19.50 -71.35 -23.96
CA LEU L 138 20.03 -71.55 -22.62
C LEU L 138 21.01 -72.73 -22.57
N SER L 139 21.90 -72.72 -21.58
CA SER L 139 22.89 -73.78 -21.44
C SER L 139 22.25 -75.07 -20.95
N GLY L 140 23.05 -76.13 -20.87
CA GLY L 140 22.56 -77.40 -20.40
C GLY L 140 21.88 -77.29 -19.06
N SER L 141 22.37 -76.38 -18.22
CA SER L 141 21.80 -76.19 -16.89
C SER L 141 20.56 -75.31 -16.92
N GLY L 142 20.16 -74.89 -18.11
CA GLY L 142 18.98 -74.05 -18.24
C GLY L 142 19.22 -72.59 -17.87
N ASN L 143 20.48 -72.18 -17.90
CA ASN L 143 20.83 -70.81 -17.54
C ASN L 143 21.41 -70.07 -18.74
N PRO L 144 21.40 -68.72 -18.68
CA PRO L 144 21.93 -67.93 -19.78
C PRO L 144 23.44 -68.12 -19.93
N TYR L 145 23.94 -67.90 -21.13
CA TYR L 145 25.36 -68.03 -21.41
C TYR L 145 26.10 -66.73 -21.08
N SER L 146 27.32 -66.86 -20.60
CA SER L 146 28.14 -65.70 -20.29
C SER L 146 29.36 -65.74 -21.21
N VAL L 147 29.49 -66.84 -21.95
CA VAL L 147 30.60 -67.00 -22.89
C VAL L 147 30.02 -67.14 -24.29
N TYR L 148 30.57 -66.40 -25.24
CA TYR L 148 30.08 -66.42 -26.62
C TYR L 148 30.21 -67.76 -27.32
N GLY L 149 31.39 -68.37 -27.28
CA GLY L 149 31.63 -69.63 -27.94
C GLY L 149 30.47 -70.62 -27.80
N PRO L 150 30.15 -71.03 -26.56
CA PRO L 150 29.07 -71.97 -26.28
C PRO L 150 27.72 -71.45 -26.76
N PHE L 151 27.50 -70.15 -26.59
CA PHE L 151 26.25 -69.53 -27.01
C PHE L 151 26.09 -69.72 -28.51
N TRP L 152 27.15 -69.44 -29.24
CA TRP L 152 27.16 -69.58 -30.70
C TRP L 152 26.88 -71.02 -31.13
N LYS L 153 27.53 -71.98 -30.48
CA LYS L 153 27.33 -73.39 -30.82
C LYS L 153 25.85 -73.75 -30.75
N ASN L 154 25.20 -73.31 -29.68
CA ASN L 154 23.79 -73.55 -29.45
C ASN L 154 22.97 -72.78 -30.51
N TRP L 155 23.17 -71.48 -30.54
CA TRP L 155 22.47 -70.58 -31.44
C TRP L 155 22.51 -71.01 -32.90
N GLN L 156 23.69 -71.32 -33.42
CA GLN L 156 23.83 -71.69 -34.81
C GLN L 156 23.13 -73.00 -35.18
N ALA L 157 23.01 -73.91 -34.22
CA ALA L 157 22.38 -75.21 -34.47
C ALA L 157 20.85 -75.14 -34.47
N GLN L 158 20.31 -74.09 -33.87
CA GLN L 158 18.86 -73.93 -33.81
C GLN L 158 18.27 -73.69 -35.19
N PRO L 159 17.09 -74.27 -35.46
CA PRO L 159 16.47 -74.06 -36.77
C PRO L 159 16.12 -72.57 -36.91
N LYS L 160 16.42 -71.99 -38.08
CA LYS L 160 16.19 -70.57 -38.32
C LYS L 160 14.81 -70.22 -38.86
N PRO L 161 14.11 -69.29 -38.18
CA PRO L 161 12.78 -68.90 -38.65
C PRO L 161 12.87 -68.17 -39.98
N THR L 162 11.84 -68.33 -40.80
CA THR L 162 11.82 -67.69 -42.11
C THR L 162 11.02 -66.39 -42.06
N PRO L 163 11.30 -65.45 -42.98
CA PRO L 163 10.60 -64.17 -43.02
C PRO L 163 9.08 -64.31 -43.11
N VAL L 164 8.36 -63.43 -42.41
CA VAL L 164 6.91 -63.48 -42.44
C VAL L 164 6.37 -62.50 -43.47
N ALA L 165 5.09 -62.62 -43.80
CA ALA L 165 4.44 -61.79 -44.80
C ALA L 165 4.20 -60.33 -44.44
N THR L 166 4.31 -59.47 -45.46
CA THR L 166 4.07 -58.04 -45.32
C THR L 166 2.57 -57.87 -45.40
N PRO L 167 1.97 -57.12 -44.45
CA PRO L 167 0.52 -56.92 -44.48
C PRO L 167 0.05 -56.07 -45.66
N THR L 168 -1.06 -56.47 -46.26
CA THR L 168 -1.62 -55.76 -47.40
C THR L 168 -3.12 -55.58 -47.26
N GLU L 169 -3.69 -54.78 -48.15
CA GLU L 169 -5.13 -54.52 -48.17
C GLU L 169 -5.67 -54.15 -46.81
N LEU L 170 -5.12 -53.10 -46.23
CA LEU L 170 -5.55 -52.64 -44.92
C LEU L 170 -6.77 -51.75 -45.03
N VAL L 171 -7.54 -51.68 -43.94
CA VAL L 171 -8.72 -50.85 -43.87
C VAL L 171 -8.41 -49.67 -42.94
N ASP L 172 -8.60 -48.47 -43.45
CA ASP L 172 -8.31 -47.25 -42.71
C ASP L 172 -9.40 -46.95 -41.68
N LEU L 173 -9.09 -46.01 -40.77
CA LEU L 173 -10.06 -45.61 -39.76
C LEU L 173 -11.07 -44.71 -40.46
N SER L 174 -12.29 -44.66 -39.95
CA SER L 174 -13.33 -43.83 -40.55
C SER L 174 -13.12 -42.39 -40.13
N PRO L 175 -13.75 -41.45 -40.84
CA PRO L 175 -13.60 -40.03 -40.50
C PRO L 175 -14.09 -39.83 -39.07
N GLU L 176 -15.08 -40.62 -38.68
CA GLU L 176 -15.68 -40.59 -37.34
C GLU L 176 -14.61 -40.88 -36.31
N GLN L 177 -13.97 -42.04 -36.49
CA GLN L 177 -12.93 -42.51 -35.59
C GLN L 177 -11.78 -41.53 -35.50
N LEU L 178 -11.38 -40.97 -36.64
CA LEU L 178 -10.29 -40.00 -36.65
C LEU L 178 -10.66 -38.79 -35.80
N THR L 179 -11.94 -38.41 -35.86
CA THR L 179 -12.42 -37.28 -35.09
C THR L 179 -12.38 -37.60 -33.60
N ALA L 180 -12.74 -38.83 -33.25
CA ALA L 180 -12.77 -39.26 -31.86
C ALA L 180 -11.39 -39.28 -31.18
N ILE L 181 -10.32 -39.42 -31.97
CA ILE L 181 -8.98 -39.47 -31.40
C ILE L 181 -8.10 -38.27 -31.75
N ALA L 182 -8.62 -37.38 -32.59
CA ALA L 182 -7.87 -36.20 -33.03
C ALA L 182 -7.05 -35.51 -31.94
N PRO L 183 -7.67 -35.23 -30.79
CA PRO L 183 -6.94 -34.55 -29.70
C PRO L 183 -5.67 -35.26 -29.21
N LEU L 184 -5.57 -36.56 -29.42
CA LEU L 184 -4.40 -37.31 -28.97
C LEU L 184 -3.29 -37.38 -30.02
N LEU L 185 -3.62 -36.99 -31.23
CA LEU L 185 -2.67 -37.09 -32.33
C LEU L 185 -1.89 -35.86 -32.73
N LEU L 186 -0.74 -36.11 -33.34
CA LEU L 186 0.12 -35.07 -33.86
C LEU L 186 -0.42 -34.95 -35.29
N SER L 187 -0.59 -33.72 -35.78
CA SER L 187 -1.13 -33.53 -37.13
C SER L 187 -0.14 -33.98 -38.19
N GLU L 188 1.14 -33.83 -37.89
CA GLU L 188 2.17 -34.22 -38.84
C GLU L 188 3.43 -34.67 -38.12
N LEU L 189 4.29 -35.37 -38.84
CA LEU L 189 5.56 -35.83 -38.28
C LEU L 189 6.41 -34.57 -38.13
N PRO L 190 6.93 -34.32 -36.93
CA PRO L 190 7.76 -33.12 -36.77
C PRO L 190 9.09 -33.24 -37.50
N THR L 191 9.66 -32.08 -37.85
CA THR L 191 10.94 -32.07 -38.54
C THR L 191 12.02 -32.36 -37.50
N LEU L 192 13.23 -32.64 -37.96
CA LEU L 192 14.32 -32.93 -37.03
C LEU L 192 14.53 -31.73 -36.11
N LYS L 193 14.44 -30.54 -36.68
CA LYS L 193 14.63 -29.31 -35.92
C LYS L 193 13.55 -29.21 -34.84
N GLN L 194 12.32 -29.49 -35.22
CA GLN L 194 11.21 -29.42 -34.27
C GLN L 194 11.38 -30.43 -33.12
N LEU L 195 12.16 -31.48 -33.37
CA LEU L 195 12.40 -32.48 -32.34
C LEU L 195 13.56 -32.02 -31.45
N GLY L 196 14.22 -30.94 -31.87
CA GLY L 196 15.32 -30.38 -31.11
C GLY L 196 16.71 -30.83 -31.52
N PHE L 197 16.86 -31.21 -32.78
CA PHE L 197 18.16 -31.68 -33.27
C PHE L 197 18.51 -31.16 -34.66
N ASP L 198 19.79 -31.22 -34.99
CA ASP L 198 20.28 -30.82 -36.29
C ASP L 198 21.30 -31.86 -36.73
N TRP L 199 21.27 -32.25 -37.99
CA TRP L 199 22.23 -33.24 -38.48
C TRP L 199 22.38 -33.16 -39.99
N ASP L 200 23.62 -33.09 -40.45
CA ASP L 200 23.88 -33.05 -41.88
C ASP L 200 25.14 -33.87 -42.15
N GLY L 201 25.43 -34.80 -41.25
CA GLY L 201 26.61 -35.63 -41.39
C GLY L 201 26.43 -36.89 -42.21
N GLY L 202 25.22 -37.13 -42.70
CA GLY L 202 25.00 -38.32 -43.50
C GLY L 202 24.73 -39.57 -42.68
N PHE L 203 24.66 -40.71 -43.36
CA PHE L 203 24.37 -42.00 -42.73
C PHE L 203 25.12 -43.14 -43.41
N PRO L 204 25.34 -44.26 -42.69
CA PRO L 204 26.04 -45.41 -43.29
C PRO L 204 25.13 -46.08 -44.33
N VAL L 205 23.83 -45.89 -44.16
CA VAL L 205 22.81 -46.38 -45.08
C VAL L 205 21.67 -45.36 -44.94
N GLU L 206 21.03 -45.00 -46.05
CA GLU L 206 19.96 -44.01 -45.95
C GLU L 206 18.82 -44.54 -45.09
N PRO L 207 18.12 -43.65 -44.38
CA PRO L 207 17.01 -44.08 -43.54
C PRO L 207 15.90 -44.79 -44.29
N GLY L 208 15.16 -45.63 -43.57
CA GLY L 208 14.04 -46.31 -44.18
C GLY L 208 14.19 -47.75 -44.56
N GLU L 209 13.04 -48.42 -44.62
CA GLU L 209 12.93 -49.82 -44.97
C GLU L 209 13.46 -50.10 -46.38
N THR L 210 13.08 -49.28 -47.35
CA THR L 210 13.50 -49.49 -48.72
C THR L 210 15.02 -49.48 -48.89
N ALA L 211 15.68 -48.47 -48.35
CA ALA L 211 17.13 -48.39 -48.46
C ALA L 211 17.83 -49.51 -47.70
N ALA L 212 17.23 -49.96 -46.60
CA ALA L 212 17.81 -51.04 -45.81
C ALA L 212 17.81 -52.33 -46.63
N ILE L 213 16.67 -52.62 -47.26
CA ILE L 213 16.53 -53.80 -48.08
C ILE L 213 17.50 -53.72 -49.27
N ALA L 214 17.61 -52.54 -49.86
CA ALA L 214 18.50 -52.35 -50.99
C ALA L 214 19.95 -52.64 -50.60
N ARG L 215 20.36 -52.14 -49.43
CA ARG L 215 21.73 -52.36 -48.96
C ARG L 215 21.98 -53.84 -48.68
N LEU L 216 21.00 -54.50 -48.05
CA LEU L 216 21.14 -55.91 -47.74
C LEU L 216 21.42 -56.71 -49.02
N GLN L 217 20.60 -56.45 -50.03
CA GLN L 217 20.71 -57.16 -51.31
C GLN L 217 22.05 -56.88 -51.98
N GLU L 218 22.47 -55.62 -51.96
CA GLU L 218 23.74 -55.27 -52.58
C GLU L 218 24.90 -55.90 -51.85
N PHE L 219 24.86 -55.88 -50.53
CA PHE L 219 25.93 -56.45 -49.72
C PHE L 219 26.04 -57.95 -49.93
N CYS L 220 24.90 -58.63 -49.92
CA CYS L 220 24.89 -60.09 -50.07
C CYS L 220 25.20 -60.55 -51.47
N ASP L 221 25.09 -59.66 -52.44
CA ASP L 221 25.36 -60.05 -53.81
C ASP L 221 26.83 -59.85 -54.18
N ARG L 222 27.58 -59.14 -53.33
CA ARG L 222 28.99 -58.88 -53.62
C ARG L 222 29.95 -58.87 -52.44
N ALA L 223 29.97 -57.75 -51.73
CA ALA L 223 30.88 -57.56 -50.60
C ALA L 223 30.90 -58.63 -49.51
N ILE L 224 29.78 -59.28 -49.25
CA ILE L 224 29.77 -60.26 -48.18
C ILE L 224 30.76 -61.39 -48.44
N ALA L 225 30.99 -61.69 -49.71
CA ALA L 225 31.92 -62.76 -50.09
C ALA L 225 33.35 -62.49 -49.60
N ASP L 226 33.68 -61.21 -49.41
CA ASP L 226 35.02 -60.82 -48.98
C ASP L 226 35.08 -60.35 -47.52
N TYR L 227 33.94 -60.41 -46.84
CA TYR L 227 33.86 -59.96 -45.45
C TYR L 227 35.07 -60.36 -44.63
N ASP L 228 35.49 -61.61 -44.76
CA ASP L 228 36.69 -62.03 -44.06
C ASP L 228 37.73 -62.12 -45.16
N PRO L 229 38.82 -61.34 -45.05
CA PRO L 229 39.17 -60.41 -43.98
C PRO L 229 38.88 -58.91 -44.19
N GLN L 230 38.19 -58.54 -45.26
CA GLN L 230 37.94 -57.11 -45.50
C GLN L 230 37.27 -56.36 -44.36
N ARG L 231 36.60 -57.11 -43.48
CA ARG L 231 35.92 -56.50 -42.34
C ARG L 231 36.88 -55.82 -41.36
N ASN L 232 38.13 -56.23 -41.38
CA ASN L 232 39.14 -55.70 -40.47
C ASN L 232 39.77 -54.36 -40.83
N PHE L 233 39.62 -53.92 -42.08
CA PHE L 233 40.24 -52.68 -42.55
C PHE L 233 39.30 -51.48 -42.65
N PRO L 234 39.42 -50.52 -41.71
CA PRO L 234 38.57 -49.32 -41.70
C PRO L 234 38.59 -48.47 -42.97
N ALA L 235 39.69 -48.50 -43.72
CA ALA L 235 39.77 -47.71 -44.95
C ALA L 235 38.90 -48.33 -46.04
N GLU L 236 38.57 -49.60 -45.88
CA GLU L 236 37.74 -50.28 -46.87
C GLU L 236 36.27 -50.31 -46.46
N ALA L 237 35.38 -50.29 -47.46
CA ALA L 237 33.95 -50.37 -47.18
C ALA L 237 33.66 -51.87 -47.22
N GLY L 238 34.24 -52.59 -46.26
CA GLY L 238 34.05 -54.03 -46.21
C GLY L 238 32.89 -54.54 -45.38
N THR L 239 32.23 -53.67 -44.62
CA THR L 239 31.12 -54.12 -43.79
C THR L 239 29.78 -53.69 -44.40
N SER L 240 28.68 -54.14 -43.82
CA SER L 240 27.36 -53.84 -44.40
C SER L 240 26.81 -52.44 -44.21
N GLY L 241 27.19 -51.79 -43.12
CA GLY L 241 26.66 -50.45 -42.87
C GLY L 241 25.19 -50.51 -42.48
N LEU L 242 24.70 -51.70 -42.14
CA LEU L 242 23.31 -51.88 -41.76
C LEU L 242 22.99 -51.65 -40.28
N SER L 243 24.00 -51.37 -39.45
CA SER L 243 23.73 -51.21 -38.03
C SER L 243 22.53 -50.35 -37.58
N PRO L 244 22.34 -49.15 -38.17
CA PRO L 244 21.18 -48.39 -37.69
C PRO L 244 19.85 -49.02 -38.16
N ALA L 245 19.89 -49.71 -39.29
CA ALA L 245 18.69 -50.38 -39.81
C ALA L 245 18.34 -51.57 -38.91
N LEU L 246 19.34 -52.21 -38.33
CA LEU L 246 19.05 -53.34 -37.45
C LEU L 246 18.64 -52.80 -36.08
N LYS L 247 19.21 -51.67 -35.68
CA LYS L 247 18.87 -51.10 -34.38
C LYS L 247 17.40 -50.69 -34.37
N PHE L 248 16.96 -49.99 -35.41
CA PHE L 248 15.58 -49.52 -35.51
C PHE L 248 14.65 -50.46 -36.26
N GLY L 249 15.16 -51.61 -36.68
CA GLY L 249 14.31 -52.55 -37.37
C GLY L 249 13.78 -52.08 -38.73
N ALA L 250 14.59 -51.36 -39.50
CA ALA L 250 14.18 -50.92 -40.83
C ALA L 250 14.26 -52.17 -41.72
N ILE L 251 14.96 -53.18 -41.23
CA ILE L 251 15.08 -54.45 -41.94
C ILE L 251 14.81 -55.57 -40.93
N GLY L 252 14.09 -56.60 -41.36
CA GLY L 252 13.77 -57.73 -40.48
C GLY L 252 14.97 -58.65 -40.34
N ILE L 253 15.17 -59.19 -39.15
CA ILE L 253 16.30 -60.06 -38.90
C ILE L 253 16.22 -61.38 -39.68
N ARG L 254 15.01 -61.87 -39.91
CA ARG L 254 14.85 -63.10 -40.66
C ARG L 254 15.17 -62.85 -42.13
N GLN L 255 14.82 -61.67 -42.64
CA GLN L 255 15.12 -61.36 -44.04
C GLN L 255 16.62 -61.21 -44.19
N ALA L 256 17.28 -60.64 -43.19
CA ALA L 256 18.73 -60.46 -43.23
C ALA L 256 19.40 -61.83 -43.20
N TRP L 257 18.92 -62.71 -42.33
CA TRP L 257 19.50 -64.03 -42.24
C TRP L 257 19.30 -64.79 -43.54
N GLN L 258 18.09 -64.69 -44.08
CA GLN L 258 17.75 -65.36 -45.33
C GLN L 258 18.68 -64.95 -46.46
N ALA L 259 18.94 -63.66 -46.56
CA ALA L 259 19.80 -63.11 -47.61
C ALA L 259 21.22 -63.61 -47.48
N ALA L 260 21.72 -63.68 -46.27
CA ALA L 260 23.08 -64.17 -46.05
C ALA L 260 23.12 -65.66 -46.37
N SER L 261 22.11 -66.40 -45.91
CA SER L 261 22.03 -67.83 -46.17
C SER L 261 21.99 -68.10 -47.67
N ALA L 262 21.23 -67.26 -48.38
CA ALA L 262 21.10 -67.40 -49.82
C ALA L 262 22.46 -67.22 -50.50
N ALA L 263 23.21 -66.21 -50.06
CA ALA L 263 24.53 -65.97 -50.63
C ALA L 263 25.43 -67.19 -50.39
N HIS L 264 25.31 -67.77 -49.20
CA HIS L 264 26.11 -68.93 -48.85
C HIS L 264 25.78 -70.11 -49.78
N ALA L 265 24.49 -70.33 -50.01
CA ALA L 265 24.06 -71.43 -50.87
C ALA L 265 24.53 -71.30 -52.32
N LEU L 266 24.65 -70.06 -52.80
CA LEU L 266 25.08 -69.84 -54.17
C LEU L 266 26.57 -69.55 -54.29
N SER L 267 27.29 -69.63 -53.18
CA SER L 267 28.73 -69.37 -53.17
C SER L 267 29.49 -70.49 -53.88
N ARG L 268 30.58 -70.15 -54.56
CA ARG L 268 31.35 -71.16 -55.27
C ARG L 268 32.77 -71.34 -54.74
N SER L 269 33.03 -70.85 -53.54
CA SER L 269 34.35 -71.01 -52.96
C SER L 269 34.28 -71.09 -51.45
N ASP L 270 35.26 -71.77 -50.86
CA ASP L 270 35.31 -71.93 -49.42
C ASP L 270 35.60 -70.58 -48.74
N GLU L 271 36.31 -69.70 -49.45
CA GLU L 271 36.63 -68.38 -48.92
C GLU L 271 35.35 -67.58 -48.76
N ALA L 272 34.54 -67.58 -49.82
CA ALA L 272 33.28 -66.86 -49.81
C ALA L 272 32.38 -67.43 -48.72
N ARG L 273 32.29 -68.76 -48.65
CA ARG L 273 31.45 -69.39 -47.64
C ARG L 273 31.91 -68.99 -46.25
N ASN L 274 33.23 -68.95 -46.06
CA ASN L 274 33.77 -68.57 -44.77
C ASN L 274 33.38 -67.13 -44.42
N SER L 275 33.53 -66.24 -45.40
CA SER L 275 33.19 -64.84 -45.19
C SER L 275 31.75 -64.66 -44.75
N ILE L 276 30.85 -65.34 -45.46
CA ILE L 276 29.43 -65.25 -45.15
C ILE L 276 29.12 -65.80 -43.76
N ARG L 277 29.81 -66.87 -43.40
CA ARG L 277 29.60 -67.47 -42.09
C ARG L 277 30.09 -66.52 -41.00
N VAL L 278 31.18 -65.81 -41.27
CA VAL L 278 31.70 -64.85 -40.29
C VAL L 278 30.71 -63.72 -40.10
N TRP L 279 30.05 -63.29 -41.18
CA TRP L 279 29.08 -62.21 -41.07
C TRP L 279 27.89 -62.70 -40.25
N GLN L 280 27.49 -63.96 -40.45
CA GLN L 280 26.39 -64.52 -39.69
C GLN L 280 26.74 -64.57 -38.20
N GLN L 281 28.02 -64.77 -37.88
CA GLN L 281 28.43 -64.80 -36.49
C GLN L 281 28.29 -63.42 -35.85
N GLU L 282 28.40 -62.38 -36.67
CA GLU L 282 28.24 -61.02 -36.15
C GLU L 282 26.78 -60.85 -35.76
N LEU L 283 25.88 -61.44 -36.53
CA LEU L 283 24.47 -61.35 -36.21
C LEU L 283 24.24 -62.07 -34.88
N ALA L 284 25.00 -63.14 -34.65
CA ALA L 284 24.88 -63.89 -33.41
C ALA L 284 25.44 -63.06 -32.25
N TRP L 285 26.48 -62.28 -32.52
CA TRP L 285 27.06 -61.44 -31.46
C TRP L 285 26.02 -60.43 -31.03
N ARG L 286 25.26 -59.92 -31.99
CA ARG L 286 24.20 -58.97 -31.70
C ARG L 286 23.21 -59.63 -30.74
N GLU L 287 22.82 -60.87 -31.04
CA GLU L 287 21.86 -61.57 -30.20
C GLU L 287 22.45 -61.90 -28.82
N PHE L 288 23.75 -62.20 -28.78
CA PHE L 288 24.41 -62.51 -27.53
C PHE L 288 24.29 -61.34 -26.55
N TYR L 289 24.62 -60.15 -27.03
CA TYR L 289 24.55 -58.98 -26.18
C TYR L 289 23.11 -58.60 -25.82
N GLN L 290 22.18 -58.76 -26.75
CA GLN L 290 20.81 -58.43 -26.43
C GLN L 290 20.29 -59.44 -25.40
N HIS L 291 20.62 -60.72 -25.58
CA HIS L 291 20.19 -61.71 -24.61
C HIS L 291 20.77 -61.42 -23.24
N ALA L 292 22.05 -61.03 -23.22
CA ALA L 292 22.73 -60.74 -21.97
C ALA L 292 22.04 -59.62 -21.20
N LEU L 293 21.68 -58.56 -21.91
CA LEU L 293 21.01 -57.42 -21.27
C LEU L 293 19.64 -57.83 -20.75
N TYR L 294 18.98 -58.72 -21.48
CA TYR L 294 17.65 -59.20 -21.10
C TYR L 294 17.77 -60.01 -19.80
N HIS L 295 18.71 -60.94 -19.79
CA HIS L 295 18.93 -61.80 -18.62
C HIS L 295 19.57 -61.08 -17.45
N PHE L 296 20.43 -60.11 -17.73
CA PHE L 296 21.14 -59.37 -16.70
C PHE L 296 21.02 -57.87 -16.90
N PRO L 297 19.83 -57.30 -16.63
CA PRO L 297 19.63 -55.86 -16.80
C PRO L 297 20.62 -54.95 -16.07
N SER L 298 21.23 -55.44 -15.00
CA SER L 298 22.18 -54.63 -14.25
C SER L 298 23.42 -54.29 -15.06
N LEU L 299 23.65 -55.02 -16.15
CA LEU L 299 24.80 -54.74 -17.01
C LEU L 299 24.79 -53.27 -17.44
N ALA L 300 23.60 -52.72 -17.65
CA ALA L 300 23.47 -51.34 -18.08
C ALA L 300 23.97 -50.34 -17.05
N ASP L 301 24.03 -50.74 -15.79
CA ASP L 301 24.47 -49.83 -14.73
C ASP L 301 25.98 -49.72 -14.60
N GLY L 302 26.71 -50.57 -15.33
CA GLY L 302 28.16 -50.51 -15.27
C GLY L 302 28.77 -51.87 -15.06
N PRO L 303 30.06 -51.92 -14.67
CA PRO L 303 30.82 -53.16 -14.42
C PRO L 303 30.02 -54.19 -13.64
N TYR L 304 29.90 -55.39 -14.19
CA TYR L 304 29.17 -56.47 -13.54
C TYR L 304 30.06 -57.16 -12.52
N ARG L 305 31.20 -57.66 -12.97
CA ARG L 305 32.15 -58.36 -12.11
C ARG L 305 32.69 -57.44 -11.00
N SER L 306 32.58 -57.92 -9.77
CA SER L 306 33.00 -57.19 -8.57
C SER L 306 34.32 -56.41 -8.58
N LEU L 307 35.34 -56.97 -9.21
CA LEU L 307 36.65 -56.32 -9.26
C LEU L 307 36.61 -54.96 -9.96
N TRP L 308 35.94 -54.93 -11.12
CA TRP L 308 35.84 -53.71 -11.91
C TRP L 308 34.95 -52.64 -11.29
N GLN L 309 34.11 -53.05 -10.35
CA GLN L 309 33.24 -52.11 -9.67
C GLN L 309 34.07 -51.24 -8.74
N GLN L 310 35.28 -51.72 -8.43
CA GLN L 310 36.17 -51.01 -7.53
C GLN L 310 37.43 -50.45 -8.21
N PHE L 311 37.60 -50.73 -9.50
CA PHE L 311 38.78 -50.25 -10.20
C PHE L 311 38.98 -48.75 -10.01
N PRO L 312 40.19 -48.35 -9.57
CA PRO L 312 40.52 -46.95 -9.34
C PRO L 312 40.83 -46.18 -10.61
N TRP L 313 39.79 -45.78 -11.36
CA TRP L 313 39.99 -45.03 -12.58
C TRP L 313 40.62 -43.69 -12.26
N GLU L 314 41.58 -43.27 -13.08
CA GLU L 314 42.27 -42.00 -12.86
C GLU L 314 41.31 -40.84 -13.13
N ASN L 315 40.53 -40.96 -14.19
CA ASN L 315 39.55 -39.94 -14.56
C ASN L 315 40.05 -38.51 -14.71
N ARG L 316 41.17 -38.32 -15.40
CA ARG L 316 41.68 -36.97 -15.63
C ARG L 316 40.82 -36.36 -16.73
N GLU L 317 40.01 -35.37 -16.36
CA GLU L 317 39.11 -34.72 -17.29
C GLU L 317 39.80 -34.22 -18.55
N ALA L 318 41.02 -33.71 -18.39
CA ALA L 318 41.76 -33.18 -19.54
C ALA L 318 42.00 -34.27 -20.58
N LEU L 319 42.25 -35.48 -20.13
CA LEU L 319 42.49 -36.60 -21.04
C LEU L 319 41.21 -37.01 -21.75
N PHE L 320 40.09 -37.00 -21.02
CA PHE L 320 38.82 -37.38 -21.62
C PHE L 320 38.44 -36.37 -22.71
N THR L 321 38.60 -35.08 -22.39
CA THR L 321 38.29 -34.03 -23.34
C THR L 321 39.08 -34.22 -24.63
N ALA L 322 40.37 -34.51 -24.48
CA ALA L 322 41.24 -34.69 -25.65
C ALA L 322 40.73 -35.85 -26.50
N TRP L 323 40.28 -36.89 -25.82
CA TRP L 323 39.75 -38.07 -26.50
C TRP L 323 38.53 -37.67 -27.32
N THR L 324 37.55 -37.03 -26.68
CA THR L 324 36.32 -36.62 -27.36
C THR L 324 36.56 -35.63 -28.50
N GLN L 325 37.60 -34.82 -28.40
CA GLN L 325 37.88 -33.82 -29.42
C GLN L 325 38.91 -34.28 -30.46
N ALA L 326 39.25 -35.57 -30.43
CA ALA L 326 40.20 -36.11 -31.38
C ALA L 326 41.53 -35.35 -31.33
N GLN L 327 42.00 -35.06 -30.12
CA GLN L 327 43.26 -34.35 -29.92
C GLN L 327 44.18 -35.19 -29.03
N THR L 328 44.22 -36.50 -29.26
CA THR L 328 45.04 -37.38 -28.44
C THR L 328 46.50 -37.44 -28.89
N GLY L 329 46.76 -37.09 -30.14
CA GLY L 329 48.13 -37.17 -30.63
C GLY L 329 48.40 -38.54 -31.21
N TYR L 330 47.39 -39.42 -31.15
CA TYR L 330 47.50 -40.77 -31.72
C TYR L 330 46.61 -40.74 -32.96
N PRO L 331 47.23 -40.61 -34.15
CA PRO L 331 46.51 -40.56 -35.42
C PRO L 331 45.36 -41.54 -35.64
N ILE L 332 45.61 -42.83 -35.43
CA ILE L 332 44.54 -43.81 -35.64
C ILE L 332 43.35 -43.54 -34.71
N VAL L 333 43.65 -43.12 -33.49
CA VAL L 333 42.59 -42.82 -32.51
C VAL L 333 41.86 -41.54 -32.89
N ASP L 334 42.61 -40.49 -33.23
CA ASP L 334 41.97 -39.23 -33.59
C ASP L 334 41.15 -39.34 -34.87
N ALA L 335 41.63 -40.10 -35.84
CA ALA L 335 40.89 -40.26 -37.09
C ALA L 335 39.54 -40.92 -36.77
N ALA L 336 39.56 -41.95 -35.93
CA ALA L 336 38.34 -42.66 -35.57
C ALA L 336 37.35 -41.74 -34.87
N MET L 337 37.85 -40.95 -33.92
CA MET L 337 36.97 -40.04 -33.20
C MET L 337 36.38 -38.97 -34.12
N ARG L 338 37.12 -38.62 -35.18
CA ARG L 338 36.64 -37.64 -36.15
C ARG L 338 35.53 -38.30 -36.98
N GLN L 339 35.73 -39.54 -37.40
CA GLN L 339 34.70 -40.24 -38.18
C GLN L 339 33.41 -40.28 -37.35
N LEU L 340 33.54 -40.58 -36.06
CA LEU L 340 32.38 -40.66 -35.18
C LEU L 340 31.57 -39.37 -35.05
N THR L 341 32.21 -38.28 -34.66
CA THR L 341 31.49 -37.03 -34.48
C THR L 341 31.02 -36.39 -35.78
N GLU L 342 31.75 -36.63 -36.86
CA GLU L 342 31.39 -36.04 -38.15
C GLU L 342 30.35 -36.84 -38.94
N THR L 343 30.33 -38.16 -38.76
CA THR L 343 29.40 -38.99 -39.51
C THR L 343 28.47 -39.88 -38.69
N GLY L 344 28.62 -39.83 -37.36
CA GLY L 344 27.78 -40.62 -36.49
C GLY L 344 27.98 -42.14 -36.58
N TRP L 345 29.10 -42.56 -37.14
CA TRP L 345 29.36 -43.98 -37.28
C TRP L 345 30.87 -44.22 -37.20
N MET L 346 31.26 -45.41 -36.73
CA MET L 346 32.68 -45.73 -36.63
C MET L 346 32.85 -47.21 -36.99
N HIS L 347 33.89 -47.52 -37.76
CA HIS L 347 34.17 -48.89 -38.14
C HIS L 347 34.42 -49.68 -36.84
N ASN L 348 34.00 -50.94 -36.79
CA ASN L 348 34.18 -51.74 -35.59
C ASN L 348 35.62 -51.85 -35.10
N ARG L 349 36.57 -52.00 -36.01
CA ARG L 349 37.98 -52.11 -35.60
C ARG L 349 38.36 -50.84 -34.83
N CYS L 350 37.90 -49.70 -35.31
CA CYS L 350 38.20 -48.46 -34.64
C CYS L 350 37.48 -48.31 -33.31
N ARG L 351 36.26 -48.84 -33.21
CA ARG L 351 35.54 -48.73 -31.94
C ARG L 351 36.33 -49.49 -30.89
N MET L 352 36.91 -50.62 -31.27
CA MET L 352 37.70 -51.39 -30.32
C MET L 352 38.97 -50.63 -29.93
N ILE L 353 39.60 -50.02 -30.92
CA ILE L 353 40.84 -49.28 -30.72
C ILE L 353 40.66 -48.08 -29.79
N VAL L 354 39.63 -47.25 -30.04
CA VAL L 354 39.43 -46.08 -29.21
C VAL L 354 38.89 -46.41 -27.83
N ALA L 355 38.19 -47.53 -27.70
CA ALA L 355 37.65 -47.91 -26.40
C ALA L 355 38.80 -48.42 -25.54
N SER L 356 39.69 -49.19 -26.14
CA SER L 356 40.85 -49.71 -25.43
C SER L 356 41.73 -48.54 -25.02
N PHE L 357 41.87 -47.57 -25.91
CA PHE L 357 42.68 -46.41 -25.63
C PHE L 357 42.15 -45.60 -24.45
N LEU L 358 40.84 -45.38 -24.41
CA LEU L 358 40.24 -44.61 -23.33
C LEU L 358 40.38 -45.27 -21.96
N THR L 359 40.06 -46.56 -21.91
CA THR L 359 40.13 -47.33 -20.67
C THR L 359 41.53 -47.71 -20.21
N LYS L 360 42.37 -48.17 -21.14
CA LYS L 360 43.73 -48.60 -20.80
C LYS L 360 44.79 -47.51 -20.82
N ASP L 361 44.82 -46.70 -21.87
CA ASP L 361 45.82 -45.64 -21.99
C ASP L 361 45.49 -44.39 -21.17
N LEU L 362 44.25 -43.93 -21.24
CA LEU L 362 43.87 -42.75 -20.50
C LEU L 362 43.39 -43.11 -19.11
N ILE L 363 43.07 -44.38 -18.92
CA ILE L 363 42.58 -44.89 -17.64
C ILE L 363 41.39 -44.08 -17.14
N ILE L 364 40.38 -44.02 -17.98
CA ILE L 364 39.16 -43.30 -17.69
C ILE L 364 38.01 -44.31 -17.64
N ASP L 365 37.15 -44.18 -16.63
CA ASP L 365 36.00 -45.06 -16.45
C ASP L 365 35.33 -45.23 -17.82
N TRP L 366 35.21 -46.47 -18.29
CA TRP L 366 34.61 -46.70 -19.60
C TRP L 366 33.18 -46.17 -19.72
N ARG L 367 32.51 -45.96 -18.60
CA ARG L 367 31.15 -45.45 -18.66
C ARG L 367 31.09 -44.07 -19.30
N ARG L 368 32.20 -43.33 -19.26
CA ARG L 368 32.26 -42.01 -19.87
C ARG L 368 32.32 -42.19 -21.39
N GLY L 369 33.03 -43.23 -21.82
CA GLY L 369 33.15 -43.51 -23.25
C GLY L 369 31.84 -44.06 -23.77
N GLU L 370 31.20 -44.91 -22.97
CA GLU L 370 29.91 -45.50 -23.35
C GLU L 370 28.93 -44.38 -23.63
N GLN L 371 28.87 -43.40 -22.73
CA GLN L 371 27.95 -42.30 -22.90
C GLN L 371 28.27 -41.45 -24.12
N PHE L 372 29.54 -41.12 -24.32
CA PHE L 372 29.94 -40.32 -25.46
C PHE L 372 29.55 -41.01 -26.76
N PHE L 373 29.72 -42.34 -26.80
CA PHE L 373 29.34 -43.08 -27.99
C PHE L 373 27.83 -42.94 -28.23
N MET L 374 27.03 -43.08 -27.18
CA MET L 374 25.58 -42.96 -27.35
C MET L 374 25.18 -41.56 -27.79
N GLN L 375 26.01 -40.57 -27.48
CA GLN L 375 25.73 -39.19 -27.86
C GLN L 375 26.06 -38.86 -29.31
N HIS L 376 26.66 -39.81 -30.02
CA HIS L 376 27.03 -39.57 -31.42
C HIS L 376 26.68 -40.68 -32.41
N LEU L 377 26.55 -41.91 -31.92
CA LEU L 377 26.29 -43.04 -32.81
C LEU L 377 24.89 -43.15 -33.39
N VAL L 378 24.82 -43.24 -34.71
CA VAL L 378 23.56 -43.39 -35.43
C VAL L 378 22.97 -44.76 -35.07
N ASP L 379 23.84 -45.69 -34.71
CA ASP L 379 23.39 -47.04 -34.36
C ASP L 379 23.50 -47.30 -32.85
N GLY L 380 23.67 -46.23 -32.08
CA GLY L 380 23.79 -46.36 -30.63
C GLY L 380 22.73 -47.29 -30.07
N ASP L 381 23.16 -48.39 -29.48
CA ASP L 381 22.24 -49.38 -28.94
C ASP L 381 22.75 -49.83 -27.58
N LEU L 382 21.94 -49.67 -26.54
CA LEU L 382 22.36 -50.03 -25.19
C LEU L 382 23.01 -51.41 -25.10
N ALA L 383 22.33 -52.43 -25.59
CA ALA L 383 22.88 -53.78 -25.51
C ALA L 383 24.25 -53.92 -26.17
N ALA L 384 24.35 -53.52 -27.43
CA ALA L 384 25.61 -53.65 -28.15
C ALA L 384 26.70 -52.70 -27.68
N ASN L 385 26.32 -51.47 -27.35
CA ASN L 385 27.30 -50.49 -26.92
C ASN L 385 27.84 -50.83 -25.54
N ASN L 386 26.97 -51.22 -24.63
CA ASN L 386 27.41 -51.59 -23.29
C ASN L 386 28.29 -52.84 -23.42
N GLY L 387 27.85 -53.77 -24.26
CA GLY L 387 28.63 -54.99 -24.47
C GLY L 387 30.03 -54.66 -24.99
N GLY L 388 30.11 -53.79 -25.98
CA GLY L 388 31.42 -53.42 -26.53
C GLY L 388 32.32 -52.75 -25.52
N TRP L 389 31.76 -51.85 -24.72
CA TRP L 389 32.55 -51.14 -23.72
C TRP L 389 32.99 -52.04 -22.57
N GLN L 390 32.12 -52.94 -22.14
CA GLN L 390 32.49 -53.84 -21.06
C GLN L 390 33.59 -54.76 -21.59
N TRP L 391 33.52 -55.05 -22.88
CA TRP L 391 34.52 -55.90 -23.51
C TRP L 391 35.88 -55.19 -23.46
N SER L 392 35.87 -53.89 -23.70
CA SER L 392 37.12 -53.11 -23.71
C SER L 392 37.81 -53.17 -22.35
N ALA L 393 37.03 -53.36 -21.29
CA ALA L 393 37.59 -53.45 -19.95
C ALA L 393 37.45 -54.86 -19.40
N SER L 394 36.93 -55.76 -20.22
CA SER L 394 36.73 -57.15 -19.82
C SER L 394 36.05 -57.17 -18.45
N SER L 395 35.00 -56.37 -18.32
CA SER L 395 34.28 -56.25 -17.06
C SER L 395 32.87 -56.82 -17.06
N GLY L 396 32.47 -57.48 -18.15
CA GLY L 396 31.12 -58.01 -18.18
C GLY L 396 31.01 -59.44 -18.67
N MET L 397 30.11 -59.64 -19.63
CA MET L 397 29.87 -60.95 -20.22
C MET L 397 31.07 -61.38 -21.05
N ASP L 398 31.27 -62.69 -21.14
CA ASP L 398 32.38 -63.25 -21.92
C ASP L 398 33.72 -62.69 -21.45
N PRO L 399 33.98 -62.74 -20.13
CA PRO L 399 35.22 -62.24 -19.53
C PRO L 399 36.45 -62.78 -20.25
N LYS L 400 37.58 -62.12 -20.06
CA LYS L 400 38.82 -62.56 -20.69
C LYS L 400 40.04 -61.89 -20.08
N PRO L 401 41.24 -62.37 -20.48
CA PRO L 401 42.46 -61.76 -19.94
C PRO L 401 42.45 -60.27 -20.18
N LEU L 402 43.40 -59.61 -19.54
CA LEU L 402 43.55 -58.18 -19.72
C LEU L 402 44.12 -58.06 -21.12
N ARG L 403 44.39 -56.84 -21.52
CA ARG L 403 45.04 -56.54 -22.78
C ARG L 403 44.67 -55.31 -23.50
N ILE L 404 45.71 -54.50 -23.49
CA ILE L 404 45.74 -53.20 -24.05
C ILE L 404 46.19 -53.32 -25.48
N PHE L 405 45.35 -52.81 -26.37
CA PHE L 405 45.68 -52.80 -27.78
C PHE L 405 46.82 -51.79 -27.86
N ASN L 406 47.71 -51.99 -28.81
CA ASN L 406 48.80 -51.06 -29.02
C ASN L 406 48.36 -50.30 -30.27
N PRO L 407 48.00 -49.02 -30.12
CA PRO L 407 47.55 -48.23 -31.27
C PRO L 407 48.42 -48.36 -32.52
N ALA L 408 49.73 -48.32 -32.34
CA ALA L 408 50.66 -48.42 -33.46
C ALA L 408 50.59 -49.78 -34.13
N SER L 409 50.46 -50.83 -33.33
CA SER L 409 50.37 -52.17 -33.87
C SER L 409 49.08 -52.31 -34.67
N GLN L 410 47.98 -51.80 -34.10
CA GLN L 410 46.67 -51.85 -34.74
C GLN L 410 46.71 -51.12 -36.08
N ALA L 411 47.24 -49.91 -36.08
CA ALA L 411 47.33 -49.12 -37.29
C ALA L 411 48.15 -49.82 -38.37
N LYS L 412 49.28 -50.41 -37.97
CA LYS L 412 50.14 -51.10 -38.93
C LYS L 412 49.45 -52.29 -39.55
N LYS L 413 48.73 -53.04 -38.72
CA LYS L 413 48.00 -54.21 -39.17
C LYS L 413 46.78 -53.92 -40.02
N PHE L 414 45.97 -52.98 -39.56
CA PHE L 414 44.72 -52.68 -40.22
C PHE L 414 44.61 -51.41 -41.06
N ASP L 415 45.65 -50.60 -41.07
CA ASP L 415 45.66 -49.39 -41.90
C ASP L 415 47.10 -49.15 -42.32
N ALA L 416 47.70 -50.21 -42.87
CA ALA L 416 49.09 -50.23 -43.30
C ALA L 416 49.58 -49.06 -44.16
N THR L 417 48.69 -48.44 -44.92
CA THR L 417 49.11 -47.32 -45.75
C THR L 417 48.55 -45.99 -45.22
N ALA L 418 48.01 -46.03 -44.01
CA ALA L 418 47.44 -44.85 -43.36
C ALA L 418 46.35 -44.20 -44.19
N THR L 419 45.73 -44.98 -45.07
CA THR L 419 44.66 -44.45 -45.92
C THR L 419 43.50 -43.93 -45.07
N TYR L 420 43.06 -44.73 -44.11
CA TYR L 420 41.96 -44.34 -43.23
C TYR L 420 42.34 -43.13 -42.39
N ILE L 421 43.59 -43.13 -41.91
CA ILE L 421 44.06 -42.02 -41.09
C ILE L 421 44.04 -40.72 -41.88
N LYS L 422 44.58 -40.76 -43.09
CA LYS L 422 44.63 -39.56 -43.93
C LYS L 422 43.23 -39.11 -44.36
N ARG L 423 42.31 -40.05 -44.47
CA ARG L 423 40.95 -39.72 -44.85
C ARG L 423 40.27 -38.85 -43.82
N TRP L 424 40.44 -39.17 -42.54
CA TRP L 424 39.81 -38.40 -41.49
C TRP L 424 40.65 -37.30 -40.88
N LEU L 425 41.96 -37.36 -41.12
CA LEU L 425 42.88 -36.34 -40.64
C LEU L 425 43.57 -35.74 -41.86
N PRO L 426 42.80 -35.09 -42.74
CA PRO L 426 43.35 -34.49 -43.96
C PRO L 426 44.51 -33.50 -43.72
N GLU L 427 44.58 -32.95 -42.51
CA GLU L 427 45.66 -32.00 -42.18
C GLU L 427 47.01 -32.69 -42.06
N LEU L 428 47.02 -34.03 -42.09
CA LEU L 428 48.27 -34.78 -41.97
C LEU L 428 48.63 -35.58 -43.23
N ARG L 429 48.05 -35.24 -44.36
CA ARG L 429 48.34 -35.97 -45.60
C ARG L 429 49.79 -35.82 -46.08
N HIS L 430 50.47 -34.78 -45.61
CA HIS L 430 51.84 -34.53 -45.98
C HIS L 430 52.80 -35.42 -45.20
N VAL L 431 52.29 -36.04 -44.13
CA VAL L 431 53.11 -36.92 -43.30
C VAL L 431 53.22 -38.31 -43.89
N HIS L 432 54.39 -38.90 -43.80
CA HIS L 432 54.62 -40.26 -44.32
C HIS L 432 53.79 -41.26 -43.51
N PRO L 433 53.16 -42.22 -44.20
CA PRO L 433 52.33 -43.24 -43.53
C PRO L 433 53.04 -43.89 -42.35
N LYS L 434 54.33 -44.17 -42.51
CA LYS L 434 55.09 -44.80 -41.45
C LYS L 434 54.99 -44.02 -40.15
N ASP L 435 55.12 -42.70 -40.22
CA ASP L 435 55.05 -41.88 -39.01
C ASP L 435 53.62 -41.71 -38.48
N LEU L 436 52.63 -41.82 -39.37
CA LEU L 436 51.25 -41.69 -38.96
C LEU L 436 50.86 -42.95 -38.19
N ILE L 437 51.41 -44.08 -38.61
CA ILE L 437 51.14 -45.35 -37.98
C ILE L 437 51.85 -45.45 -36.62
N SER L 438 53.12 -45.07 -36.59
CA SER L 438 53.91 -45.12 -35.35
C SER L 438 53.48 -44.04 -34.37
N GLY L 439 52.91 -42.96 -34.90
CA GLY L 439 52.49 -41.86 -34.05
C GLY L 439 53.61 -40.90 -33.72
N GLU L 440 54.78 -41.15 -34.30
CA GLU L 440 55.94 -40.28 -34.05
C GLU L 440 56.06 -39.28 -35.19
N ILE L 441 55.44 -38.12 -34.99
CA ILE L 441 55.45 -37.05 -35.99
C ILE L 441 56.34 -35.92 -35.47
N THR L 442 57.24 -35.45 -36.32
CA THR L 442 58.14 -34.37 -35.91
C THR L 442 57.34 -33.11 -35.60
N PRO L 443 57.78 -32.35 -34.59
CA PRO L 443 57.11 -31.11 -34.17
C PRO L 443 56.78 -30.17 -35.32
N ILE L 444 57.72 -29.96 -36.23
CA ILE L 444 57.47 -29.06 -37.36
C ILE L 444 56.48 -29.66 -38.35
N GLU L 445 56.39 -30.98 -38.40
CA GLU L 445 55.45 -31.61 -39.32
C GLU L 445 54.03 -31.68 -38.79
N ARG L 446 53.84 -31.69 -37.47
CA ARG L 446 52.48 -31.78 -36.95
C ARG L 446 51.66 -30.51 -37.17
N ARG L 447 52.34 -29.41 -37.49
CA ARG L 447 51.67 -28.13 -37.75
C ARG L 447 50.41 -27.89 -36.93
N GLY L 448 50.52 -27.95 -35.61
CA GLY L 448 49.35 -27.74 -34.78
C GLY L 448 48.81 -29.03 -34.19
N TYR L 449 48.89 -30.12 -34.95
CA TYR L 449 48.42 -31.42 -34.47
C TYR L 449 49.13 -31.67 -33.16
N PRO L 450 48.39 -32.09 -32.11
CA PRO L 450 48.96 -32.36 -30.78
C PRO L 450 49.98 -33.48 -30.71
N ALA L 451 50.88 -33.39 -29.74
CA ALA L 451 51.87 -34.43 -29.52
C ALA L 451 51.10 -35.45 -28.69
N PRO L 452 51.58 -36.71 -28.65
CA PRO L 452 50.87 -37.74 -27.87
C PRO L 452 50.58 -37.25 -26.45
N ILE L 453 49.32 -37.32 -26.02
CA ILE L 453 48.95 -36.86 -24.69
C ILE L 453 49.45 -37.76 -23.58
N VAL L 454 49.84 -38.99 -23.93
CA VAL L 454 50.35 -39.96 -22.97
C VAL L 454 51.28 -40.89 -23.71
N ASN L 455 52.11 -41.61 -22.96
CA ASN L 455 53.03 -42.57 -23.54
C ASN L 455 52.41 -43.95 -23.36
N HIS L 456 52.15 -44.63 -24.46
CA HIS L 456 51.52 -45.95 -24.40
C HIS L 456 52.18 -46.96 -23.48
N ASN L 457 53.47 -47.23 -23.71
CA ASN L 457 54.18 -48.20 -22.87
C ASN L 457 54.13 -47.87 -21.39
N LEU L 458 54.25 -46.59 -21.05
CA LEU L 458 54.21 -46.18 -19.66
C LEU L 458 52.81 -46.40 -19.07
N ARG L 459 51.79 -45.96 -19.78
CA ARG L 459 50.41 -46.11 -19.32
C ARG L 459 50.05 -47.58 -19.22
N GLN L 460 50.56 -48.37 -20.17
CA GLN L 460 50.28 -49.80 -20.19
C GLN L 460 50.76 -50.39 -18.86
N LYS L 461 51.94 -49.98 -18.43
CA LYS L 461 52.51 -50.46 -17.18
C LYS L 461 51.71 -49.94 -16.00
N GLN L 462 51.37 -48.65 -16.03
CA GLN L 462 50.60 -48.06 -14.94
C GLN L 462 49.27 -48.75 -14.74
N PHE L 463 48.61 -49.10 -15.84
CA PHE L 463 47.32 -49.77 -15.77
C PHE L 463 47.43 -51.17 -15.19
N LYS L 464 48.39 -51.94 -15.71
CA LYS L 464 48.60 -53.31 -15.22
C LYS L 464 48.88 -53.30 -13.73
N ALA L 465 49.65 -52.32 -13.28
CA ALA L 465 50.00 -52.21 -11.87
C ALA L 465 48.72 -52.03 -11.05
N LEU L 466 47.90 -51.06 -11.45
CA LEU L 466 46.64 -50.79 -10.76
C LEU L 466 45.81 -52.06 -10.70
N TYR L 467 45.77 -52.79 -11.81
CA TYR L 467 45.02 -54.03 -11.90
C TYR L 467 45.51 -55.06 -10.90
N ASN L 468 46.72 -55.56 -11.11
CA ASN L 468 47.30 -56.56 -10.23
C ASN L 468 47.19 -56.16 -8.76
N GLN L 469 47.47 -54.89 -8.48
CA GLN L 469 47.41 -54.39 -7.11
C GLN L 469 46.03 -54.63 -6.51
N LEU L 470 44.99 -54.37 -7.29
CA LEU L 470 43.62 -54.56 -6.83
C LEU L 470 43.27 -56.04 -6.79
N LYS L 471 43.70 -56.78 -7.81
CA LYS L 471 43.41 -58.22 -7.87
C LYS L 471 44.00 -58.89 -6.65
N ALA L 472 45.13 -58.37 -6.16
CA ALA L 472 45.78 -58.92 -4.99
C ALA L 472 44.99 -58.47 -3.77
N ALA L 473 44.74 -57.17 -3.69
CA ALA L 473 44.00 -56.59 -2.58
C ALA L 473 42.51 -56.87 -2.75
N ILE L 474 42.18 -58.08 -3.20
CA ILE L 474 40.78 -58.45 -3.40
C ILE L 474 40.45 -59.67 -2.54
#